data_7L2T
#
_entry.id   7L2T
#
_cell.length_a   1.00
_cell.length_b   1.00
_cell.length_c   1.00
_cell.angle_alpha   90.00
_cell.angle_beta   90.00
_cell.angle_gamma   90.00
#
_symmetry.space_group_name_H-M   'P 1'
#
loop_
_entity.id
_entity.type
_entity.pdbx_description
1 polymer 'Transient receptor potential cation channel subfamily V member 1'
2 polymer Tau-theraphotoxin-Hs1a
3 non-polymer '(2S)-1-(butanoyloxy)-3-{[(R)-hydroxy{[(1r,2R,3S,4S,5R,6S)-2,3,4,5,6-pentahydroxycyclohexyl]oxy}phosphoryl]oxy}propan-2-yl tridecanoate'
4 non-polymer 'SODIUM ION'
5 non-polymer '(9R,12R)-15-amino-12-hydroxy-6,12-dioxo-7,11,13-trioxa-12lambda~5~-phosphapentadecan-9-yl undecanoate'
6 water water
#
loop_
_entity_poly.entity_id
_entity_poly.type
_entity_poly.pdbx_seq_one_letter_code
_entity_poly.pdbx_strand_id
1 'polypeptide(L)'
;GAMGSRLYDRRSIFDAVAQSNCQELESLLPFLQRSKKRLTDSEFKDPETGKTCLLKAMLNLHNGQNDTIALLLDVARKTD
SLKQFVNASYTDSYYKGQTALHIAIERRNMTLVTLLVENGADVQAAANGDFFKKTKGRPGFYFGELPLSLAACTNQLAIV
KFLLQNSWQPADISARDSVGNTVLHALVEVADNTVDNTKFVTSMYNEILILGAKLHPTLKLEEITNRKGLTPLALAASSG
KIGVLAYILQREIHEPECRHLSRKFTEWAYGPVHSSLYDLSCIDTCEKNSVLEVIAYSSSETPNRHDMLLVEPLNRLLQD
KWDRFVKRIFYFNFFVYCLYMIIFTAAAYYRPVEGLPPYKLKNTVGDYFRVTGEILSVSGGVYFFFRGIQYFLQRRPSLK
SLFVDSYSEILFFVQSLFMLVSVVLYFSQRKEYVASMVFSLAMGWTNMLYYTRGFQQMGIYAVMIEKMILRDLCRFMFVY
LVFLFGFSTAVVTLIEDGKYNSLYSTCLELFKFTIGMGDLEFTENYDFKAVFIILLLAYVILTYILLLNMLIALMGETVN
KIAQESKNIWKLQRAITILDTEKSFLKCMRKAFRSGKLLQVGFTPDGKDDYRWCFRVDEVNWTTWNTNVGIINEDPG
;
A,B,C,D
2 'polypeptide(L)' MDCAKEGEVCSWGKKCCDLDNFYCPMEFIPHCKKYKPYVPVTTNCAKEGEVCGWGSKCCHGLDCPLAFIPYCEKYR F,E
#
loop_
_chem_comp.id
_chem_comp.type
_chem_comp.name
_chem_comp.formula
65I non-polymer '(9R,12R)-15-amino-12-hydroxy-6,12-dioxo-7,11,13-trioxa-12lambda~5~-phosphapentadecan-9-yl undecanoate' 'C22 H44 N O8 P'
NA non-polymer 'SODIUM ION' 'Na 1'
XJ7 non-polymer '(2S)-1-(butanoyloxy)-3-{[(R)-hydroxy{[(1r,2R,3S,4S,5R,6S)-2,3,4,5,6-pentahydroxycyclohexyl]oxy}phosphoryl]oxy}propan-2-yl tridecanoate' 'C26 H49 O13 P'
#
# COMPACT_ATOMS: atom_id res chain seq x y z
N GLU A 48 55.02 -30.75 -19.36
CA GLU A 48 54.07 -29.77 -19.87
C GLU A 48 53.78 -28.69 -18.84
N THR A 49 53.33 -29.13 -17.66
CA THR A 49 52.98 -28.20 -16.58
C THR A 49 54.12 -27.91 -15.62
N GLY A 50 55.16 -28.75 -15.61
CA GLY A 50 56.22 -28.62 -14.64
C GLY A 50 55.92 -29.26 -13.30
N LYS A 51 54.83 -30.03 -13.19
CA LYS A 51 54.48 -30.67 -11.94
C LYS A 51 55.55 -31.68 -11.54
N THR A 52 55.95 -31.61 -10.27
CA THR A 52 56.93 -32.52 -9.69
C THR A 52 56.22 -33.55 -8.82
N CYS A 53 56.99 -34.55 -8.37
CA CYS A 53 56.43 -35.54 -7.47
C CYS A 53 56.00 -34.92 -6.14
N LEU A 54 56.70 -33.88 -5.70
CA LEU A 54 56.32 -33.21 -4.46
C LEU A 54 54.94 -32.60 -4.58
N LEU A 55 54.67 -31.90 -5.69
CA LEU A 55 53.34 -31.30 -5.88
C LEU A 55 52.27 -32.36 -5.98
N LYS A 56 52.58 -33.49 -6.63
CA LYS A 56 51.62 -34.60 -6.70
C LYS A 56 51.29 -35.12 -5.31
N ALA A 57 52.31 -35.29 -4.46
CA ALA A 57 52.07 -35.73 -3.09
C ALA A 57 51.27 -34.69 -2.31
N MET A 58 51.57 -33.41 -2.54
CA MET A 58 50.86 -32.34 -1.83
C MET A 58 49.38 -32.33 -2.20
N LEU A 59 49.07 -32.54 -3.48
CA LEU A 59 47.67 -32.52 -3.90
C LEU A 59 46.91 -33.75 -3.43
N ASN A 60 47.53 -34.92 -3.51
CA ASN A 60 46.89 -36.20 -3.20
C ASN A 60 47.29 -36.62 -1.80
N LEU A 61 46.43 -36.31 -0.82
CA LEU A 61 46.65 -36.73 0.55
C LEU A 61 45.29 -36.87 1.23
N HIS A 62 45.27 -37.64 2.32
CA HIS A 62 44.03 -37.98 3.03
C HIS A 62 44.18 -37.59 4.50
N ASN A 63 43.16 -36.89 5.02
CA ASN A 63 43.14 -36.46 6.42
C ASN A 63 44.37 -35.61 6.78
N GLY A 64 44.88 -34.85 5.82
CA GLY A 64 46.00 -33.99 6.07
C GLY A 64 47.33 -34.69 6.21
N GLN A 65 47.41 -35.97 5.83
CA GLN A 65 48.63 -36.76 6.00
C GLN A 65 48.93 -37.55 4.73
N ASN A 66 50.22 -37.60 4.39
CA ASN A 66 50.71 -38.48 3.34
C ASN A 66 52.20 -38.69 3.61
N ASP A 67 52.56 -39.91 4.05
CA ASP A 67 53.93 -40.19 4.44
C ASP A 67 54.92 -40.06 3.29
N THR A 68 54.44 -40.06 2.04
CA THR A 68 55.35 -39.90 0.90
C THR A 68 56.08 -38.57 0.94
N ILE A 69 55.47 -37.54 1.51
CA ILE A 69 56.07 -36.20 1.48
C ILE A 69 57.38 -36.19 2.26
N ALA A 70 57.36 -36.72 3.49
CA ALA A 70 58.56 -36.73 4.32
C ALA A 70 59.66 -37.58 3.69
N LEU A 71 59.29 -38.72 3.10
CA LEU A 71 60.27 -39.57 2.44
C LEU A 71 60.91 -38.85 1.25
N LEU A 72 60.09 -38.16 0.46
CA LEU A 72 60.63 -37.41 -0.68
C LEU A 72 61.55 -36.30 -0.21
N LEU A 73 61.19 -35.60 0.87
CA LEU A 73 62.06 -34.55 1.39
C LEU A 73 63.38 -35.13 1.90
N ASP A 74 63.33 -36.28 2.58
CA ASP A 74 64.56 -36.90 3.07
C ASP A 74 65.44 -37.35 1.92
N VAL A 75 64.84 -37.94 0.88
CA VAL A 75 65.62 -38.37 -0.28
C VAL A 75 66.22 -37.16 -0.99
N ALA A 76 65.46 -36.07 -1.08
CA ALA A 76 66.00 -34.84 -1.66
C ALA A 76 67.17 -34.32 -0.86
N ARG A 77 67.07 -34.36 0.48
CA ARG A 77 68.17 -33.93 1.33
C ARG A 77 69.41 -34.79 1.09
N LYS A 78 69.22 -36.11 1.00
CA LYS A 78 70.36 -37.01 0.88
C LYS A 78 70.97 -37.03 -0.51
N THR A 79 70.20 -36.71 -1.56
CA THR A 79 70.71 -36.90 -2.91
C THR A 79 71.75 -35.86 -3.29
N ASP A 80 71.33 -34.60 -3.47
CA ASP A 80 72.27 -33.50 -3.71
C ASP A 80 71.94 -32.26 -2.87
N SER A 81 70.65 -31.95 -2.77
CA SER A 81 70.22 -30.69 -2.15
C SER A 81 68.70 -30.70 -2.02
N LEU A 82 68.21 -29.90 -1.08
CA LEU A 82 66.78 -29.75 -0.84
C LEU A 82 66.20 -28.44 -1.37
N LYS A 83 67.04 -27.45 -1.64
CA LYS A 83 66.53 -26.11 -1.98
C LYS A 83 65.69 -26.14 -3.25
N GLN A 84 66.23 -26.71 -4.33
CA GLN A 84 65.52 -26.71 -5.60
C GLN A 84 64.35 -27.69 -5.60
N PHE A 85 64.30 -28.62 -4.65
CA PHE A 85 63.21 -29.58 -4.59
C PHE A 85 62.01 -29.01 -3.86
N VAL A 86 62.23 -28.44 -2.67
CA VAL A 86 61.12 -27.92 -1.87
C VAL A 86 60.47 -26.71 -2.54
N ASN A 87 61.25 -25.91 -3.28
CA ASN A 87 60.76 -24.70 -3.93
C ASN A 87 60.38 -24.95 -5.39
N ALA A 88 60.02 -26.19 -5.74
CA ALA A 88 59.51 -26.46 -7.08
C ALA A 88 58.16 -25.78 -7.25
N SER A 89 57.88 -25.37 -8.49
CA SER A 89 56.66 -24.65 -8.79
C SER A 89 56.23 -24.93 -10.22
N TYR A 90 54.96 -24.67 -10.51
CA TYR A 90 54.44 -24.84 -11.85
C TYR A 90 55.05 -23.81 -12.80
N THR A 91 55.14 -24.20 -14.07
CA THR A 91 55.66 -23.33 -15.12
C THR A 91 54.64 -22.95 -16.17
N ASP A 92 53.52 -23.69 -16.26
CA ASP A 92 52.45 -23.31 -17.17
C ASP A 92 51.86 -21.97 -16.77
N SER A 93 51.57 -21.13 -17.78
CA SER A 93 51.10 -19.78 -17.52
C SER A 93 49.77 -19.75 -16.76
N TYR A 94 48.97 -20.81 -16.84
CA TYR A 94 47.68 -20.80 -16.15
C TYR A 94 47.83 -21.00 -14.65
N TYR A 95 48.89 -21.70 -14.21
CA TYR A 95 49.16 -21.91 -12.80
C TYR A 95 50.58 -21.48 -12.41
N LYS A 96 51.22 -20.63 -13.20
CA LYS A 96 52.62 -20.27 -12.97
C LYS A 96 52.82 -19.67 -11.59
N GLY A 97 53.88 -20.13 -10.91
CA GLY A 97 54.31 -19.59 -9.64
C GLY A 97 53.82 -20.35 -8.43
N GLN A 98 52.78 -21.16 -8.56
CA GLN A 98 52.24 -21.88 -7.42
C GLN A 98 53.25 -22.92 -6.94
N THR A 99 53.45 -22.99 -5.61
CA THR A 99 54.36 -23.95 -5.01
C THR A 99 53.69 -24.66 -3.83
N ALA A 100 54.47 -25.41 -3.05
CA ALA A 100 53.90 -26.24 -1.99
C ALA A 100 53.25 -25.42 -0.88
N LEU A 101 53.77 -24.23 -0.60
CA LEU A 101 53.19 -23.42 0.47
C LEU A 101 51.75 -23.02 0.16
N HIS A 102 51.47 -22.67 -1.09
CA HIS A 102 50.11 -22.31 -1.47
C HIS A 102 49.16 -23.49 -1.28
N ILE A 103 49.59 -24.68 -1.67
CA ILE A 103 48.75 -25.86 -1.51
C ILE A 103 48.53 -26.16 -0.03
N ALA A 104 49.59 -26.03 0.79
CA ALA A 104 49.46 -26.26 2.22
C ALA A 104 48.47 -25.29 2.85
N ILE A 105 48.53 -24.01 2.45
CA ILE A 105 47.63 -23.01 3.01
C ILE A 105 46.20 -23.28 2.55
N GLU A 106 46.02 -23.66 1.29
CA GLU A 106 44.68 -23.90 0.76
C GLU A 106 43.98 -25.02 1.50
N ARG A 107 44.71 -26.09 1.84
CA ARG A 107 44.14 -27.24 2.52
C ARG A 107 44.10 -27.09 4.04
N ARG A 108 44.50 -25.94 4.57
CA ARG A 108 44.40 -25.65 6.01
C ARG A 108 45.19 -26.66 6.83
N ASN A 109 46.40 -26.99 6.38
CA ASN A 109 47.27 -27.96 7.02
C ASN A 109 48.41 -27.20 7.71
N MET A 110 48.30 -27.05 9.03
CA MET A 110 49.29 -26.25 9.76
C MET A 110 50.64 -26.95 9.84
N THR A 111 50.64 -28.25 10.17
CA THR A 111 51.91 -28.96 10.32
C THR A 111 52.66 -29.05 9.00
N LEU A 112 51.92 -29.23 7.90
CA LEU A 112 52.57 -29.35 6.59
C LEU A 112 53.26 -28.05 6.19
N VAL A 113 52.58 -26.91 6.36
CA VAL A 113 53.20 -25.64 6.01
C VAL A 113 54.34 -25.34 6.99
N THR A 114 54.21 -25.72 8.25
CA THR A 114 55.30 -25.54 9.20
C THR A 114 56.53 -26.32 8.76
N LEU A 115 56.35 -27.57 8.33
CA LEU A 115 57.46 -28.36 7.83
C LEU A 115 58.05 -27.73 6.56
N LEU A 116 57.20 -27.24 5.66
CA LEU A 116 57.70 -26.64 4.43
C LEU A 116 58.53 -25.40 4.72
N VAL A 117 58.09 -24.57 5.67
CA VAL A 117 58.86 -23.39 6.03
C VAL A 117 60.17 -23.80 6.72
N GLU A 118 60.12 -24.84 7.56
CA GLU A 118 61.32 -25.30 8.25
C GLU A 118 62.40 -25.74 7.27
N ASN A 119 62.00 -26.31 6.12
CA ASN A 119 62.95 -26.83 5.15
C ASN A 119 63.53 -25.75 4.24
N GLY A 120 63.14 -24.49 4.41
CA GLY A 120 63.65 -23.41 3.60
C GLY A 120 62.77 -23.00 2.43
N ALA A 121 61.47 -23.24 2.50
CA ALA A 121 60.57 -22.82 1.43
C ALA A 121 60.53 -21.30 1.35
N ASP A 122 60.42 -20.78 0.13
CA ASP A 122 60.40 -19.34 -0.09
C ASP A 122 59.00 -18.82 0.22
N VAL A 123 58.90 -17.95 1.23
CA VAL A 123 57.62 -17.42 1.68
C VAL A 123 57.25 -16.12 0.97
N GLN A 124 58.04 -15.74 -0.06
CA GLN A 124 57.77 -14.55 -0.86
C GLN A 124 57.53 -14.90 -2.33
N ALA A 125 57.16 -16.14 -2.62
CA ALA A 125 56.89 -16.53 -4.01
C ALA A 125 55.57 -15.94 -4.48
N ALA A 126 55.54 -15.53 -5.75
CA ALA A 126 54.38 -14.90 -6.37
C ALA A 126 53.71 -15.90 -7.29
N ALA A 127 52.49 -16.32 -6.94
CA ALA A 127 51.70 -17.23 -7.78
C ALA A 127 50.89 -16.38 -8.76
N ASN A 128 51.59 -15.92 -9.80
CA ASN A 128 51.06 -14.93 -10.74
C ASN A 128 50.54 -15.57 -12.03
N GLY A 129 49.93 -16.75 -11.93
CA GLY A 129 49.32 -17.36 -13.09
C GLY A 129 48.01 -16.70 -13.47
N ASP A 130 47.53 -17.03 -14.67
CA ASP A 130 46.29 -16.45 -15.16
C ASP A 130 45.10 -16.82 -14.27
N PHE A 131 45.13 -18.01 -13.67
CA PHE A 131 44.05 -18.42 -12.78
C PHE A 131 43.97 -17.54 -11.54
N PHE A 132 45.09 -16.96 -11.12
CA PHE A 132 45.20 -16.23 -9.86
C PHE A 132 45.16 -14.72 -10.05
N LYS A 133 44.33 -14.20 -10.96
CA LYS A 133 44.29 -12.76 -11.20
C LYS A 133 42.91 -12.36 -11.72
N LYS A 134 42.79 -11.06 -12.03
CA LYS A 134 41.57 -10.43 -12.52
C LYS A 134 41.40 -10.71 -14.01
N THR A 135 40.59 -9.90 -14.72
CA THR A 135 40.04 -10.22 -16.02
C THR A 135 39.07 -11.38 -15.89
N LYS A 136 37.99 -11.15 -15.13
CA LYS A 136 37.01 -12.18 -14.81
C LYS A 136 36.09 -12.45 -16.00
N GLY A 137 36.68 -13.04 -17.04
CA GLY A 137 35.95 -13.69 -18.11
C GLY A 137 36.03 -15.19 -18.05
N ARG A 138 36.46 -15.77 -16.93
CA ARG A 138 36.77 -17.19 -16.81
C ARG A 138 36.88 -17.52 -15.32
N PRO A 139 36.96 -18.80 -14.94
CA PRO A 139 37.17 -19.12 -13.52
C PRO A 139 38.51 -18.60 -13.02
N GLY A 140 38.53 -18.24 -11.73
CA GLY A 140 39.74 -17.76 -11.12
C GLY A 140 39.47 -17.29 -9.70
N PHE A 141 40.56 -16.91 -9.03
CA PHE A 141 40.47 -16.40 -7.66
C PHE A 141 41.71 -15.57 -7.38
N TYR A 142 41.52 -14.25 -7.27
CA TYR A 142 42.60 -13.33 -6.96
C TYR A 142 42.70 -13.12 -5.45
N PHE A 143 43.90 -13.32 -4.90
CA PHE A 143 44.14 -13.21 -3.48
C PHE A 143 45.38 -12.40 -3.11
N GLY A 144 46.10 -11.84 -4.08
CA GLY A 144 47.32 -11.12 -3.84
C GLY A 144 48.59 -11.87 -4.17
N GLU A 145 48.50 -13.12 -4.62
CA GLU A 145 49.60 -13.88 -5.20
C GLU A 145 50.65 -14.35 -4.20
N LEU A 146 50.52 -13.98 -2.92
CA LEU A 146 51.53 -14.28 -1.91
C LEU A 146 50.95 -15.17 -0.81
N PRO A 147 51.77 -16.01 -0.17
CA PRO A 147 51.21 -16.90 0.88
C PRO A 147 50.59 -16.13 2.05
N LEU A 148 51.15 -14.99 2.43
CA LEU A 148 50.58 -14.22 3.53
C LEU A 148 49.20 -13.69 3.15
N SER A 149 49.06 -13.14 1.94
CA SER A 149 47.76 -12.69 1.47
C SER A 149 46.80 -13.86 1.29
N LEU A 150 47.32 -15.03 0.89
CA LEU A 150 46.46 -16.20 0.75
C LEU A 150 45.89 -16.62 2.10
N ALA A 151 46.75 -16.65 3.13
CA ALA A 151 46.28 -17.01 4.46
C ALA A 151 45.32 -15.96 5.01
N ALA A 152 45.60 -14.69 4.75
CA ALA A 152 44.71 -13.63 5.23
C ALA A 152 43.34 -13.71 4.57
N CYS A 153 43.31 -13.93 3.25
CA CYS A 153 42.06 -13.92 2.51
C CYS A 153 41.21 -15.17 2.74
N THR A 154 41.77 -16.22 3.32
CA THR A 154 41.02 -17.44 3.62
C THR A 154 40.68 -17.57 5.10
N ASN A 155 40.89 -16.52 5.90
CA ASN A 155 40.50 -16.50 7.31
C ASN A 155 41.26 -17.55 8.11
N GLN A 156 42.59 -17.53 8.00
CA GLN A 156 43.48 -18.43 8.74
C GLN A 156 44.45 -17.56 9.54
N LEU A 157 44.07 -17.30 10.79
CA LEU A 157 44.86 -16.39 11.63
C LEU A 157 46.17 -17.01 12.09
N ALA A 158 46.16 -18.31 12.42
CA ALA A 158 47.37 -18.96 12.90
C ALA A 158 48.46 -18.96 11.85
N ILE A 159 48.09 -19.14 10.58
CA ILE A 159 49.10 -19.20 9.53
C ILE A 159 49.73 -17.83 9.30
N VAL A 160 48.94 -16.75 9.31
CA VAL A 160 49.55 -15.43 9.15
C VAL A 160 50.43 -15.09 10.33
N LYS A 161 50.01 -15.47 11.54
CA LYS A 161 50.88 -15.23 12.71
C LYS A 161 52.19 -15.99 12.59
N PHE A 162 52.11 -17.26 12.18
CA PHE A 162 53.33 -18.06 11.99
C PHE A 162 54.22 -17.46 10.92
N LEU A 163 53.63 -17.09 9.78
CA LEU A 163 54.42 -16.54 8.67
C LEU A 163 55.11 -15.25 9.07
N LEU A 164 54.45 -14.43 9.88
CA LEU A 164 55.08 -13.19 10.33
C LEU A 164 56.12 -13.41 11.42
N GLN A 165 55.94 -14.43 12.27
CA GLN A 165 56.75 -14.61 13.47
C GLN A 165 57.22 -16.05 13.62
N ASN A 166 57.79 -16.62 12.56
CA ASN A 166 58.47 -17.91 12.65
C ASN A 166 59.96 -17.68 12.94
N SER A 167 60.66 -18.79 13.19
CA SER A 167 62.07 -18.74 13.55
C SER A 167 63.00 -18.74 12.35
N TRP A 168 62.54 -19.14 11.18
CA TRP A 168 63.41 -19.39 10.03
C TRP A 168 63.41 -18.24 9.02
N GLN A 169 62.23 -17.79 8.59
CA GLN A 169 62.13 -16.79 7.53
C GLN A 169 60.82 -16.01 7.73
N PRO A 170 60.86 -14.81 8.32
CA PRO A 170 59.62 -14.03 8.45
C PRO A 170 59.17 -13.47 7.11
N ALA A 171 57.85 -13.30 6.99
CA ALA A 171 57.26 -12.74 5.79
C ALA A 171 57.36 -11.22 5.79
N ASP A 172 57.43 -10.65 4.59
CA ASP A 172 57.53 -9.20 4.42
C ASP A 172 56.13 -8.62 4.40
N ILE A 173 55.72 -8.00 5.50
CA ILE A 173 54.36 -7.49 5.63
C ILE A 173 54.08 -6.33 4.66
N SER A 174 55.12 -5.63 4.21
CA SER A 174 54.97 -4.49 3.32
C SER A 174 55.11 -4.84 1.85
N ALA A 175 55.25 -6.12 1.51
CA ALA A 175 55.46 -6.51 0.12
C ALA A 175 54.22 -6.26 -0.72
N ARG A 176 54.45 -6.05 -2.02
CA ARG A 176 53.39 -5.79 -3.00
C ARG A 176 53.46 -6.83 -4.11
N ASP A 177 52.28 -7.13 -4.67
CA ASP A 177 52.17 -8.07 -5.77
C ASP A 177 52.38 -7.34 -7.10
N SER A 178 52.08 -8.01 -8.21
CA SER A 178 52.31 -7.43 -9.52
C SER A 178 51.47 -6.18 -9.76
N VAL A 179 50.28 -6.09 -9.14
CA VAL A 179 49.42 -4.92 -9.29
C VAL A 179 49.82 -3.78 -8.36
N GLY A 180 50.65 -4.04 -7.36
CA GLY A 180 50.97 -3.07 -6.34
C GLY A 180 50.12 -3.17 -5.08
N ASN A 181 49.34 -4.23 -4.94
CA ASN A 181 48.44 -4.39 -3.81
C ASN A 181 49.15 -5.09 -2.65
N THR A 182 49.05 -4.51 -1.46
CA THR A 182 49.54 -5.14 -0.25
C THR A 182 48.47 -6.08 0.29
N VAL A 183 48.71 -6.66 1.47
CA VAL A 183 47.73 -7.56 2.06
C VAL A 183 46.43 -6.83 2.37
N LEU A 184 46.51 -5.57 2.76
CA LEU A 184 45.29 -4.80 3.08
C LEU A 184 44.50 -4.50 1.81
N HIS A 185 45.20 -4.18 0.71
CA HIS A 185 44.52 -4.02 -0.57
C HIS A 185 43.82 -5.31 -0.97
N ALA A 186 44.48 -6.44 -0.76
CA ALA A 186 43.85 -7.73 -1.07
C ALA A 186 42.62 -7.97 -0.20
N LEU A 187 42.70 -7.61 1.09
CA LEU A 187 41.54 -7.78 1.96
C LEU A 187 40.37 -6.91 1.50
N VAL A 188 40.67 -5.70 1.05
CA VAL A 188 39.63 -4.83 0.51
C VAL A 188 39.04 -5.45 -0.76
N GLU A 189 39.89 -6.02 -1.61
CA GLU A 189 39.42 -6.54 -2.90
C GLU A 189 38.43 -7.69 -2.74
N VAL A 190 38.64 -8.56 -1.73
CA VAL A 190 37.80 -9.75 -1.58
C VAL A 190 36.52 -9.49 -0.81
N ALA A 191 36.21 -8.23 -0.48
CA ALA A 191 34.99 -7.92 0.24
C ALA A 191 33.80 -7.88 -0.72
N ASP A 192 32.63 -8.28 -0.22
CA ASP A 192 31.40 -8.24 -1.02
C ASP A 192 30.19 -7.74 -0.23
N ASN A 193 30.39 -7.12 0.94
CA ASN A 193 29.37 -6.41 1.69
C ASN A 193 28.29 -7.33 2.27
N THR A 194 28.53 -8.63 2.35
CA THR A 194 27.66 -9.54 3.08
C THR A 194 28.09 -9.59 4.55
N VAL A 195 27.29 -10.28 5.37
CA VAL A 195 27.47 -10.22 6.82
C VAL A 195 28.74 -10.95 7.24
N ASP A 196 28.85 -12.24 6.90
CA ASP A 196 29.99 -13.02 7.34
C ASP A 196 31.29 -12.56 6.68
N ASN A 197 31.21 -12.19 5.40
CA ASN A 197 32.38 -11.67 4.71
C ASN A 197 32.89 -10.41 5.40
N THR A 198 31.99 -9.48 5.71
CA THR A 198 32.39 -8.25 6.38
C THR A 198 32.99 -8.55 7.76
N LYS A 199 32.39 -9.48 8.49
CA LYS A 199 32.89 -9.83 9.82
C LYS A 199 34.33 -10.33 9.76
N PHE A 200 34.59 -11.34 8.93
CA PHE A 200 35.93 -11.92 8.93
C PHE A 200 36.95 -10.98 8.31
N VAL A 201 36.56 -10.22 7.28
CA VAL A 201 37.49 -9.27 6.67
C VAL A 201 37.87 -8.19 7.67
N THR A 202 36.90 -7.67 8.42
CA THR A 202 37.19 -6.65 9.42
C THR A 202 38.12 -7.18 10.50
N SER A 203 37.85 -8.38 11.01
CA SER A 203 38.70 -8.93 12.06
C SER A 203 40.12 -9.15 11.57
N MET A 204 40.27 -9.72 10.37
CA MET A 204 41.61 -9.96 9.84
C MET A 204 42.35 -8.65 9.59
N TYR A 205 41.64 -7.64 9.09
CA TYR A 205 42.26 -6.34 8.86
C TYR A 205 42.79 -5.76 10.16
N ASN A 206 41.98 -5.79 11.22
CA ASN A 206 42.40 -5.23 12.50
C ASN A 206 43.61 -5.98 13.05
N GLU A 207 43.57 -7.31 13.01
CA GLU A 207 44.67 -8.09 13.57
C GLU A 207 45.97 -7.85 12.81
N ILE A 208 45.91 -7.82 11.47
CA ILE A 208 47.12 -7.60 10.70
C ILE A 208 47.66 -6.20 10.95
N LEU A 209 46.79 -5.20 11.06
CA LEU A 209 47.28 -3.85 11.31
C LEU A 209 47.98 -3.76 12.66
N ILE A 210 47.42 -4.39 13.69
CA ILE A 210 48.05 -4.33 15.01
C ILE A 210 49.39 -5.06 15.00
N LEU A 211 49.46 -6.24 14.38
CA LEU A 211 50.72 -6.97 14.32
C LEU A 211 51.77 -6.18 13.55
N GLY A 212 51.39 -5.57 12.43
CA GLY A 212 52.32 -4.76 11.67
C GLY A 212 52.82 -3.57 12.47
N ALA A 213 51.95 -2.95 13.25
CA ALA A 213 52.38 -1.86 14.12
C ALA A 213 53.39 -2.34 15.16
N LYS A 214 53.14 -3.52 15.74
CA LYS A 214 54.04 -4.01 16.78
C LYS A 214 55.41 -4.39 16.22
N LEU A 215 55.43 -5.06 15.07
CA LEU A 215 56.72 -5.50 14.52
C LEU A 215 57.52 -4.35 13.93
N HIS A 216 56.84 -3.37 13.31
CA HIS A 216 57.48 -2.24 12.65
C HIS A 216 56.78 -0.97 13.09
N PRO A 217 57.11 -0.44 14.27
CA PRO A 217 56.43 0.78 14.75
C PRO A 217 56.58 1.99 13.83
N THR A 218 57.63 2.04 13.02
CA THR A 218 57.86 3.16 12.12
C THR A 218 57.21 2.98 10.75
N LEU A 219 56.52 1.86 10.51
CA LEU A 219 55.92 1.56 9.22
C LEU A 219 54.44 1.96 9.24
N LYS A 220 54.03 2.72 8.23
CA LYS A 220 52.63 3.12 8.05
C LYS A 220 52.10 2.34 6.85
N LEU A 221 51.43 1.21 7.13
CA LEU A 221 50.96 0.34 6.06
C LEU A 221 49.90 1.03 5.20
N GLU A 222 49.00 1.78 5.83
CA GLU A 222 47.85 2.33 5.12
C GLU A 222 48.21 3.47 4.17
N GLU A 223 49.45 3.96 4.20
CA GLU A 223 49.90 4.98 3.26
C GLU A 223 50.47 4.39 1.97
N ILE A 224 50.61 3.07 1.87
CA ILE A 224 51.18 2.44 0.69
C ILE A 224 50.11 2.42 -0.40
N THR A 225 50.49 2.83 -1.61
CA THR A 225 49.60 2.92 -2.75
C THR A 225 49.96 1.89 -3.80
N ASN A 226 48.96 1.46 -4.56
CA ASN A 226 49.15 0.53 -5.67
C ASN A 226 49.47 1.34 -6.94
N ARG A 227 49.47 0.65 -8.09
CA ARG A 227 49.83 1.31 -9.34
C ARG A 227 48.87 2.44 -9.69
N LYS A 228 47.62 2.35 -9.27
CA LYS A 228 46.64 3.40 -9.53
C LYS A 228 46.72 4.56 -8.55
N GLY A 229 47.61 4.49 -7.56
CA GLY A 229 47.70 5.53 -6.57
C GLY A 229 46.63 5.50 -5.50
N LEU A 230 46.02 4.35 -5.27
CA LEU A 230 44.94 4.20 -4.31
C LEU A 230 45.44 3.57 -3.02
N THR A 231 45.13 4.19 -1.89
CA THR A 231 45.32 3.58 -0.60
C THR A 231 44.16 2.62 -0.33
N PRO A 232 44.26 1.75 0.68
CA PRO A 232 43.13 0.86 0.98
C PRO A 232 41.83 1.60 1.27
N LEU A 233 41.89 2.76 1.90
CA LEU A 233 40.68 3.54 2.15
C LEU A 233 40.10 4.09 0.86
N ALA A 234 40.96 4.63 -0.01
CA ALA A 234 40.48 5.13 -1.30
C ALA A 234 39.95 4.01 -2.17
N LEU A 235 40.60 2.85 -2.14
CA LEU A 235 40.12 1.70 -2.90
C LEU A 235 38.75 1.25 -2.40
N ALA A 236 38.58 1.18 -1.08
CA ALA A 236 37.29 0.80 -0.51
C ALA A 236 36.21 1.81 -0.88
N ALA A 237 36.55 3.10 -0.82
CA ALA A 237 35.56 4.13 -1.13
C ALA A 237 35.15 4.09 -2.60
N SER A 238 36.13 3.96 -3.51
CA SER A 238 35.83 4.02 -4.94
C SER A 238 35.20 2.73 -5.45
N SER A 239 35.48 1.60 -4.82
CA SER A 239 34.93 0.31 -5.26
C SER A 239 33.53 0.05 -4.72
N GLY A 240 33.06 0.83 -3.75
CA GLY A 240 31.75 0.60 -3.17
C GLY A 240 31.72 -0.37 -2.03
N LYS A 241 32.86 -0.62 -1.37
CA LYS A 241 32.94 -1.55 -0.24
C LYS A 241 32.50 -0.81 1.03
N ILE A 242 31.17 -0.70 1.17
CA ILE A 242 30.62 0.11 2.25
C ILE A 242 30.92 -0.49 3.62
N GLY A 243 30.93 -1.82 3.73
CA GLY A 243 31.19 -2.44 5.02
C GLY A 243 32.60 -2.19 5.54
N VAL A 244 33.58 -2.15 4.63
CA VAL A 244 34.96 -1.89 5.03
C VAL A 244 35.14 -0.41 5.35
N LEU A 245 34.52 0.48 4.57
CA LEU A 245 34.61 1.90 4.84
C LEU A 245 33.99 2.25 6.20
N ALA A 246 32.84 1.66 6.50
CA ALA A 246 32.17 1.93 7.76
C ALA A 246 32.99 1.44 8.94
N TYR A 247 33.80 0.40 8.76
CA TYR A 247 34.72 -0.03 9.81
C TYR A 247 35.90 0.93 9.93
N ILE A 248 36.52 1.27 8.80
CA ILE A 248 37.76 2.04 8.83
C ILE A 248 37.52 3.43 9.42
N LEU A 249 36.45 4.10 9.01
CA LEU A 249 36.31 5.51 9.35
C LEU A 249 36.08 5.76 10.83
N GLN A 250 35.67 4.75 11.61
CA GLN A 250 35.29 4.95 13.01
C GLN A 250 35.77 3.79 13.88
N ARG A 251 37.01 3.35 13.69
CA ARG A 251 37.57 2.27 14.47
C ARG A 251 38.24 2.78 15.75
N GLU A 252 38.09 2.00 16.82
CA GLU A 252 38.75 2.25 18.10
C GLU A 252 39.57 1.03 18.48
N ILE A 253 40.82 1.25 18.90
CA ILE A 253 41.73 0.18 19.31
C ILE A 253 42.19 0.53 20.72
N HIS A 254 41.61 -0.14 21.72
CA HIS A 254 41.89 0.11 23.12
C HIS A 254 42.96 -0.86 23.63
N GLU A 255 44.19 -0.63 23.17
CA GLU A 255 45.34 -1.43 23.58
C GLU A 255 46.57 -0.52 23.66
N PRO A 256 47.30 -0.46 24.78
CA PRO A 256 48.47 0.41 24.84
C PRO A 256 49.54 0.00 23.83
N GLU A 257 50.34 0.98 23.41
CA GLU A 257 51.44 0.88 22.46
C GLU A 257 50.97 0.76 21.01
N CYS A 258 49.65 0.67 20.76
CA CYS A 258 49.12 0.75 19.41
C CYS A 258 47.83 1.57 19.39
N ARG A 259 47.62 2.46 20.35
CA ARG A 259 46.42 3.29 20.39
C ARG A 259 46.42 4.35 19.29
N HIS A 260 47.60 4.73 18.79
CA HIS A 260 47.68 5.73 17.73
C HIS A 260 47.06 5.28 16.41
N LEU A 261 46.78 3.99 16.25
CA LEU A 261 46.14 3.48 15.04
C LEU A 261 44.66 3.85 14.94
N SER A 262 44.06 4.30 16.04
CA SER A 262 42.64 4.61 16.02
C SER A 262 42.36 5.88 15.21
N ARG A 263 41.13 5.96 14.69
CA ARG A 263 40.63 7.16 14.03
C ARG A 263 39.51 7.84 14.79
N LYS A 264 38.89 7.16 15.75
CA LYS A 264 37.87 7.73 16.61
C LYS A 264 38.40 7.77 18.04
N PHE A 265 38.34 8.96 18.65
CA PHE A 265 38.85 9.18 20.00
C PHE A 265 37.73 9.74 20.87
N THR A 266 38.05 9.96 22.14
CA THR A 266 37.16 10.62 23.10
C THR A 266 37.89 11.83 23.67
N GLU A 267 37.28 13.01 23.54
CA GLU A 267 37.90 14.22 24.08
C GLU A 267 37.60 14.37 25.57
N TRP A 268 36.34 14.21 25.95
CA TRP A 268 35.96 14.31 27.35
C TRP A 268 34.65 13.56 27.57
N ALA A 269 34.40 13.26 28.83
CA ALA A 269 33.20 12.56 29.23
C ALA A 269 32.66 13.14 30.53
N TYR A 270 31.35 13.13 30.63
CA TYR A 270 30.57 13.51 31.79
C TYR A 270 29.71 12.29 32.04
N GLY A 271 28.54 12.42 32.64
CA GLY A 271 27.74 11.25 32.95
C GLY A 271 27.11 10.78 31.65
N PRO A 272 25.81 10.99 31.42
CA PRO A 272 25.21 10.50 30.17
C PRO A 272 25.85 11.05 28.90
N VAL A 273 26.49 12.23 28.95
CA VAL A 273 26.96 12.94 27.77
C VAL A 273 28.46 12.77 27.64
N HIS A 274 28.94 12.60 26.40
CA HIS A 274 30.37 12.55 26.13
C HIS A 274 30.63 13.03 24.71
N SER A 275 31.85 13.54 24.48
CA SER A 275 32.24 14.14 23.22
C SER A 275 33.36 13.33 22.59
N SER A 276 33.19 12.95 21.33
CA SER A 276 34.16 12.16 20.58
C SER A 276 34.71 12.97 19.40
N LEU A 277 35.86 12.51 18.91
CA LEU A 277 36.58 13.15 17.82
C LEU A 277 36.77 12.16 16.69
N TYR A 278 36.46 12.59 15.46
CA TYR A 278 36.65 11.80 14.26
C TYR A 278 37.81 12.40 13.46
N ASP A 279 38.75 11.55 13.05
CA ASP A 279 39.88 12.01 12.26
C ASP A 279 39.44 12.23 10.82
N LEU A 280 39.84 13.38 10.25
CA LEU A 280 39.48 13.77 8.89
C LEU A 280 40.66 13.70 7.93
N SER A 281 41.68 12.90 8.25
CA SER A 281 42.81 12.77 7.35
C SER A 281 42.36 12.11 6.05
N CYS A 282 42.54 12.82 4.94
CA CYS A 282 42.17 12.34 3.60
C CYS A 282 40.68 11.99 3.52
N ILE A 283 39.84 12.74 4.23
CA ILE A 283 38.39 12.69 4.07
C ILE A 283 37.89 13.86 3.25
N ASP A 284 38.34 15.07 3.60
CA ASP A 284 37.94 16.29 2.90
C ASP A 284 39.03 16.83 1.98
N THR A 285 40.30 16.64 2.31
CA THR A 285 41.40 17.00 1.43
C THR A 285 42.54 16.02 1.62
N CYS A 286 43.06 15.48 0.51
CA CYS A 286 44.13 14.50 0.52
C CYS A 286 45.25 14.76 -0.47
N GLU A 287 45.04 15.65 -1.44
CA GLU A 287 45.97 15.98 -2.52
C GLU A 287 46.15 14.89 -3.57
N LYS A 288 45.61 13.69 -3.35
CA LYS A 288 45.49 12.70 -4.42
C LYS A 288 44.04 12.28 -4.66
N ASN A 289 43.41 11.70 -3.64
CA ASN A 289 42.06 11.12 -3.78
C ASN A 289 41.42 11.11 -2.38
N SER A 290 40.58 12.12 -2.11
CA SER A 290 39.82 12.13 -0.89
C SER A 290 38.59 11.25 -1.01
N VAL A 291 38.04 10.85 0.14
CA VAL A 291 36.87 9.95 0.15
C VAL A 291 35.67 10.64 -0.51
N LEU A 292 35.44 11.91 -0.16
CA LEU A 292 34.31 12.62 -0.74
C LEU A 292 34.46 12.79 -2.24
N GLU A 293 35.69 13.06 -2.70
CA GLU A 293 35.91 13.22 -4.14
C GLU A 293 35.65 11.93 -4.90
N VAL A 294 36.15 10.79 -4.39
CA VAL A 294 35.97 9.54 -5.10
C VAL A 294 34.54 9.02 -5.00
N ILE A 295 33.80 9.39 -3.96
CA ILE A 295 32.39 8.99 -3.88
C ILE A 295 31.54 9.87 -4.79
N ALA A 296 31.74 11.18 -4.73
CA ALA A 296 30.86 12.10 -5.46
C ALA A 296 31.06 11.99 -6.97
N TYR A 297 32.31 11.92 -7.42
CA TYR A 297 32.64 11.92 -8.84
C TYR A 297 32.79 10.52 -9.41
N SER A 298 32.17 9.52 -8.79
CA SER A 298 32.23 8.17 -9.32
C SER A 298 31.42 8.08 -10.61
N SER A 299 31.62 6.98 -11.34
CA SER A 299 31.10 6.81 -12.69
C SER A 299 29.70 6.18 -12.70
N SER A 300 28.95 6.28 -11.60
CA SER A 300 27.55 5.85 -11.54
C SER A 300 27.36 4.34 -11.54
N GLU A 301 28.44 3.57 -11.66
CA GLU A 301 28.38 2.11 -11.62
C GLU A 301 28.75 1.52 -10.27
N THR A 302 29.19 2.34 -9.32
CA THR A 302 29.54 1.83 -8.01
C THR A 302 28.28 1.29 -7.33
N PRO A 303 28.30 0.06 -6.78
CA PRO A 303 27.05 -0.51 -6.24
C PRO A 303 26.38 0.30 -5.14
N ASN A 304 27.15 0.91 -4.24
CA ASN A 304 26.63 1.62 -3.08
C ASN A 304 26.94 3.11 -3.17
N ARG A 305 26.73 3.68 -4.36
CA ARG A 305 27.05 5.08 -4.58
C ARG A 305 26.19 6.00 -3.72
N HIS A 306 24.92 5.67 -3.55
CA HIS A 306 24.02 6.51 -2.75
C HIS A 306 24.22 6.32 -1.26
N ASP A 307 24.53 5.10 -0.81
CA ASP A 307 24.50 4.77 0.61
C ASP A 307 25.80 5.10 1.33
N MET A 308 26.92 5.24 0.61
CA MET A 308 28.20 5.47 1.28
C MET A 308 28.29 6.83 1.96
N LEU A 309 27.38 7.76 1.65
CA LEU A 309 27.38 9.07 2.30
C LEU A 309 26.56 9.09 3.60
N LEU A 310 25.97 7.97 3.99
CA LEU A 310 25.18 7.89 5.21
C LEU A 310 25.97 7.44 6.43
N VAL A 311 27.27 7.19 6.28
CA VAL A 311 28.07 6.78 7.44
C VAL A 311 28.21 7.96 8.40
N GLU A 312 28.67 7.66 9.61
CA GLU A 312 28.56 8.61 10.71
C GLU A 312 29.28 9.93 10.48
N PRO A 313 30.56 9.96 10.08
CA PRO A 313 31.23 11.27 9.97
C PRO A 313 30.84 12.07 8.73
N LEU A 314 30.55 11.42 7.60
CA LEU A 314 30.42 12.17 6.35
C LEU A 314 29.11 12.95 6.27
N ASN A 315 28.02 12.39 6.81
CA ASN A 315 26.74 13.10 6.79
C ASN A 315 26.83 14.40 7.58
N ARG A 316 27.38 14.35 8.79
CA ARG A 316 27.53 15.55 9.60
C ARG A 316 28.56 16.50 9.00
N LEU A 317 29.62 15.97 8.39
CA LEU A 317 30.61 16.83 7.74
C LEU A 317 29.98 17.63 6.61
N LEU A 318 29.19 16.97 5.76
CA LEU A 318 28.54 17.67 4.66
C LEU A 318 27.50 18.66 5.15
N GLN A 319 26.74 18.29 6.18
CA GLN A 319 25.78 19.24 6.74
C GLN A 319 26.47 20.46 7.32
N ASP A 320 27.60 20.25 8.00
CA ASP A 320 28.36 21.36 8.54
C ASP A 320 28.88 22.28 7.43
N LYS A 321 29.43 21.67 6.37
CA LYS A 321 29.92 22.47 5.25
C LYS A 321 28.78 23.26 4.59
N TRP A 322 27.60 22.64 4.47
CA TRP A 322 26.44 23.35 3.94
C TRP A 322 26.08 24.54 4.82
N ASP A 323 26.02 24.33 6.13
CA ASP A 323 25.55 25.37 7.03
C ASP A 323 26.56 26.49 7.23
N ARG A 324 27.85 26.24 7.01
CA ARG A 324 28.85 27.25 7.35
C ARG A 324 28.99 28.33 6.28
N PHE A 325 29.25 27.94 5.02
CA PHE A 325 29.52 28.93 3.97
C PHE A 325 28.84 28.68 2.63
N VAL A 326 28.45 27.44 2.32
CA VAL A 326 28.00 27.13 0.97
C VAL A 326 26.59 27.69 0.72
N LYS A 327 25.74 27.69 1.73
CA LYS A 327 24.33 28.06 1.55
C LYS A 327 24.18 29.48 1.02
N ARG A 328 24.94 30.43 1.58
CA ARG A 328 24.82 31.83 1.15
C ARG A 328 25.25 31.99 -0.30
N ILE A 329 26.31 31.30 -0.71
CA ILE A 329 26.76 31.40 -2.10
C ILE A 329 25.73 30.81 -3.03
N PHE A 330 25.12 29.68 -2.66
CA PHE A 330 24.09 29.08 -3.49
C PHE A 330 22.90 30.02 -3.67
N TYR A 331 22.45 30.64 -2.57
CA TYR A 331 21.32 31.56 -2.68
C TYR A 331 21.67 32.79 -3.51
N PHE A 332 22.91 33.28 -3.38
CA PHE A 332 23.34 34.41 -4.20
C PHE A 332 23.30 34.05 -5.69
N ASN A 333 23.78 32.86 -6.04
CA ASN A 333 23.74 32.43 -7.44
C ASN A 333 22.30 32.31 -7.93
N PHE A 334 21.41 31.80 -7.09
CA PHE A 334 19.99 31.69 -7.45
C PHE A 334 19.42 33.08 -7.75
N PHE A 335 19.71 34.06 -6.90
CA PHE A 335 19.23 35.41 -7.11
C PHE A 335 19.74 36.00 -8.42
N VAL A 336 21.03 35.79 -8.70
CA VAL A 336 21.61 36.35 -9.93
C VAL A 336 20.95 35.72 -11.16
N TYR A 337 20.71 34.40 -11.13
CA TYR A 337 20.04 33.75 -12.24
C TYR A 337 18.63 34.30 -12.43
N CYS A 338 17.92 34.55 -11.33
CA CYS A 338 16.57 35.14 -11.43
C CYS A 338 16.62 36.51 -12.10
N LEU A 339 17.60 37.33 -11.72
CA LEU A 339 17.73 38.64 -12.37
C LEU A 339 18.02 38.50 -13.86
N TYR A 340 18.88 37.55 -14.22
CA TYR A 340 19.19 37.32 -15.62
C TYR A 340 17.94 36.94 -16.40
N MET A 341 17.13 36.04 -15.86
CA MET A 341 15.93 35.62 -16.58
C MET A 341 14.91 36.75 -16.68
N ILE A 342 14.80 37.59 -15.65
CA ILE A 342 13.87 38.72 -15.74
C ILE A 342 14.31 39.67 -16.84
N ILE A 343 15.60 39.98 -16.91
CA ILE A 343 16.08 40.90 -17.94
C ILE A 343 15.89 40.28 -19.33
N PHE A 344 16.18 38.99 -19.48
CA PHE A 344 15.99 38.33 -20.77
C PHE A 344 14.53 38.38 -21.20
N THR A 345 13.61 38.09 -20.28
CA THR A 345 12.18 38.11 -20.61
C THR A 345 11.74 39.50 -21.00
N ALA A 346 12.16 40.52 -20.25
CA ALA A 346 11.76 41.89 -20.56
C ALA A 346 12.29 42.33 -21.91
N ALA A 347 13.55 41.99 -22.22
CA ALA A 347 14.12 42.36 -23.51
C ALA A 347 13.41 41.67 -24.66
N ALA A 348 13.10 40.37 -24.51
CA ALA A 348 12.44 39.65 -25.60
C ALA A 348 11.00 40.10 -25.79
N TYR A 349 10.34 40.51 -24.70
CA TYR A 349 8.94 40.91 -24.79
C TYR A 349 8.74 42.12 -25.70
N TYR A 350 9.62 43.11 -25.62
CA TYR A 350 9.48 44.38 -26.31
C TYR A 350 10.27 44.42 -27.62
N ARG A 351 10.38 43.30 -28.33
CA ARG A 351 11.14 43.31 -29.58
C ARG A 351 10.43 44.16 -30.63
N PRO A 352 11.17 44.73 -31.58
CA PRO A 352 10.51 45.44 -32.68
C PRO A 352 9.83 44.48 -33.65
N VAL A 353 8.83 44.99 -34.35
CA VAL A 353 8.00 44.20 -35.26
C VAL A 353 8.30 44.48 -36.72
N GLU A 354 9.21 45.39 -37.03
CA GLU A 354 9.61 45.60 -38.41
C GLU A 354 10.41 44.41 -38.92
N GLY A 355 10.41 44.22 -40.24
CA GLY A 355 11.11 43.11 -40.83
C GLY A 355 12.58 43.38 -41.07
N LEU A 356 13.30 42.31 -41.43
CA LEU A 356 14.68 42.40 -41.89
C LEU A 356 15.63 43.01 -40.86
N PRO A 357 15.98 42.29 -39.79
CA PRO A 357 17.00 42.79 -38.87
C PRO A 357 18.34 42.94 -39.57
N PRO A 358 19.32 43.61 -38.94
CA PRO A 358 19.31 44.30 -37.66
C PRO A 358 18.52 45.60 -37.68
N TYR A 359 18.17 46.11 -36.51
CA TYR A 359 17.31 47.28 -36.38
C TYR A 359 18.12 48.48 -35.94
N LYS A 360 17.83 49.63 -36.54
CA LYS A 360 18.52 50.86 -36.19
C LYS A 360 18.17 51.28 -34.76
N LEU A 361 19.18 51.79 -34.05
CA LEU A 361 18.96 52.30 -32.70
C LEU A 361 18.44 53.74 -32.77
N LYS A 362 17.33 53.98 -32.10
CA LYS A 362 16.77 55.32 -31.99
C LYS A 362 17.33 56.04 -30.77
N ASN A 363 17.01 57.32 -30.65
CA ASN A 363 17.53 58.16 -29.58
C ASN A 363 16.61 58.22 -28.36
N THR A 364 15.51 57.47 -28.34
CA THR A 364 14.61 57.49 -27.19
C THR A 364 15.12 56.55 -26.10
N VAL A 365 14.51 56.68 -24.91
CA VAL A 365 15.01 56.01 -23.72
C VAL A 365 14.76 54.50 -23.80
N GLY A 366 13.56 54.11 -24.22
CA GLY A 366 13.19 52.71 -24.23
C GLY A 366 14.09 51.87 -25.12
N ASP A 367 14.56 52.43 -26.24
CA ASP A 367 15.46 51.68 -27.09
C ASP A 367 16.84 51.49 -26.46
N TYR A 368 17.31 52.48 -25.69
CA TYR A 368 18.56 52.27 -24.95
C TYR A 368 18.42 51.16 -23.93
N PHE A 369 17.32 51.15 -23.17
CA PHE A 369 17.12 50.06 -22.23
C PHE A 369 17.00 48.72 -22.94
N ARG A 370 16.32 48.69 -24.08
CA ARG A 370 16.14 47.47 -24.84
C ARG A 370 17.48 46.90 -25.30
N VAL A 371 18.33 47.75 -25.88
CA VAL A 371 19.60 47.24 -26.40
C VAL A 371 20.52 46.83 -25.25
N THR A 372 20.46 47.54 -24.12
CA THR A 372 21.21 47.09 -22.94
C THR A 372 20.79 45.69 -22.51
N GLY A 373 19.47 45.45 -22.47
CA GLY A 373 18.99 44.13 -22.10
C GLY A 373 19.43 43.05 -23.08
N GLU A 374 19.41 43.37 -24.38
CA GLU A 374 19.87 42.40 -25.37
C GLU A 374 21.34 42.04 -25.17
N ILE A 375 22.17 43.06 -24.90
CA ILE A 375 23.59 42.81 -24.69
C ILE A 375 23.80 41.92 -23.46
N LEU A 376 23.07 42.20 -22.38
CA LEU A 376 23.22 41.38 -21.17
C LEU A 376 22.79 39.94 -21.42
N SER A 377 21.70 39.73 -22.16
CA SER A 377 21.26 38.37 -22.45
C SER A 377 22.30 37.60 -23.25
N VAL A 378 22.87 38.22 -24.27
CA VAL A 378 23.89 37.54 -25.07
C VAL A 378 25.12 37.22 -24.22
N SER A 379 25.50 38.15 -23.33
CA SER A 379 26.63 37.90 -22.44
C SER A 379 26.38 36.68 -21.56
N GLY A 380 25.18 36.57 -20.98
CA GLY A 380 24.87 35.41 -20.16
C GLY A 380 24.92 34.11 -20.95
N GLY A 381 24.44 34.14 -22.20
CA GLY A 381 24.54 32.96 -23.03
C GLY A 381 25.97 32.52 -23.26
N VAL A 382 26.86 33.48 -23.54
CA VAL A 382 28.27 33.16 -23.73
C VAL A 382 28.86 32.56 -22.45
N TYR A 383 28.50 33.12 -21.30
CA TYR A 383 28.98 32.59 -20.02
C TYR A 383 28.61 31.12 -19.85
N PHE A 384 27.34 30.79 -20.08
CA PHE A 384 26.93 29.39 -19.90
C PHE A 384 27.59 28.48 -20.93
N PHE A 385 27.82 28.98 -22.14
CA PHE A 385 28.53 28.19 -23.15
C PHE A 385 29.92 27.80 -22.66
N PHE A 386 30.69 28.78 -22.18
CA PHE A 386 32.04 28.49 -21.69
C PHE A 386 32.01 27.58 -20.47
N ARG A 387 31.04 27.77 -19.57
CA ARG A 387 30.96 26.89 -18.41
C ARG A 387 30.72 25.44 -18.83
N GLY A 388 29.84 25.22 -19.80
CA GLY A 388 29.62 23.87 -20.27
C GLY A 388 30.87 23.24 -20.87
N ILE A 389 31.61 24.02 -21.67
CA ILE A 389 32.85 23.49 -22.25
C ILE A 389 33.84 23.14 -21.15
N GLN A 390 33.97 24.00 -20.14
CA GLN A 390 34.90 23.74 -19.05
C GLN A 390 34.53 22.47 -18.30
N TYR A 391 33.23 22.26 -18.04
CA TYR A 391 32.82 21.02 -17.39
C TYR A 391 33.22 19.81 -18.21
N PHE A 392 32.88 19.81 -19.51
CA PHE A 392 33.13 18.62 -20.32
C PHE A 392 34.62 18.34 -20.46
N LEU A 393 35.45 19.39 -20.52
CA LEU A 393 36.89 19.17 -20.63
C LEU A 393 37.50 18.72 -19.31
N GLN A 394 37.05 19.30 -18.19
CA GLN A 394 37.67 18.97 -16.90
C GLN A 394 37.28 17.60 -16.40
N ARG A 395 36.08 17.11 -16.75
CA ARG A 395 35.65 15.80 -16.28
C ARG A 395 35.97 14.67 -17.26
N ARG A 396 35.95 14.94 -18.57
CA ARG A 396 36.08 13.91 -19.59
C ARG A 396 35.07 12.78 -19.38
N PRO A 397 33.78 13.03 -19.58
CA PRO A 397 32.81 11.94 -19.48
C PRO A 397 33.04 10.89 -20.57
N SER A 398 32.57 9.68 -20.30
CA SER A 398 32.93 8.50 -21.09
C SER A 398 31.86 8.13 -22.12
N LEU A 399 31.15 9.11 -22.67
CA LEU A 399 30.18 8.92 -23.76
C LEU A 399 28.90 8.18 -23.32
N LYS A 400 28.82 7.75 -22.06
CA LYS A 400 27.60 7.27 -21.43
C LYS A 400 27.27 8.05 -20.17
N SER A 401 28.29 8.45 -19.41
CA SER A 401 28.09 9.33 -18.27
C SER A 401 27.62 10.71 -18.69
N LEU A 402 27.70 11.07 -19.97
CA LEU A 402 27.15 12.34 -20.43
C LEU A 402 25.65 12.41 -20.17
N PHE A 403 24.93 11.33 -20.50
CA PHE A 403 23.47 11.35 -20.55
C PHE A 403 22.82 10.64 -19.38
N VAL A 404 23.35 9.51 -18.92
CA VAL A 404 22.73 8.82 -17.80
C VAL A 404 22.84 9.62 -16.51
N ASP A 405 23.81 10.54 -16.43
CA ASP A 405 23.93 11.45 -15.31
C ASP A 405 24.28 12.84 -15.86
N SER A 406 24.18 13.86 -15.01
CA SER A 406 24.50 15.24 -15.38
C SER A 406 23.63 15.73 -16.53
N TYR A 407 22.32 15.74 -16.30
CA TYR A 407 21.39 16.29 -17.29
C TYR A 407 21.43 17.82 -17.31
N SER A 408 21.57 18.44 -16.15
CA SER A 408 21.48 19.89 -16.06
C SER A 408 22.58 20.58 -16.86
N GLU A 409 23.76 19.98 -16.92
CA GLU A 409 24.83 20.56 -17.73
C GLU A 409 24.43 20.60 -19.20
N ILE A 410 23.82 19.51 -19.68
CA ILE A 410 23.37 19.45 -21.07
C ILE A 410 22.27 20.48 -21.32
N LEU A 411 21.33 20.60 -20.39
CA LEU A 411 20.21 21.52 -20.61
C LEU A 411 20.68 22.98 -20.66
N PHE A 412 21.56 23.37 -19.74
CA PHE A 412 22.09 24.74 -19.77
C PHE A 412 22.92 24.97 -21.03
N PHE A 413 23.69 23.96 -21.46
CA PHE A 413 24.48 24.10 -22.68
C PHE A 413 23.59 24.28 -23.90
N VAL A 414 22.49 23.52 -23.98
CA VAL A 414 21.58 23.63 -25.12
C VAL A 414 20.91 25.00 -25.14
N GLN A 415 20.55 25.51 -23.96
CA GLN A 415 20.02 26.87 -23.88
C GLN A 415 21.01 27.89 -24.47
N SER A 416 22.28 27.78 -24.08
CA SER A 416 23.27 28.72 -24.62
C SER A 416 23.45 28.54 -26.12
N LEU A 417 23.37 27.31 -26.63
CA LEU A 417 23.47 27.09 -28.07
C LEU A 417 22.34 27.79 -28.81
N PHE A 418 21.12 27.71 -28.28
CA PHE A 418 20.00 28.42 -28.89
C PHE A 418 20.24 29.91 -28.91
N MET A 419 20.79 30.46 -27.81
CA MET A 419 21.08 31.90 -27.79
C MET A 419 22.08 32.28 -28.88
N LEU A 420 23.15 31.48 -29.03
CA LEU A 420 24.17 31.82 -30.03
C LEU A 420 23.61 31.73 -31.45
N VAL A 421 22.78 30.72 -31.71
CA VAL A 421 22.16 30.61 -33.02
C VAL A 421 21.25 31.81 -33.29
N SER A 422 20.55 32.27 -32.24
CA SER A 422 19.73 33.48 -32.40
C SER A 422 20.58 34.67 -32.79
N VAL A 423 21.75 34.84 -32.16
CA VAL A 423 22.62 35.97 -32.52
C VAL A 423 23.06 35.87 -33.97
N VAL A 424 23.48 34.66 -34.38
CA VAL A 424 23.99 34.47 -35.74
C VAL A 424 22.90 34.80 -36.76
N LEU A 425 21.67 34.33 -36.50
CA LEU A 425 20.56 34.66 -37.41
C LEU A 425 20.24 36.14 -37.38
N TYR A 426 20.36 36.78 -36.22
CA TYR A 426 20.05 38.20 -36.12
C TYR A 426 20.95 39.03 -37.03
N PHE A 427 22.27 38.78 -36.96
CA PHE A 427 23.17 39.58 -37.78
C PHE A 427 23.26 39.11 -39.24
N SER A 428 22.65 37.97 -39.58
CA SER A 428 22.60 37.50 -40.97
C SER A 428 21.38 38.00 -41.73
N GLN A 429 20.57 38.89 -41.14
CA GLN A 429 19.38 39.44 -41.79
C GLN A 429 18.33 38.35 -42.05
N ARG A 430 18.10 37.51 -41.05
CA ARG A 430 17.05 36.49 -41.11
C ARG A 430 16.02 36.76 -40.02
N LYS A 431 14.75 36.54 -40.34
CA LYS A 431 13.67 36.72 -39.38
C LYS A 431 13.45 35.51 -38.49
N GLU A 432 14.04 34.35 -38.83
CA GLU A 432 13.82 33.14 -38.04
C GLU A 432 14.47 33.18 -36.68
N TYR A 433 15.33 34.17 -36.40
CA TYR A 433 16.02 34.21 -35.11
C TYR A 433 15.04 34.20 -33.95
N VAL A 434 13.87 34.80 -34.13
CA VAL A 434 12.85 34.85 -33.10
C VAL A 434 12.53 33.45 -32.61
N ALA A 435 12.36 32.50 -33.54
CA ALA A 435 12.06 31.14 -33.16
C ALA A 435 13.14 30.59 -32.23
N SER A 436 14.40 30.74 -32.61
CA SER A 436 15.47 30.24 -31.75
C SER A 436 15.44 30.93 -30.41
N MET A 437 15.18 32.24 -30.42
CA MET A 437 15.15 33.00 -29.18
C MET A 437 14.10 32.43 -28.23
N VAL A 438 12.91 32.09 -28.75
CA VAL A 438 11.88 31.63 -27.82
C VAL A 438 12.24 30.26 -27.30
N PHE A 439 12.92 29.43 -28.10
CA PHE A 439 13.30 28.13 -27.58
C PHE A 439 14.36 28.25 -26.51
N SER A 440 15.15 29.33 -26.54
CA SER A 440 15.99 29.62 -25.39
C SER A 440 15.14 30.01 -24.19
N LEU A 441 14.20 30.95 -24.41
CA LEU A 441 13.51 31.61 -23.30
C LEU A 441 12.71 30.60 -22.49
N ALA A 442 11.94 29.76 -23.16
CA ALA A 442 11.16 28.74 -22.45
C ALA A 442 12.08 27.84 -21.65
N MET A 443 13.19 27.39 -22.25
CA MET A 443 14.12 26.53 -21.53
C MET A 443 14.68 27.24 -20.32
N GLY A 444 14.96 28.54 -20.47
CA GLY A 444 15.52 29.30 -19.38
C GLY A 444 14.65 29.26 -18.13
N TRP A 445 13.33 29.13 -18.30
CA TRP A 445 12.48 29.05 -17.12
C TRP A 445 12.48 27.66 -16.53
N THR A 446 12.43 26.61 -17.36
CA THR A 446 12.35 25.26 -16.80
C THR A 446 13.63 24.88 -16.09
N ASN A 447 14.77 25.36 -16.56
CA ASN A 447 16.04 25.12 -15.90
C ASN A 447 16.08 25.70 -14.49
N MET A 448 15.17 26.60 -14.14
CA MET A 448 15.10 27.10 -12.78
C MET A 448 14.83 25.99 -11.78
N LEU A 449 14.28 24.86 -12.21
CA LEU A 449 14.11 23.72 -11.32
C LEU A 449 15.43 23.23 -10.73
N TYR A 450 16.56 23.52 -11.40
CA TYR A 450 17.87 23.17 -10.86
C TYR A 450 18.05 23.70 -9.45
N TYR A 451 17.49 24.88 -9.17
CA TYR A 451 17.70 25.49 -7.86
C TYR A 451 16.74 24.97 -6.79
N THR A 452 15.95 23.93 -7.08
CA THR A 452 15.13 23.34 -6.03
C THR A 452 15.96 22.56 -5.01
N ARG A 453 17.19 22.17 -5.37
CA ARG A 453 18.11 21.65 -4.37
C ARG A 453 18.57 22.79 -3.47
N GLY A 454 18.93 22.44 -2.24
CA GLY A 454 19.08 23.41 -1.17
C GLY A 454 17.82 23.56 -0.34
N PHE A 455 16.69 23.08 -0.86
CA PHE A 455 15.45 22.95 -0.09
C PHE A 455 15.04 21.49 -0.18
N GLN A 456 14.89 20.85 0.99
CA GLN A 456 14.78 19.39 1.04
C GLN A 456 13.53 18.89 0.35
N GLN A 457 12.38 19.49 0.65
CA GLN A 457 11.12 18.97 0.13
C GLN A 457 11.02 19.18 -1.38
N MET A 458 11.38 20.37 -1.85
CA MET A 458 11.33 20.65 -3.28
C MET A 458 12.38 19.84 -4.03
N GLY A 459 13.55 19.63 -3.42
CA GLY A 459 14.55 18.79 -4.05
C GLY A 459 14.10 17.35 -4.23
N ILE A 460 13.50 16.78 -3.19
CA ILE A 460 13.00 15.41 -3.30
C ILE A 460 11.86 15.34 -4.32
N TYR A 461 10.99 16.35 -4.33
CA TYR A 461 9.91 16.40 -5.31
C TYR A 461 10.46 16.43 -6.75
N ALA A 462 11.50 17.24 -6.97
CA ALA A 462 12.12 17.32 -8.29
C ALA A 462 12.79 16.00 -8.68
N VAL A 463 13.43 15.33 -7.72
CA VAL A 463 14.04 14.04 -8.00
C VAL A 463 12.97 13.03 -8.41
N MET A 464 11.83 13.04 -7.72
CA MET A 464 10.72 12.18 -8.11
C MET A 464 10.24 12.49 -9.52
N ILE A 465 10.15 13.76 -9.88
CA ILE A 465 9.74 14.13 -11.24
C ILE A 465 10.71 13.55 -12.26
N GLU A 466 12.01 13.75 -12.02
CA GLU A 466 13.02 13.33 -12.99
C GLU A 466 13.01 11.81 -13.17
N LYS A 467 12.92 11.07 -12.08
CA LYS A 467 12.91 9.61 -12.19
C LYS A 467 11.64 9.12 -12.87
N MET A 468 10.49 9.76 -12.59
CA MET A 468 9.27 9.36 -13.28
C MET A 468 9.39 9.60 -14.77
N ILE A 469 9.99 10.72 -15.19
CA ILE A 469 10.19 10.96 -16.61
C ILE A 469 11.10 9.89 -17.21
N LEU A 470 12.23 9.60 -16.55
CA LEU A 470 13.24 8.76 -17.18
C LEU A 470 12.91 7.27 -17.15
N ARG A 471 12.03 6.82 -16.25
CA ARG A 471 11.74 5.39 -16.10
C ARG A 471 10.41 4.98 -16.73
N ASP A 472 9.33 5.72 -16.46
CA ASP A 472 7.99 5.31 -16.83
C ASP A 472 7.51 5.92 -18.14
N LEU A 473 7.72 7.22 -18.33
CA LEU A 473 7.17 7.90 -19.50
C LEU A 473 7.76 7.36 -20.79
N CYS A 474 9.05 7.01 -20.78
CA CYS A 474 9.68 6.49 -21.99
C CYS A 474 9.05 5.18 -22.45
N ARG A 475 8.54 4.38 -21.51
CA ARG A 475 7.87 3.13 -21.90
C ARG A 475 6.47 3.39 -22.41
N PHE A 476 5.75 4.33 -21.79
CA PHE A 476 4.38 4.64 -22.20
C PHE A 476 4.35 5.24 -23.61
N MET A 477 5.27 6.18 -23.88
CA MET A 477 5.19 6.94 -25.12
C MET A 477 5.44 6.07 -26.34
N PHE A 478 6.29 5.05 -26.22
CA PHE A 478 6.55 4.17 -27.36
C PHE A 478 5.28 3.46 -27.81
N VAL A 479 4.59 2.83 -26.86
CA VAL A 479 3.36 2.13 -27.18
C VAL A 479 2.30 3.10 -27.68
N TYR A 480 2.17 4.27 -27.03
CA TYR A 480 1.17 5.24 -27.45
C TYR A 480 1.41 5.71 -28.88
N LEU A 481 2.67 5.98 -29.24
CA LEU A 481 2.96 6.42 -30.59
C LEU A 481 2.72 5.31 -31.60
N VAL A 482 2.96 4.05 -31.22
CA VAL A 482 2.64 2.95 -32.12
C VAL A 482 1.15 2.91 -32.43
N PHE A 483 0.32 2.99 -31.38
CA PHE A 483 -1.13 2.99 -31.60
C PHE A 483 -1.58 4.18 -32.43
N LEU A 484 -1.02 5.36 -32.12
CA LEU A 484 -1.42 6.59 -32.80
C LEU A 484 -1.10 6.51 -34.29
N PHE A 485 0.13 6.10 -34.62
CA PHE A 485 0.51 6.02 -36.02
C PHE A 485 -0.31 4.98 -36.77
N GLY A 486 -0.57 3.82 -36.14
CA GLY A 486 -1.35 2.80 -36.81
C GLY A 486 -2.76 3.27 -37.15
N PHE A 487 -3.46 3.84 -36.17
CA PHE A 487 -4.82 4.28 -36.43
C PHE A 487 -4.86 5.51 -37.33
N SER A 488 -3.84 6.37 -37.26
CA SER A 488 -3.78 7.50 -38.18
C SER A 488 -3.64 7.03 -39.62
N THR A 489 -2.77 6.05 -39.88
CA THR A 489 -2.64 5.53 -41.23
C THR A 489 -3.93 4.87 -41.70
N ALA A 490 -4.61 4.13 -40.82
CA ALA A 490 -5.87 3.52 -41.20
C ALA A 490 -6.92 4.58 -41.56
N VAL A 491 -7.01 5.64 -40.76
CA VAL A 491 -8.01 6.69 -41.02
C VAL A 491 -7.69 7.43 -42.31
N VAL A 492 -6.43 7.75 -42.55
CA VAL A 492 -6.07 8.45 -43.78
C VAL A 492 -6.36 7.58 -44.99
N THR A 493 -6.09 6.28 -44.90
CA THR A 493 -6.39 5.40 -46.03
C THR A 493 -7.89 5.32 -46.28
N LEU A 494 -8.69 5.21 -45.22
CA LEU A 494 -10.13 5.06 -45.39
C LEU A 494 -10.76 6.32 -45.97
N ILE A 495 -10.34 7.49 -45.48
CA ILE A 495 -10.84 8.78 -45.91
C ILE A 495 -9.61 9.60 -46.29
N GLU A 496 -9.49 9.96 -47.57
CA GLU A 496 -8.33 10.71 -48.05
C GLU A 496 -8.72 12.13 -48.42
N ASP A 497 -9.62 12.73 -47.65
CA ASP A 497 -10.13 14.05 -48.00
C ASP A 497 -10.85 14.66 -46.79
N GLY A 498 -10.86 15.98 -46.72
CA GLY A 498 -11.59 16.67 -45.69
C GLY A 498 -11.02 16.50 -44.30
N LYS A 499 -9.86 17.14 -44.05
CA LYS A 499 -9.17 17.15 -42.76
C LYS A 499 -8.44 15.85 -42.45
N TYR A 500 -8.60 14.82 -43.30
CA TYR A 500 -7.90 13.55 -43.16
C TYR A 500 -7.12 13.22 -44.43
N ASN A 501 -6.62 14.24 -45.13
CA ASN A 501 -5.87 14.06 -46.36
C ASN A 501 -4.36 13.97 -46.14
N SER A 502 -3.89 14.01 -44.89
CA SER A 502 -2.47 13.91 -44.60
C SER A 502 -2.29 13.26 -43.23
N LEU A 503 -1.10 12.73 -43.00
CA LEU A 503 -0.81 12.07 -41.73
C LEU A 503 -0.63 13.08 -40.60
N TYR A 504 -0.12 14.26 -40.89
CA TYR A 504 0.09 15.28 -39.85
C TYR A 504 -1.23 15.72 -39.25
N SER A 505 -2.19 16.10 -40.11
CA SER A 505 -3.49 16.55 -39.63
C SER A 505 -4.23 15.44 -38.89
N THR A 506 -4.22 14.23 -39.44
CA THR A 506 -4.91 13.12 -38.80
C THR A 506 -4.27 12.77 -37.45
N CYS A 507 -2.95 12.83 -37.37
CA CYS A 507 -2.27 12.59 -36.10
C CYS A 507 -2.67 13.62 -35.06
N LEU A 508 -2.75 14.90 -35.45
CA LEU A 508 -3.17 15.92 -34.49
C LEU A 508 -4.63 15.70 -34.06
N GLU A 509 -5.50 15.35 -35.01
CA GLU A 509 -6.91 15.16 -34.68
C GLU A 509 -7.11 13.98 -33.75
N LEU A 510 -6.33 12.90 -33.93
CA LEU A 510 -6.43 11.77 -33.01
C LEU A 510 -5.77 12.08 -31.67
N PHE A 511 -4.73 12.92 -31.66
CA PHE A 511 -4.10 13.31 -30.40
C PHE A 511 -5.07 14.12 -29.55
N LYS A 512 -5.90 14.96 -30.18
CA LYS A 512 -6.89 15.74 -29.45
C LYS A 512 -7.78 14.87 -28.56
N PHE A 513 -8.11 13.66 -29.03
CA PHE A 513 -8.93 12.75 -28.22
C PHE A 513 -8.27 12.38 -26.91
N THR A 514 -6.93 12.37 -26.87
CA THR A 514 -6.23 11.98 -25.66
C THR A 514 -6.30 13.05 -24.57
N ILE A 515 -6.63 14.29 -24.93
CA ILE A 515 -6.67 15.41 -23.99
C ILE A 515 -8.09 15.98 -23.84
N GLY A 516 -9.10 15.21 -24.23
CA GLY A 516 -10.47 15.63 -24.02
C GLY A 516 -10.98 16.71 -24.95
N MET A 517 -10.39 16.85 -26.13
CA MET A 517 -10.75 17.89 -27.11
C MET A 517 -11.18 17.28 -28.43
N GLY A 518 -11.77 16.08 -28.39
CA GLY A 518 -12.05 15.34 -29.59
C GLY A 518 -13.23 15.91 -30.37
N ASP A 519 -13.61 15.17 -31.40
CA ASP A 519 -14.72 15.56 -32.27
C ASP A 519 -15.38 14.29 -32.78
N LEU A 520 -16.56 13.96 -32.25
CA LEU A 520 -17.35 12.82 -32.67
C LEU A 520 -18.72 13.25 -33.17
N GLU A 521 -18.79 14.40 -33.84
CA GLU A 521 -20.07 14.89 -34.35
C GLU A 521 -20.51 14.15 -35.60
N PHE A 522 -19.57 13.80 -36.48
CA PHE A 522 -19.86 13.06 -37.71
C PHE A 522 -20.91 13.78 -38.56
N THR A 523 -20.63 15.06 -38.85
CA THR A 523 -21.52 15.86 -39.68
C THR A 523 -21.21 15.74 -41.17
N GLU A 524 -19.98 15.40 -41.54
CA GLU A 524 -19.61 15.31 -42.94
C GLU A 524 -20.19 14.04 -43.57
N ASN A 525 -20.41 14.10 -44.88
CA ASN A 525 -20.97 12.99 -45.65
C ASN A 525 -19.83 12.21 -46.29
N TYR A 526 -19.24 11.31 -45.51
CA TYR A 526 -18.17 10.46 -45.99
C TYR A 526 -18.73 9.21 -46.67
N ASP A 527 -17.92 8.60 -47.52
CA ASP A 527 -18.32 7.39 -48.22
C ASP A 527 -18.30 6.16 -47.31
N PHE A 528 -17.38 6.12 -46.34
CA PHE A 528 -17.19 4.98 -45.45
C PHE A 528 -17.48 5.36 -44.01
N LYS A 529 -18.48 6.20 -43.79
CA LYS A 529 -19.00 6.38 -42.45
C LYS A 529 -19.63 5.06 -42.00
N ALA A 530 -19.64 4.84 -40.69
CA ALA A 530 -19.99 3.60 -40.00
C ALA A 530 -18.87 2.57 -40.06
N VAL A 531 -17.79 2.83 -40.80
CA VAL A 531 -16.51 2.16 -40.62
C VAL A 531 -15.53 3.08 -39.91
N PHE A 532 -15.61 4.37 -40.23
CA PHE A 532 -14.86 5.41 -39.52
C PHE A 532 -15.21 5.43 -38.04
N ILE A 533 -16.51 5.28 -37.73
CA ILE A 533 -16.98 5.34 -36.34
C ILE A 533 -16.39 4.20 -35.53
N ILE A 534 -16.36 2.99 -36.10
CA ILE A 534 -15.83 1.83 -35.39
C ILE A 534 -14.35 2.02 -35.08
N LEU A 535 -13.59 2.52 -36.06
CA LEU A 535 -12.17 2.79 -35.84
C LEU A 535 -11.96 3.80 -34.74
N LEU A 536 -12.73 4.90 -34.75
CA LEU A 536 -12.54 5.91 -33.71
C LEU A 536 -12.89 5.38 -32.33
N LEU A 537 -13.99 4.61 -32.22
CA LEU A 537 -14.36 4.06 -30.91
C LEU A 537 -13.30 3.11 -30.39
N ALA A 538 -12.78 2.24 -31.26
CA ALA A 538 -11.73 1.32 -30.84
C ALA A 538 -10.48 2.07 -30.39
N TYR A 539 -10.10 3.10 -31.13
CA TYR A 539 -8.93 3.90 -30.76
C TYR A 539 -9.12 4.53 -29.38
N VAL A 540 -10.29 5.13 -29.15
CA VAL A 540 -10.52 5.80 -27.87
C VAL A 540 -10.46 4.80 -26.72
N ILE A 541 -11.09 3.64 -26.89
CA ILE A 541 -11.11 2.65 -25.81
C ILE A 541 -9.70 2.15 -25.51
N LEU A 542 -8.93 1.83 -26.56
CA LEU A 542 -7.57 1.34 -26.34
C LEU A 542 -6.68 2.40 -25.69
N THR A 543 -6.83 3.66 -26.11
CA THR A 543 -6.00 4.72 -25.55
C THR A 543 -6.30 4.93 -24.07
N TYR A 544 -7.57 4.87 -23.69
CA TYR A 544 -7.89 5.01 -22.27
C TYR A 544 -7.49 3.79 -21.46
N ILE A 545 -7.50 2.58 -22.06
CA ILE A 545 -6.92 1.43 -21.39
C ILE A 545 -5.44 1.67 -21.11
N LEU A 546 -4.72 2.21 -22.09
CA LEU A 546 -3.29 2.48 -21.90
C LEU A 546 -3.06 3.49 -20.78
N LEU A 547 -3.86 4.56 -20.75
CA LEU A 547 -3.69 5.55 -19.69
C LEU A 547 -3.97 4.95 -18.32
N LEU A 548 -5.03 4.15 -18.22
CA LEU A 548 -5.34 3.50 -16.95
C LEU A 548 -4.20 2.58 -16.52
N ASN A 549 -3.67 1.79 -17.47
CA ASN A 549 -2.59 0.88 -17.14
C ASN A 549 -1.35 1.63 -16.68
N MET A 550 -1.03 2.75 -17.31
CA MET A 550 0.08 3.58 -16.84
C MET A 550 -0.15 4.02 -15.40
N LEU A 551 -1.33 4.56 -15.12
CA LEU A 551 -1.62 5.06 -13.77
C LEU A 551 -1.48 3.95 -12.74
N ILE A 552 -1.97 2.76 -13.05
CA ILE A 552 -1.85 1.64 -12.11
C ILE A 552 -0.40 1.24 -11.95
N ALA A 553 0.35 1.15 -13.06
CA ALA A 553 1.75 0.70 -12.97
C ALA A 553 2.58 1.66 -12.15
N LEU A 554 2.28 2.96 -12.20
CA LEU A 554 3.05 3.91 -11.41
C LEU A 554 2.81 3.77 -9.91
N MET A 555 1.76 3.08 -9.49
CA MET A 555 1.53 2.87 -8.07
C MET A 555 2.47 1.84 -7.47
N GLY A 556 3.13 1.02 -8.29
CA GLY A 556 4.09 0.07 -7.78
C GLY A 556 5.39 0.67 -7.30
N GLU A 557 5.58 1.98 -7.47
CA GLU A 557 6.75 2.68 -6.95
C GLU A 557 6.49 3.34 -5.60
N THR A 558 5.24 3.52 -5.21
CA THR A 558 4.88 4.05 -3.89
C THR A 558 4.67 2.92 -2.88
N VAL A 559 5.66 2.04 -2.77
CA VAL A 559 5.66 0.94 -1.80
C VAL A 559 6.83 1.17 -0.85
N ASN A 560 7.12 2.44 -0.57
CA ASN A 560 8.35 2.83 0.13
C ASN A 560 9.58 2.48 -0.70
N LYS A 561 9.44 2.55 -2.02
CA LYS A 561 10.57 2.33 -2.93
C LYS A 561 11.20 3.66 -3.32
N ILE A 562 10.42 4.52 -3.97
CA ILE A 562 10.94 5.81 -4.43
C ILE A 562 11.17 6.74 -3.25
N ALA A 563 10.37 6.62 -2.20
CA ALA A 563 10.49 7.50 -1.04
C ALA A 563 11.88 7.38 -0.40
N GLN A 564 12.47 6.19 -0.44
CA GLN A 564 13.78 5.94 0.14
C GLN A 564 14.92 6.27 -0.82
N GLU A 565 14.77 5.89 -2.09
CA GLU A 565 15.79 6.19 -3.08
C GLU A 565 15.97 7.70 -3.24
N SER A 566 14.85 8.42 -3.32
CA SER A 566 14.92 9.86 -3.16
C SER A 566 15.23 10.18 -1.70
N LYS A 567 15.70 11.41 -1.50
CA LYS A 567 16.37 11.94 -0.32
C LYS A 567 17.81 11.45 -0.18
N ASN A 568 18.11 10.25 -0.68
CA ASN A 568 19.51 9.84 -0.83
C ASN A 568 20.09 10.40 -2.12
N ILE A 569 19.33 10.33 -3.21
CA ILE A 569 19.78 10.98 -4.43
C ILE A 569 19.89 12.49 -4.21
N TRP A 570 18.95 13.08 -3.46
CA TRP A 570 19.03 14.50 -3.16
C TRP A 570 20.26 14.84 -2.32
N LYS A 571 20.58 14.02 -1.32
CA LYS A 571 21.79 14.27 -0.53
C LYS A 571 23.03 14.18 -1.39
N LEU A 572 23.07 13.22 -2.32
CA LEU A 572 24.21 13.12 -3.23
C LEU A 572 24.32 14.37 -4.11
N GLN A 573 23.19 14.87 -4.62
CA GLN A 573 23.22 16.08 -5.43
C GLN A 573 23.75 17.27 -4.65
N ARG A 574 23.29 17.44 -3.41
CA ARG A 574 23.77 18.56 -2.61
C ARG A 574 25.25 18.39 -2.27
N ALA A 575 25.71 17.16 -2.08
CA ALA A 575 27.14 16.93 -1.87
C ALA A 575 27.96 17.36 -3.08
N ILE A 576 27.48 17.03 -4.29
CA ILE A 576 28.19 17.46 -5.49
C ILE A 576 28.22 18.99 -5.58
N THR A 577 27.09 19.63 -5.24
CA THR A 577 27.06 21.09 -5.25
C THR A 577 28.07 21.68 -4.26
N ILE A 578 28.17 21.08 -3.07
CA ILE A 578 29.10 21.56 -2.06
C ILE A 578 30.53 21.44 -2.56
N LEU A 579 30.86 20.30 -3.15
CA LEU A 579 32.24 20.09 -3.62
C LEU A 579 32.58 21.06 -4.74
N ASP A 580 31.66 21.27 -5.68
CA ASP A 580 31.93 22.22 -6.76
C ASP A 580 32.10 23.64 -6.23
N THR A 581 31.26 24.05 -5.27
CA THR A 581 31.39 25.37 -4.70
C THR A 581 32.73 25.54 -3.97
N GLU A 582 33.15 24.51 -3.24
CA GLU A 582 34.43 24.59 -2.55
C GLU A 582 35.58 24.68 -3.56
N LYS A 583 35.51 23.90 -4.64
CA LYS A 583 36.59 23.96 -5.64
C LYS A 583 36.62 25.29 -6.37
N SER A 584 35.47 25.96 -6.50
CA SER A 584 35.46 27.26 -7.17
C SER A 584 36.02 28.36 -6.26
N PHE A 585 35.40 28.55 -5.10
CA PHE A 585 35.79 29.35 -3.93
C PHE A 585 35.90 30.86 -4.15
N LEU A 586 35.92 31.33 -5.41
CA LEU A 586 35.54 32.69 -5.78
C LEU A 586 36.29 33.85 -5.10
N LYS A 587 37.23 33.57 -4.19
CA LYS A 587 37.86 34.62 -3.41
C LYS A 587 39.33 34.38 -3.09
N CYS A 588 39.94 33.31 -3.61
CA CYS A 588 41.29 32.89 -3.19
C CYS A 588 41.34 32.67 -1.68
N MET A 589 40.28 32.07 -1.15
CA MET A 589 40.17 31.71 0.27
C MET A 589 39.85 30.23 0.36
N ARG A 590 40.64 29.52 1.17
CA ARG A 590 40.52 28.07 1.31
C ARG A 590 40.40 27.68 2.78
N LYS A 591 39.46 28.32 3.49
CA LYS A 591 39.25 28.12 4.91
C LYS A 591 38.16 27.10 5.20
N ALA A 592 38.08 26.06 4.38
CA ALA A 592 37.08 25.01 4.54
C ALA A 592 37.47 23.96 5.59
N PHE A 593 38.56 24.18 6.33
CA PHE A 593 38.99 23.19 7.31
C PHE A 593 38.01 23.12 8.48
N ARG A 594 38.09 22.03 9.26
CA ARG A 594 37.17 21.86 10.39
C ARG A 594 37.62 22.27 11.80
N SER A 595 37.38 21.44 12.81
CA SER A 595 37.66 21.85 14.21
C SER A 595 39.06 22.28 14.67
N GLY A 596 40.09 22.10 13.84
CA GLY A 596 41.39 22.61 14.19
C GLY A 596 42.37 21.51 14.59
N LYS A 597 43.64 21.93 14.69
CA LYS A 597 44.74 21.03 15.01
C LYS A 597 44.67 20.65 16.49
N LEU A 598 43.71 19.79 16.80
CA LEU A 598 43.60 19.25 18.16
C LEU A 598 44.61 18.14 18.36
N LEU A 599 45.02 17.97 19.61
CA LEU A 599 45.92 16.90 20.01
C LEU A 599 45.08 15.73 20.52
N GLN A 600 45.19 14.58 19.85
CA GLN A 600 44.36 13.43 20.16
C GLN A 600 45.03 12.54 21.20
N VAL A 601 46.25 12.08 20.89
CA VAL A 601 47.06 11.28 21.80
C VAL A 601 48.35 12.01 22.17
N GLY A 602 49.05 12.52 21.17
CA GLY A 602 50.27 13.27 21.40
C GLY A 602 51.47 12.41 21.72
N PHE A 603 51.33 11.08 21.71
CA PHE A 603 52.43 10.16 22.01
C PHE A 603 52.41 9.08 20.93
N THR A 604 53.13 9.35 19.85
CA THR A 604 53.37 8.40 18.78
C THR A 604 54.41 7.39 19.26
N PRO A 605 54.79 6.39 18.46
CA PRO A 605 55.91 5.53 18.87
C PRO A 605 57.22 6.28 19.10
N ASP A 606 57.36 7.48 18.53
CA ASP A 606 58.46 8.38 18.81
C ASP A 606 57.97 9.45 19.79
N GLY A 607 58.87 10.38 20.14
CA GLY A 607 58.51 11.42 21.09
C GLY A 607 57.60 12.50 20.52
N LYS A 608 57.38 12.52 19.22
CA LYS A 608 56.59 13.59 18.61
C LYS A 608 55.11 13.44 18.95
N ASP A 609 54.40 14.56 18.95
CA ASP A 609 52.97 14.62 19.16
C ASP A 609 52.25 14.86 17.84
N ASP A 610 51.04 14.31 17.74
CA ASP A 610 50.29 14.28 16.49
C ASP A 610 49.06 15.17 16.55
N TYR A 611 48.75 15.79 15.42
CA TYR A 611 47.57 16.61 15.23
C TYR A 611 46.91 16.19 13.93
N ARG A 612 45.56 16.15 13.91
CA ARG A 612 44.86 15.44 12.84
C ARG A 612 43.62 16.15 12.30
N TRP A 613 43.30 17.37 12.72
CA TRP A 613 42.16 18.12 12.18
C TRP A 613 40.86 17.33 12.38
N CYS A 614 40.49 17.17 13.64
CA CYS A 614 39.37 16.30 13.99
C CYS A 614 38.03 17.02 13.92
N PHE A 615 36.96 16.23 13.97
CA PHE A 615 35.57 16.70 13.93
C PHE A 615 34.88 16.25 15.20
N ARG A 616 34.26 17.18 15.90
CA ARG A 616 33.62 16.89 17.19
C ARG A 616 32.20 16.39 16.99
N VAL A 617 31.83 15.35 17.74
CA VAL A 617 30.46 14.86 17.81
C VAL A 617 30.12 14.58 19.26
N ASP A 618 29.02 15.17 19.74
CA ASP A 618 28.57 15.01 21.12
C ASP A 618 27.40 14.03 21.15
N GLU A 619 27.44 13.08 22.07
CA GLU A 619 26.44 12.02 22.16
C GLU A 619 25.98 11.86 23.60
N VAL A 620 24.77 11.33 23.75
CA VAL A 620 24.15 11.08 25.03
C VAL A 620 23.65 9.64 25.07
N ASN A 621 23.91 8.93 26.17
CA ASN A 621 23.48 7.56 26.34
C ASN A 621 23.07 7.35 27.78
N TRP A 622 21.79 7.05 28.00
CA TRP A 622 21.23 6.87 29.33
C TRP A 622 21.32 5.45 29.85
N THR A 623 21.87 4.52 29.07
CA THR A 623 22.10 3.14 29.50
C THR A 623 23.61 2.90 29.55
N THR A 624 24.12 2.67 30.75
CA THR A 624 25.56 2.45 30.92
C THR A 624 25.96 1.10 30.33
N ASP B 2 -22.25 5.49 -58.72
CA ASP B 2 -21.42 5.92 -57.57
C ASP B 2 -22.31 6.28 -56.39
N CYS B 3 -23.34 7.07 -56.66
CA CYS B 3 -24.23 7.57 -55.62
C CYS B 3 -25.31 6.56 -55.27
N ALA B 4 -25.90 6.73 -54.09
CA ALA B 4 -27.06 5.98 -53.67
C ALA B 4 -28.33 6.77 -53.92
N LYS B 5 -29.40 6.07 -54.26
CA LYS B 5 -30.72 6.65 -54.44
C LYS B 5 -31.55 6.43 -53.19
N GLU B 6 -32.72 7.06 -53.15
CA GLU B 6 -33.63 6.91 -52.02
C GLU B 6 -33.99 5.45 -51.83
N GLY B 7 -33.88 4.98 -50.58
CA GLY B 7 -34.13 3.60 -50.25
C GLY B 7 -32.93 2.68 -50.36
N GLU B 8 -31.81 3.15 -50.89
CA GLU B 8 -30.60 2.35 -51.02
C GLU B 8 -29.68 2.57 -49.82
N VAL B 9 -28.80 1.61 -49.58
CA VAL B 9 -27.91 1.65 -48.42
C VAL B 9 -26.81 2.67 -48.67
N CYS B 10 -26.64 3.59 -47.72
CA CYS B 10 -25.64 4.65 -47.78
C CYS B 10 -24.59 4.44 -46.70
N SER B 11 -23.43 5.07 -46.91
CA SER B 11 -22.28 5.16 -46.02
C SER B 11 -21.45 3.88 -46.00
N TRP B 12 -21.88 2.79 -46.62
CA TRP B 12 -21.05 1.58 -46.78
C TRP B 12 -20.43 1.56 -48.17
N GLY B 13 -19.66 2.61 -48.46
CA GLY B 13 -18.96 2.75 -49.71
C GLY B 13 -19.60 3.68 -50.72
N LYS B 14 -20.83 4.15 -50.46
CA LYS B 14 -21.53 5.04 -51.36
C LYS B 14 -22.25 6.12 -50.58
N LYS B 15 -22.10 7.37 -50.99
CA LYS B 15 -22.85 8.49 -50.44
C LYS B 15 -24.12 8.72 -51.26
N CYS B 16 -25.11 9.34 -50.64
CA CYS B 16 -26.36 9.63 -51.32
C CYS B 16 -26.27 10.96 -52.06
N CYS B 17 -26.80 10.98 -53.28
CA CYS B 17 -26.79 12.17 -54.12
C CYS B 17 -28.01 13.05 -53.83
N ASP B 18 -27.98 14.26 -54.37
CA ASP B 18 -29.07 15.22 -54.20
C ASP B 18 -29.27 15.55 -52.72
N LEU B 19 -28.18 15.98 -52.09
CA LEU B 19 -28.18 16.24 -50.65
C LEU B 19 -29.02 17.45 -50.26
N ASP B 20 -29.46 18.26 -51.23
CA ASP B 20 -30.41 19.33 -50.93
C ASP B 20 -31.80 18.81 -50.64
N ASN B 21 -32.09 17.54 -50.97
CA ASN B 21 -33.39 16.93 -50.73
C ASN B 21 -33.34 15.62 -49.96
N PHE B 22 -32.16 15.00 -49.82
CA PHE B 22 -32.02 13.71 -49.18
C PHE B 22 -30.84 13.71 -48.22
N TYR B 23 -30.88 12.78 -47.27
CA TYR B 23 -29.84 12.63 -46.25
C TYR B 23 -29.69 11.17 -45.86
N CYS B 24 -28.51 10.85 -45.30
CA CYS B 24 -28.18 9.50 -44.85
C CYS B 24 -28.28 9.45 -43.34
N PRO B 25 -29.25 8.72 -42.73
CA PRO B 25 -29.37 8.76 -41.27
C PRO B 25 -28.22 8.10 -40.52
N MET B 26 -28.34 8.04 -39.20
CA MET B 26 -27.36 7.45 -38.29
C MET B 26 -27.98 6.17 -37.72
N GLU B 27 -27.79 5.05 -38.43
CA GLU B 27 -28.49 3.82 -38.10
C GLU B 27 -27.64 2.54 -38.24
N PHE B 28 -26.35 2.64 -38.57
CA PHE B 28 -25.41 1.52 -38.69
C PHE B 28 -25.63 0.65 -39.94
N ILE B 29 -26.79 0.76 -40.58
CA ILE B 29 -27.01 0.31 -41.95
C ILE B 29 -28.02 1.32 -42.50
N PRO B 30 -27.67 2.59 -42.62
CA PRO B 30 -28.66 3.59 -42.97
C PRO B 30 -29.09 3.48 -44.43
N HIS B 31 -30.35 3.80 -44.67
CA HIS B 31 -30.90 3.94 -46.01
C HIS B 31 -31.21 5.42 -46.25
N CYS B 32 -30.95 5.87 -47.47
CA CYS B 32 -31.10 7.29 -47.77
C CYS B 32 -32.58 7.68 -47.72
N LYS B 33 -32.87 8.80 -47.06
CA LYS B 33 -34.23 9.25 -46.82
C LYS B 33 -34.38 10.69 -47.30
N LYS B 34 -35.62 11.06 -47.59
CA LYS B 34 -35.94 12.42 -48.03
C LYS B 34 -36.24 13.30 -46.82
N TYR B 35 -35.91 14.59 -46.95
CA TYR B 35 -36.26 15.56 -45.93
C TYR B 35 -37.78 15.71 -45.86
N LYS B 36 -38.25 16.37 -44.81
CA LYS B 36 -39.65 16.66 -44.59
C LYS B 36 -39.88 18.17 -44.52
N PRO B 37 -41.05 18.67 -44.89
CA PRO B 37 -41.30 20.11 -44.80
C PRO B 37 -41.44 20.56 -43.35
N TYR B 38 -41.15 21.84 -43.12
CA TYR B 38 -41.23 22.42 -41.79
C TYR B 38 -42.67 22.85 -41.52
N VAL B 39 -43.45 21.90 -41.05
CA VAL B 39 -44.85 22.18 -40.69
C VAL B 39 -44.88 22.98 -39.38
N PRO B 40 -45.55 24.13 -39.29
CA PRO B 40 -45.58 24.85 -38.02
C PRO B 40 -46.37 24.11 -36.97
N VAL B 41 -46.19 24.53 -35.72
CA VAL B 41 -46.84 23.86 -34.61
C VAL B 41 -48.33 24.13 -34.63
N THR B 42 -49.13 23.08 -34.64
CA THR B 42 -50.58 23.13 -34.62
C THR B 42 -51.07 23.12 -33.17
N THR B 43 -52.36 22.86 -32.97
CA THR B 43 -52.93 22.80 -31.64
C THR B 43 -52.31 21.65 -30.84
N ASN B 44 -52.78 21.50 -29.59
CA ASN B 44 -52.17 20.61 -28.61
C ASN B 44 -50.75 21.05 -28.29
N CYS B 45 -50.56 22.36 -28.19
CA CYS B 45 -49.34 22.98 -27.71
C CYS B 45 -49.67 23.86 -26.51
N ALA B 46 -48.62 24.29 -25.81
CA ALA B 46 -48.79 25.14 -24.64
C ALA B 46 -48.76 26.61 -25.04
N LYS B 47 -49.77 27.35 -24.58
CA LYS B 47 -49.86 28.77 -24.87
C LYS B 47 -49.13 29.58 -23.81
N GLU B 48 -49.05 30.88 -24.02
CA GLU B 48 -48.31 31.76 -23.12
C GLU B 48 -48.91 31.72 -21.72
N GLY B 49 -48.04 31.56 -20.72
CA GLY B 49 -48.46 31.46 -19.34
C GLY B 49 -48.73 30.06 -18.85
N GLU B 50 -48.79 29.07 -19.75
CA GLU B 50 -49.03 27.69 -19.37
C GLU B 50 -47.71 26.96 -19.15
N VAL B 51 -47.79 25.86 -18.39
CA VAL B 51 -46.59 25.09 -18.06
C VAL B 51 -46.15 24.30 -19.29
N CYS B 52 -44.86 24.41 -19.63
CA CYS B 52 -44.25 23.66 -20.69
C CYS B 52 -43.23 22.68 -20.11
N GLY B 53 -42.80 21.74 -20.95
CA GLY B 53 -41.80 20.76 -20.58
C GLY B 53 -42.37 19.47 -20.03
N TRP B 54 -43.45 19.55 -19.28
CA TRP B 54 -44.05 18.36 -18.65
C TRP B 54 -45.16 17.78 -19.53
N GLY B 55 -44.78 17.38 -20.73
CA GLY B 55 -45.66 16.69 -21.64
C GLY B 55 -46.25 17.52 -22.76
N SER B 56 -45.95 18.82 -22.81
CA SER B 56 -46.48 19.69 -23.85
C SER B 56 -45.44 20.76 -24.19
N LYS B 57 -45.15 20.90 -25.48
CA LYS B 57 -44.22 21.92 -25.94
C LYS B 57 -44.95 23.23 -26.18
N CYS B 58 -44.19 24.33 -26.12
CA CYS B 58 -44.75 25.63 -26.41
C CYS B 58 -45.07 25.75 -27.90
N CYS B 59 -46.12 26.51 -28.21
CA CYS B 59 -46.50 26.76 -29.59
C CYS B 59 -45.38 27.52 -30.31
N HIS B 60 -45.50 27.60 -31.63
CA HIS B 60 -44.39 28.07 -32.46
C HIS B 60 -44.02 29.51 -32.17
N GLY B 61 -44.95 30.31 -31.66
CA GLY B 61 -44.67 31.69 -31.34
C GLY B 61 -44.02 31.94 -29.99
N LEU B 62 -43.71 30.89 -29.23
CA LEU B 62 -43.26 31.01 -27.85
C LEU B 62 -42.04 30.12 -27.60
N ASP B 63 -41.40 30.34 -26.46
CA ASP B 63 -40.24 29.60 -26.02
C ASP B 63 -40.42 29.14 -24.59
N CYS B 64 -39.77 28.02 -24.24
CA CYS B 64 -39.87 27.40 -22.93
C CYS B 64 -38.56 27.65 -22.16
N PRO B 65 -38.55 28.44 -21.08
CA PRO B 65 -37.29 28.71 -20.39
C PRO B 65 -36.71 27.45 -19.74
N LEU B 66 -35.54 27.64 -19.14
CA LEU B 66 -34.83 26.60 -18.41
C LEU B 66 -35.16 26.74 -16.94
N ALA B 67 -36.01 25.85 -16.43
CA ALA B 67 -36.42 25.90 -15.04
C ALA B 67 -37.01 24.54 -14.68
N PHE B 68 -37.27 24.34 -13.39
CA PHE B 68 -37.89 23.11 -12.94
C PHE B 68 -39.34 23.00 -13.41
N ILE B 69 -40.07 24.12 -13.36
CA ILE B 69 -41.45 24.21 -13.84
C ILE B 69 -41.53 25.40 -14.80
N PRO B 70 -41.05 25.29 -16.03
CA PRO B 70 -41.03 26.46 -16.92
C PRO B 70 -42.41 26.78 -17.49
N TYR B 71 -42.56 28.05 -17.90
CA TYR B 71 -43.77 28.57 -18.51
C TYR B 71 -43.43 29.23 -19.84
N CYS B 72 -44.30 29.05 -20.84
CA CYS B 72 -44.04 29.62 -22.15
C CYS B 72 -44.00 31.14 -22.08
N GLU B 73 -43.11 31.74 -22.87
CA GLU B 73 -42.99 33.18 -22.95
C GLU B 73 -42.63 33.59 -24.37
N LYS B 74 -42.91 34.85 -24.70
CA LYS B 74 -42.56 35.36 -26.01
C LYS B 74 -41.05 35.40 -26.19
N TYR B 75 -40.61 35.33 -27.44
CA TYR B 75 -39.19 35.36 -27.75
C TYR B 75 -38.57 36.67 -27.29
N ARG B 76 -37.26 36.64 -27.05
CA ARG B 76 -36.53 37.83 -26.65
C ARG B 76 -36.48 38.82 -27.82
N ASP C 2 -24.88 54.19 -16.61
CA ASP C 2 -23.99 54.92 -17.57
C ASP C 2 -22.94 53.96 -18.12
N CYS C 3 -22.14 54.45 -19.07
CA CYS C 3 -21.13 53.67 -19.76
C CYS C 3 -19.74 54.22 -19.45
N ALA C 4 -18.73 53.43 -19.79
CA ALA C 4 -17.35 53.88 -19.81
C ALA C 4 -17.01 54.44 -21.18
N LYS C 5 -16.39 55.62 -21.20
CA LYS C 5 -16.01 56.27 -22.43
C LYS C 5 -14.64 55.76 -22.88
N GLU C 6 -14.24 56.18 -24.08
CA GLU C 6 -12.93 55.79 -24.61
C GLU C 6 -11.82 56.24 -23.67
N GLY C 7 -10.95 55.30 -23.34
CA GLY C 7 -9.86 55.54 -22.41
C GLY C 7 -10.20 55.36 -20.95
N GLU C 8 -11.46 55.07 -20.62
CA GLU C 8 -11.89 54.85 -19.25
C GLU C 8 -11.92 53.36 -18.93
N VAL C 9 -11.83 53.05 -17.64
CA VAL C 9 -11.74 51.66 -17.19
C VAL C 9 -13.09 50.99 -17.33
N CYS C 10 -13.12 49.84 -18.00
CA CYS C 10 -14.32 49.03 -18.19
C CYS C 10 -14.24 47.77 -17.35
N SER C 11 -15.40 47.12 -17.22
CA SER C 11 -15.57 45.82 -16.57
C SER C 11 -15.50 45.86 -15.05
N TRP C 12 -15.14 46.99 -14.46
CA TRP C 12 -15.22 47.19 -13.01
C TRP C 12 -16.42 48.07 -12.67
N GLY C 13 -17.60 47.56 -13.01
CA GLY C 13 -18.86 48.22 -12.74
C GLY C 13 -19.49 48.91 -13.93
N LYS C 14 -18.75 49.11 -15.03
CA LYS C 14 -19.26 49.78 -16.20
C LYS C 14 -18.78 49.09 -17.46
N LYS C 15 -19.67 49.02 -18.46
CA LYS C 15 -19.33 48.52 -19.79
C LYS C 15 -19.13 49.69 -20.74
N CYS C 16 -18.44 49.41 -21.86
CA CYS C 16 -18.22 50.43 -22.86
C CYS C 16 -19.48 50.64 -23.70
N CYS C 17 -19.75 51.89 -24.05
CA CYS C 17 -20.85 52.24 -24.92
C CYS C 17 -20.39 52.24 -26.37
N ASP C 18 -21.38 52.22 -27.28
CA ASP C 18 -21.13 52.24 -28.71
C ASP C 18 -20.25 51.05 -29.11
N LEU C 19 -20.75 49.85 -28.81
CA LEU C 19 -20.00 48.62 -29.05
C LEU C 19 -19.80 48.33 -30.54
N ASP C 20 -20.50 49.03 -31.43
CA ASP C 20 -20.23 48.90 -32.85
C ASP C 20 -18.88 49.50 -33.24
N ASN C 21 -18.26 50.31 -32.36
CA ASN C 21 -16.99 50.95 -32.63
C ASN C 21 -15.94 50.73 -31.54
N PHE C 22 -16.34 50.33 -30.33
CA PHE C 22 -15.43 50.19 -29.20
C PHE C 22 -15.60 48.82 -28.55
N TYR C 23 -14.54 48.39 -27.86
CA TYR C 23 -14.54 47.10 -27.18
C TYR C 23 -13.69 47.19 -25.91
N CYS C 24 -14.00 46.30 -24.97
CA CYS C 24 -13.27 46.21 -23.70
C CYS C 24 -12.30 45.04 -23.75
N PRO C 25 -10.98 45.24 -23.73
CA PRO C 25 -10.06 44.12 -23.90
C PRO C 25 -9.96 43.26 -22.65
N MET C 26 -9.10 42.25 -22.72
CA MET C 26 -8.85 41.28 -21.65
C MET C 26 -7.48 41.60 -21.04
N GLU C 27 -7.46 42.46 -20.01
CA GLU C 27 -6.20 42.95 -19.46
C GLU C 27 -6.20 43.09 -17.93
N PHE C 28 -7.27 42.70 -17.24
CA PHE C 28 -7.41 42.75 -15.77
C PHE C 28 -7.60 44.17 -15.22
N ILE C 29 -7.33 45.20 -16.02
CA ILE C 29 -7.80 46.57 -15.78
C ILE C 29 -8.02 47.14 -17.18
N PRO C 30 -8.99 46.64 -17.93
CA PRO C 30 -9.12 47.04 -19.33
C PRO C 30 -9.68 48.45 -19.48
N HIS C 31 -9.29 49.08 -20.59
CA HIS C 31 -9.80 50.37 -21.00
C HIS C 31 -10.46 50.22 -22.37
N CYS C 32 -11.55 50.97 -22.58
CA CYS C 32 -12.27 50.88 -23.84
C CYS C 32 -11.40 51.35 -24.99
N LYS C 33 -11.25 50.50 -26.00
CA LYS C 33 -10.41 50.78 -27.16
C LYS C 33 -11.26 50.74 -28.43
N LYS C 34 -10.83 51.50 -29.43
CA LYS C 34 -11.54 51.56 -30.70
C LYS C 34 -11.03 50.49 -31.65
N TYR C 35 -11.94 49.97 -32.47
CA TYR C 35 -11.57 49.00 -33.48
C TYR C 35 -10.66 49.64 -34.52
N LYS C 36 -10.01 48.80 -35.32
CA LYS C 36 -9.12 49.21 -36.40
C LYS C 36 -9.69 48.77 -37.74
N PRO C 37 -9.38 49.47 -38.84
CA PRO C 37 -9.90 49.04 -40.14
C PRO C 37 -9.23 47.76 -40.60
N TYR C 38 -9.94 46.99 -41.41
CA TYR C 38 -9.43 45.73 -41.95
C TYR C 38 -8.53 46.05 -43.14
N VAL C 39 -7.27 46.32 -42.85
CA VAL C 39 -6.29 46.60 -43.91
C VAL C 39 -5.92 45.27 -44.58
N PRO C 40 -5.98 45.15 -45.91
CA PRO C 40 -5.59 43.88 -46.52
C PRO C 40 -4.09 43.66 -46.43
N VAL C 41 -3.68 42.42 -46.69
CA VAL C 41 -2.28 42.06 -46.55
C VAL C 41 -1.47 42.74 -47.65
N THR C 42 -0.47 43.51 -47.24
CA THR C 42 0.42 44.24 -48.13
C THR C 42 1.64 43.36 -48.46
N THR C 43 2.68 43.97 -49.01
CA THR C 43 3.90 43.25 -49.37
C THR C 43 4.57 42.66 -48.12
N ASN C 44 5.67 41.95 -48.35
CA ASN C 44 6.39 41.12 -47.37
C ASN C 44 5.63 39.86 -46.98
N CYS C 45 4.53 39.54 -47.68
CA CYS C 45 3.82 38.29 -47.47
C CYS C 45 4.43 37.18 -48.33
N ALA C 46 4.03 35.95 -48.04
CA ALA C 46 4.47 34.79 -48.80
C ALA C 46 3.51 34.54 -49.95
N LYS C 47 4.05 34.45 -51.16
CA LYS C 47 3.24 34.24 -52.35
C LYS C 47 3.00 32.75 -52.57
N GLU C 48 2.18 32.44 -53.58
CA GLU C 48 1.82 31.06 -53.88
C GLU C 48 3.05 30.23 -54.20
N GLY C 49 3.16 29.06 -53.57
CA GLY C 49 4.28 28.18 -53.75
C GLY C 49 5.43 28.38 -52.79
N GLU C 50 5.41 29.46 -52.01
CA GLU C 50 6.47 29.75 -51.05
C GLU C 50 6.11 29.21 -49.67
N VAL C 51 7.13 29.00 -48.85
CA VAL C 51 6.94 28.43 -47.52
C VAL C 51 6.33 29.47 -46.61
N CYS C 52 5.27 29.10 -45.90
CA CYS C 52 4.62 29.92 -44.90
C CYS C 52 4.78 29.28 -43.53
N GLY C 53 4.42 30.05 -42.50
CA GLY C 53 4.49 29.60 -41.13
C GLY C 53 5.81 29.87 -40.46
N TRP C 54 6.91 29.68 -41.17
CA TRP C 54 8.25 29.86 -40.60
C TRP C 54 8.74 31.30 -40.82
N GLY C 55 8.03 32.23 -40.21
CA GLY C 55 8.40 33.63 -40.20
C GLY C 55 7.69 34.51 -41.19
N SER C 56 6.86 33.95 -42.07
CA SER C 56 6.14 34.71 -43.07
C SER C 56 4.75 34.12 -43.26
N LYS C 57 3.74 34.99 -43.33
CA LYS C 57 2.36 34.59 -43.53
C LYS C 57 1.95 34.80 -44.98
N CYS C 58 0.97 34.02 -45.41
CA CYS C 58 0.53 34.06 -46.81
C CYS C 58 -0.18 35.36 -47.12
N CYS C 59 -0.19 35.71 -48.40
CA CYS C 59 -0.76 36.97 -48.86
C CYS C 59 -2.29 36.94 -48.73
N HIS C 60 -2.92 38.02 -49.19
CA HIS C 60 -4.35 38.23 -48.93
C HIS C 60 -5.20 37.12 -49.52
N GLY C 61 -4.95 36.75 -50.77
CA GLY C 61 -5.75 35.76 -51.45
C GLY C 61 -5.36 34.32 -51.21
N LEU C 62 -4.37 34.06 -50.36
CA LEU C 62 -3.80 32.75 -50.17
C LEU C 62 -4.03 32.26 -48.74
N ASP C 63 -3.76 30.97 -48.54
CA ASP C 63 -3.92 30.31 -47.25
C ASP C 63 -2.75 29.35 -47.03
N CYS C 64 -2.45 29.11 -45.75
CA CYS C 64 -1.32 28.29 -45.32
C CYS C 64 -1.84 26.96 -44.78
N PRO C 65 -1.60 25.81 -45.44
CA PRO C 65 -2.14 24.55 -44.90
C PRO C 65 -1.54 24.13 -43.57
N LEU C 66 -2.01 23.01 -43.06
CA LEU C 66 -1.51 22.43 -41.81
C LEU C 66 -0.48 21.36 -42.16
N ALA C 67 0.79 21.69 -41.99
CA ALA C 67 1.87 20.76 -42.30
C ALA C 67 3.13 21.24 -41.58
N PHE C 68 4.15 20.38 -41.56
CA PHE C 68 5.41 20.76 -40.94
C PHE C 68 6.11 21.86 -41.72
N ILE C 69 6.06 21.79 -43.05
CA ILE C 69 6.62 22.81 -43.94
C ILE C 69 5.52 23.21 -44.92
N PRO C 70 4.55 24.03 -44.52
CA PRO C 70 3.43 24.34 -45.43
C PRO C 70 3.81 25.34 -46.50
N TYR C 71 3.04 25.31 -47.59
CA TYR C 71 3.21 26.21 -48.73
C TYR C 71 1.89 26.91 -49.03
N CYS C 72 1.95 28.19 -49.38
CA CYS C 72 0.74 28.95 -49.64
C CYS C 72 0.01 28.40 -50.85
N GLU C 73 -1.32 28.42 -50.78
CA GLU C 73 -2.16 28.00 -51.90
C GLU C 73 -3.42 28.84 -51.94
N LYS C 74 -4.04 28.90 -53.12
CA LYS C 74 -5.23 29.72 -53.29
C LYS C 74 -6.38 29.17 -52.43
N TYR C 75 -7.27 30.08 -52.02
CA TYR C 75 -8.49 29.66 -51.35
C TYR C 75 -9.27 28.72 -52.25
N ARG C 76 -9.76 27.62 -51.68
CA ARG C 76 -10.47 26.58 -52.43
C ARG C 76 -9.59 26.05 -53.55
N ASP D 46 -17.77 -64.54 4.62
CA ASP D 46 -19.15 -64.21 4.32
C ASP D 46 -19.41 -64.38 2.82
N PRO D 47 -20.62 -64.80 2.42
CA PRO D 47 -20.87 -65.01 0.99
C PRO D 47 -20.99 -63.72 0.20
N GLU D 48 -21.27 -62.59 0.85
CA GLU D 48 -21.46 -61.34 0.11
C GLU D 48 -20.14 -60.77 -0.36
N THR D 49 -19.10 -60.82 0.48
CA THR D 49 -17.82 -60.19 0.22
C THR D 49 -16.64 -61.15 0.15
N GLY D 50 -16.78 -62.37 0.64
CA GLY D 50 -15.68 -63.31 0.69
C GLY D 50 -14.75 -63.16 1.88
N LYS D 51 -15.08 -62.28 2.82
CA LYS D 51 -14.27 -62.09 4.01
C LYS D 51 -14.26 -63.37 4.85
N THR D 52 -13.08 -63.75 5.33
CA THR D 52 -12.88 -64.98 6.09
C THR D 52 -12.58 -64.65 7.55
N CYS D 53 -12.32 -65.69 8.34
CA CYS D 53 -12.13 -65.51 9.78
C CYS D 53 -10.84 -64.75 10.07
N LEU D 54 -9.78 -64.99 9.30
CA LEU D 54 -8.51 -64.32 9.56
C LEU D 54 -8.65 -62.81 9.37
N LEU D 55 -9.33 -62.39 8.31
CA LEU D 55 -9.54 -60.96 8.10
C LEU D 55 -10.39 -60.34 9.20
N LYS D 56 -11.42 -61.06 9.65
CA LYS D 56 -12.24 -60.58 10.76
C LYS D 56 -11.41 -60.42 12.02
N ALA D 57 -10.54 -61.39 12.31
CA ALA D 57 -9.69 -61.30 13.49
C ALA D 57 -8.72 -60.13 13.38
N MET D 58 -8.14 -59.93 12.20
CA MET D 58 -7.17 -58.86 12.02
C MET D 58 -7.82 -57.48 12.09
N LEU D 59 -9.06 -57.35 11.61
CA LEU D 59 -9.74 -56.06 11.64
C LEU D 59 -10.23 -55.68 13.03
N ASN D 60 -10.19 -56.59 14.02
CA ASN D 60 -10.74 -56.36 15.34
C ASN D 60 -9.73 -56.78 16.42
N LEU D 61 -8.50 -56.30 16.31
CA LEU D 61 -7.46 -56.53 17.30
C LEU D 61 -7.32 -55.30 18.19
N HIS D 62 -6.90 -55.54 19.43
CA HIS D 62 -6.76 -54.49 20.44
C HIS D 62 -5.33 -54.48 20.97
N ASN D 63 -4.75 -53.28 21.04
CA ASN D 63 -3.38 -53.08 21.53
C ASN D 63 -2.38 -53.90 20.74
N GLY D 64 -2.63 -54.10 19.44
CA GLY D 64 -1.70 -54.81 18.59
C GLY D 64 -1.71 -56.31 18.73
N GLN D 65 -2.65 -56.89 19.48
CA GLN D 65 -2.67 -58.31 19.76
C GLN D 65 -4.09 -58.86 19.60
N ASN D 66 -4.16 -60.09 19.08
CA ASN D 66 -5.42 -60.83 19.02
C ASN D 66 -5.06 -62.31 18.95
N ASP D 67 -5.32 -63.04 20.04
CA ASP D 67 -4.90 -64.43 20.12
C ASP D 67 -5.60 -65.32 19.10
N THR D 68 -6.74 -64.89 18.55
CA THR D 68 -7.46 -65.72 17.59
C THR D 68 -6.65 -65.96 16.32
N ILE D 69 -5.77 -65.01 15.96
CA ILE D 69 -5.03 -65.12 14.70
C ILE D 69 -4.12 -66.33 14.71
N ALA D 70 -3.35 -66.50 15.79
CA ALA D 70 -2.42 -67.62 15.89
C ALA D 70 -3.18 -68.94 15.91
N LEU D 71 -4.31 -68.99 16.61
CA LEU D 71 -5.11 -70.21 16.63
C LEU D 71 -5.63 -70.55 15.23
N LEU D 72 -6.12 -69.56 14.49
CA LEU D 72 -6.59 -69.81 13.13
C LEU D 72 -5.46 -70.30 12.24
N LEU D 73 -4.28 -69.68 12.33
CA LEU D 73 -3.17 -70.10 11.48
C LEU D 73 -2.71 -71.52 11.84
N ASP D 74 -2.67 -71.84 13.14
CA ASP D 74 -2.24 -73.17 13.55
C ASP D 74 -3.24 -74.24 13.13
N VAL D 75 -4.53 -73.95 13.28
CA VAL D 75 -5.56 -74.92 12.88
C VAL D 75 -5.54 -75.11 11.37
N ALA D 76 -5.34 -74.02 10.62
CA ALA D 76 -5.20 -74.13 9.16
C ALA D 76 -3.99 -74.96 8.79
N ARG D 77 -2.87 -74.78 9.50
CA ARG D 77 -1.69 -75.58 9.24
C ARG D 77 -1.97 -77.06 9.49
N LYS D 78 -2.66 -77.37 10.58
CA LYS D 78 -2.88 -78.76 10.95
C LYS D 78 -3.96 -79.44 10.10
N THR D 79 -4.92 -78.69 9.57
CA THR D 79 -6.04 -79.33 8.89
C THR D 79 -5.64 -79.96 7.56
N ASP D 80 -5.31 -79.13 6.56
CA ASP D 80 -4.78 -79.62 5.29
C ASP D 80 -3.58 -78.82 4.81
N SER D 81 -3.63 -77.50 4.98
CA SER D 81 -2.60 -76.61 4.46
C SER D 81 -2.95 -75.19 4.91
N LEU D 82 -1.96 -74.30 4.79
CA LEU D 82 -2.10 -72.90 5.18
C LEU D 82 -2.13 -71.93 4.01
N LYS D 83 -1.65 -72.32 2.83
CA LYS D 83 -1.48 -71.36 1.74
C LYS D 83 -2.81 -70.77 1.28
N GLN D 84 -3.83 -71.60 1.11
CA GLN D 84 -5.12 -71.09 0.67
C GLN D 84 -5.83 -70.26 1.74
N PHE D 85 -5.47 -70.46 3.01
CA PHE D 85 -6.13 -69.74 4.10
C PHE D 85 -5.49 -68.37 4.32
N VAL D 86 -4.16 -68.31 4.39
CA VAL D 86 -3.49 -67.05 4.68
C VAL D 86 -3.65 -66.05 3.55
N ASN D 87 -3.73 -66.53 2.30
CA ASN D 87 -3.85 -65.66 1.13
C ASN D 87 -5.30 -65.39 0.74
N ALA D 88 -6.23 -65.54 1.68
CA ALA D 88 -7.62 -65.19 1.40
C ALA D 88 -7.74 -63.68 1.16
N SER D 89 -8.71 -63.30 0.34
CA SER D 89 -8.88 -61.91 -0.04
C SER D 89 -10.35 -61.66 -0.35
N TYR D 90 -10.71 -60.37 -0.33
CA TYR D 90 -12.07 -59.96 -0.65
C TYR D 90 -12.38 -60.25 -2.11
N THR D 91 -13.65 -60.54 -2.38
CA THR D 91 -14.15 -60.76 -3.73
C THR D 91 -15.08 -59.67 -4.23
N ASP D 92 -15.63 -58.84 -3.34
CA ASP D 92 -16.50 -57.75 -3.78
C ASP D 92 -15.69 -56.70 -4.52
N SER D 93 -16.37 -56.00 -5.44
CA SER D 93 -15.68 -55.07 -6.32
C SER D 93 -15.14 -53.86 -5.57
N TYR D 94 -15.76 -53.48 -4.46
CA TYR D 94 -15.38 -52.24 -3.79
C TYR D 94 -14.03 -52.37 -3.10
N TYR D 95 -13.78 -53.50 -2.42
CA TYR D 95 -12.50 -53.79 -1.77
C TYR D 95 -11.79 -54.97 -2.42
N LYS D 96 -11.97 -55.14 -3.74
CA LYS D 96 -11.43 -56.30 -4.43
C LYS D 96 -9.92 -56.39 -4.29
N GLY D 97 -9.44 -57.60 -3.94
CA GLY D 97 -8.03 -57.90 -3.91
C GLY D 97 -7.34 -57.67 -2.57
N GLN D 98 -7.98 -56.99 -1.63
CA GLN D 98 -7.35 -56.74 -0.34
C GLN D 98 -7.15 -58.05 0.41
N THR D 99 -5.97 -58.20 1.02
CA THR D 99 -5.62 -59.40 1.76
C THR D 99 -4.98 -59.05 3.10
N ALA D 100 -4.44 -60.06 3.79
CA ALA D 100 -3.96 -59.85 5.17
C ALA D 100 -2.78 -58.89 5.23
N LEU D 101 -1.89 -58.93 4.22
CA LEU D 101 -0.71 -58.07 4.26
C LEU D 101 -1.08 -56.59 4.24
N HIS D 102 -2.08 -56.22 3.44
CA HIS D 102 -2.50 -54.83 3.39
C HIS D 102 -3.03 -54.37 4.75
N ILE D 103 -3.82 -55.21 5.42
CA ILE D 103 -4.34 -54.85 6.73
C ILE D 103 -3.21 -54.75 7.74
N ALA D 104 -2.24 -55.68 7.68
CA ALA D 104 -1.11 -55.64 8.59
C ALA D 104 -0.30 -54.36 8.41
N ILE D 105 -0.09 -53.93 7.17
CA ILE D 105 0.68 -52.72 6.92
C ILE D 105 -0.13 -51.49 7.37
N GLU D 106 -1.44 -51.48 7.11
CA GLU D 106 -2.26 -50.34 7.46
C GLU D 106 -2.28 -50.11 8.97
N ARG D 107 -2.35 -51.18 9.74
CA ARG D 107 -2.33 -51.09 11.21
C ARG D 107 -0.95 -50.77 11.77
N ARG D 108 0.09 -50.74 10.92
CA ARG D 108 1.45 -50.44 11.36
C ARG D 108 1.93 -51.45 12.40
N ASN D 109 1.56 -52.72 12.19
CA ASN D 109 1.91 -53.83 13.08
C ASN D 109 2.98 -54.66 12.39
N MET D 110 4.23 -54.50 12.83
CA MET D 110 5.34 -55.20 12.18
C MET D 110 5.27 -56.70 12.42
N THR D 111 4.80 -57.12 13.60
CA THR D 111 4.76 -58.55 13.92
C THR D 111 3.85 -59.31 12.97
N LEU D 112 2.68 -58.75 12.67
CA LEU D 112 1.77 -59.40 11.75
C LEU D 112 2.36 -59.48 10.36
N VAL D 113 3.07 -58.44 9.93
CA VAL D 113 3.72 -58.46 8.61
C VAL D 113 4.74 -59.58 8.56
N THR D 114 5.59 -59.67 9.59
CA THR D 114 6.63 -60.71 9.61
C THR D 114 6.02 -62.10 9.62
N LEU D 115 4.96 -62.30 10.42
CA LEU D 115 4.33 -63.61 10.49
C LEU D 115 3.64 -63.97 9.18
N LEU D 116 2.95 -63.01 8.56
CA LEU D 116 2.25 -63.29 7.31
C LEU D 116 3.23 -63.63 6.20
N VAL D 117 4.35 -62.91 6.12
CA VAL D 117 5.37 -63.24 5.14
C VAL D 117 5.97 -64.61 5.45
N GLU D 118 6.21 -64.89 6.72
CA GLU D 118 6.75 -66.19 7.12
C GLU D 118 5.80 -67.33 6.76
N ASN D 119 4.49 -67.10 6.88
CA ASN D 119 3.50 -68.14 6.65
C ASN D 119 3.19 -68.38 5.18
N GLY D 120 3.83 -67.65 4.26
CA GLY D 120 3.63 -67.86 2.84
C GLY D 120 2.67 -66.91 2.17
N ALA D 121 2.37 -65.77 2.78
CA ALA D 121 1.52 -64.78 2.13
C ALA D 121 2.19 -64.22 0.89
N ASP D 122 1.40 -63.96 -0.15
CA ASP D 122 1.94 -63.48 -1.42
C ASP D 122 2.17 -61.99 -1.32
N VAL D 123 3.44 -61.58 -1.32
CA VAL D 123 3.79 -60.16 -1.20
C VAL D 123 3.44 -59.36 -2.44
N GLN D 124 3.17 -60.01 -3.57
CA GLN D 124 2.84 -59.34 -4.82
C GLN D 124 1.34 -59.35 -5.10
N ALA D 125 0.52 -59.43 -4.06
CA ALA D 125 -0.93 -59.39 -4.22
C ALA D 125 -1.38 -57.97 -4.56
N ALA D 126 -2.23 -57.83 -5.57
CA ALA D 126 -2.67 -56.54 -6.07
C ALA D 126 -4.10 -56.28 -5.60
N ALA D 127 -4.29 -55.18 -4.89
CA ALA D 127 -5.60 -54.74 -4.41
C ALA D 127 -6.07 -53.62 -5.34
N ASN D 128 -6.98 -53.97 -6.26
CA ASN D 128 -7.42 -53.06 -7.32
C ASN D 128 -8.93 -52.81 -7.25
N GLY D 129 -9.47 -52.68 -6.04
CA GLY D 129 -10.86 -52.32 -5.89
C GLY D 129 -11.11 -50.86 -6.21
N ASP D 130 -12.39 -50.51 -6.28
CA ASP D 130 -12.75 -49.12 -6.55
C ASP D 130 -12.30 -48.18 -5.44
N PHE D 131 -12.27 -48.67 -4.20
CA PHE D 131 -11.79 -47.84 -3.10
C PHE D 131 -10.30 -47.54 -3.20
N PHE D 132 -9.52 -48.38 -3.89
CA PHE D 132 -8.08 -48.26 -3.95
C PHE D 132 -7.58 -47.63 -5.25
N LYS D 133 -8.41 -46.82 -5.91
CA LYS D 133 -7.99 -46.13 -7.11
C LYS D 133 -8.83 -44.88 -7.29
N LYS D 134 -8.42 -44.03 -8.23
CA LYS D 134 -9.13 -42.79 -8.52
C LYS D 134 -10.53 -43.07 -9.04
N ARG D 138 -14.84 -39.61 -5.45
CA ARG D 138 -15.40 -40.54 -4.49
C ARG D 138 -14.36 -40.86 -3.40
N PRO D 139 -14.79 -41.43 -2.27
CA PRO D 139 -13.82 -41.82 -1.25
C PRO D 139 -12.85 -42.87 -1.76
N GLY D 140 -11.63 -42.82 -1.27
CA GLY D 140 -10.62 -43.78 -1.64
C GLY D 140 -9.23 -43.27 -1.33
N PHE D 141 -8.25 -44.12 -1.61
CA PHE D 141 -6.84 -43.78 -1.41
C PHE D 141 -6.01 -44.63 -2.34
N TYR D 142 -5.36 -43.98 -3.32
CA TYR D 142 -4.53 -44.66 -4.29
C TYR D 142 -3.09 -44.70 -3.77
N PHE D 143 -2.54 -45.91 -3.64
CA PHE D 143 -1.21 -46.12 -3.12
C PHE D 143 -0.34 -47.01 -4.03
N GLY D 144 -0.81 -47.34 -5.23
CA GLY D 144 -0.09 -48.22 -6.12
C GLY D 144 -0.48 -49.68 -6.05
N GLU D 145 -1.51 -50.03 -5.28
CA GLU D 145 -2.15 -51.34 -5.30
C GLU D 145 -1.30 -52.48 -4.74
N LEU D 146 -0.07 -52.21 -4.30
CA LEU D 146 0.85 -53.26 -3.87
C LEU D 146 1.33 -53.02 -2.44
N PRO D 147 1.65 -54.08 -1.67
CA PRO D 147 2.12 -53.85 -0.30
C PRO D 147 3.41 -53.06 -0.21
N LEU D 148 4.32 -53.20 -1.17
CA LEU D 148 5.55 -52.42 -1.13
C LEU D 148 5.26 -50.94 -1.33
N SER D 149 4.42 -50.60 -2.31
CA SER D 149 4.01 -49.22 -2.49
C SER D 149 3.21 -48.72 -1.30
N LEU D 150 2.42 -49.59 -0.67
CA LEU D 150 1.67 -49.19 0.52
C LEU D 150 2.61 -48.82 1.65
N ALA D 151 3.64 -49.64 1.89
CA ALA D 151 4.61 -49.35 2.93
C ALA D 151 5.38 -48.08 2.62
N ALA D 152 5.75 -47.89 1.35
CA ALA D 152 6.49 -46.70 0.97
C ALA D 152 5.65 -45.44 1.16
N CYS D 153 4.38 -45.48 0.76
CA CYS D 153 3.53 -44.29 0.80
C CYS D 153 3.09 -43.94 2.21
N THR D 154 3.14 -44.87 3.16
CA THR D 154 2.76 -44.61 4.55
C THR D 154 3.96 -44.30 5.43
N ASN D 155 5.16 -44.16 4.86
CA ASN D 155 6.35 -43.78 5.60
C ASN D 155 6.70 -44.83 6.67
N GLN D 156 6.69 -46.09 6.27
CA GLN D 156 7.10 -47.22 7.11
C GLN D 156 8.32 -47.84 6.44
N LEU D 157 9.51 -47.34 6.79
CA LEU D 157 10.74 -47.78 6.13
C LEU D 157 11.08 -49.22 6.50
N ALA D 158 10.83 -49.62 7.75
CA ALA D 158 11.20 -50.95 8.20
C ALA D 158 10.47 -52.03 7.40
N ILE D 159 9.18 -51.81 7.12
CA ILE D 159 8.43 -52.78 6.34
C ILE D 159 8.96 -52.83 4.92
N VAL D 160 9.36 -51.67 4.37
CA VAL D 160 9.93 -51.65 3.01
C VAL D 160 11.19 -52.49 2.96
N LYS D 161 12.09 -52.29 3.93
CA LYS D 161 13.33 -53.06 3.95
C LYS D 161 13.05 -54.55 4.14
N PHE D 162 12.12 -54.90 5.04
CA PHE D 162 11.79 -56.30 5.25
C PHE D 162 11.22 -56.93 3.98
N LEU D 163 10.27 -56.24 3.33
CA LEU D 163 9.68 -56.76 2.10
C LEU D 163 10.71 -56.95 1.02
N LEU D 164 11.70 -56.04 0.95
CA LEU D 164 12.70 -56.14 -0.10
C LEU D 164 13.71 -57.26 0.17
N GLN D 165 14.11 -57.46 1.43
CA GLN D 165 15.20 -58.38 1.75
C GLN D 165 14.85 -59.24 2.98
N ASN D 166 13.68 -59.89 2.95
CA ASN D 166 13.37 -60.93 3.93
C ASN D 166 13.96 -62.25 3.47
N SER D 167 13.79 -63.30 4.29
CA SER D 167 14.35 -64.61 4.01
C SER D 167 13.43 -65.51 3.21
N TRP D 168 12.13 -65.22 3.15
CA TRP D 168 11.14 -66.13 2.59
C TRP D 168 10.70 -65.77 1.19
N GLN D 169 10.36 -64.50 0.94
CA GLN D 169 9.83 -64.08 -0.35
C GLN D 169 10.11 -62.59 -0.56
N PRO D 170 11.22 -62.21 -1.20
CA PRO D 170 11.47 -60.79 -1.43
C PRO D 170 10.50 -60.20 -2.45
N ALA D 171 10.24 -58.91 -2.29
CA ALA D 171 9.33 -58.20 -3.18
C ALA D 171 10.05 -57.78 -4.46
N ASP D 172 9.28 -57.63 -5.53
CA ASP D 172 9.81 -57.23 -6.83
C ASP D 172 9.82 -55.71 -6.89
N ILE D 173 11.02 -55.13 -6.77
CA ILE D 173 11.16 -53.67 -6.72
C ILE D 173 10.76 -53.01 -8.03
N SER D 174 10.76 -53.74 -9.14
CA SER D 174 10.44 -53.19 -10.46
C SER D 174 9.01 -53.49 -10.89
N ALA D 175 8.17 -54.00 -10.00
CA ALA D 175 6.81 -54.38 -10.38
C ALA D 175 5.97 -53.14 -10.66
N ARG D 176 4.93 -53.33 -11.48
CA ARG D 176 4.01 -52.28 -11.88
C ARG D 176 2.58 -52.68 -11.58
N ASP D 177 1.75 -51.69 -11.25
CA ASP D 177 0.35 -51.91 -10.95
C ASP D 177 -0.44 -51.91 -12.26
N SER D 178 -1.78 -51.87 -12.15
CA SER D 178 -2.63 -51.88 -13.33
C SER D 178 -2.39 -50.68 -14.22
N VAL D 179 -2.08 -49.52 -13.63
CA VAL D 179 -1.81 -48.31 -14.41
C VAL D 179 -0.43 -48.31 -15.03
N GLY D 180 0.47 -49.18 -14.57
CA GLY D 180 1.85 -49.17 -15.00
C GLY D 180 2.79 -48.40 -14.11
N ASN D 181 2.34 -47.99 -12.93
CA ASN D 181 3.13 -47.16 -12.03
C ASN D 181 3.97 -48.05 -11.11
N THR D 182 5.27 -47.74 -11.02
CA THR D 182 6.16 -48.39 -10.08
C THR D 182 6.04 -47.72 -8.71
N VAL D 183 6.90 -48.13 -7.78
CA VAL D 183 6.87 -47.53 -6.44
C VAL D 183 7.20 -46.04 -6.50
N LEU D 184 8.14 -45.67 -7.36
CA LEU D 184 8.54 -44.26 -7.46
C LEU D 184 7.44 -43.42 -8.09
N HIS D 185 6.71 -43.96 -9.07
CA HIS D 185 5.54 -43.27 -9.61
C HIS D 185 4.51 -43.05 -8.52
N ALA D 186 4.29 -44.06 -7.68
CA ALA D 186 3.35 -43.90 -6.56
C ALA D 186 3.81 -42.82 -5.59
N LEU D 187 5.11 -42.78 -5.31
CA LEU D 187 5.62 -41.74 -4.41
C LEU D 187 5.43 -40.36 -5.01
N VAL D 188 5.65 -40.22 -6.32
CA VAL D 188 5.39 -38.95 -6.98
C VAL D 188 3.91 -38.59 -6.90
N GLU D 189 3.04 -39.59 -7.07
CA GLU D 189 1.60 -39.33 -7.15
C GLU D 189 1.04 -38.80 -5.83
N VAL D 190 1.56 -39.26 -4.70
CA VAL D 190 1.00 -38.92 -3.39
C VAL D 190 1.61 -37.64 -2.82
N ALA D 191 2.34 -36.89 -3.65
CA ALA D 191 2.92 -35.63 -3.22
C ALA D 191 1.93 -34.49 -3.40
N ASP D 192 1.88 -33.59 -2.41
CA ASP D 192 1.02 -32.41 -2.47
C ASP D 192 1.76 -31.11 -2.19
N ASN D 193 3.10 -31.13 -2.21
CA ASN D 193 3.95 -29.95 -2.14
C ASN D 193 3.91 -29.24 -0.79
N THR D 194 3.41 -29.88 0.27
CA THR D 194 3.52 -29.34 1.61
C THR D 194 4.86 -29.75 2.23
N VAL D 195 5.15 -29.18 3.40
CA VAL D 195 6.49 -29.32 3.98
C VAL D 195 6.74 -30.75 4.44
N ASP D 196 5.86 -31.28 5.31
CA ASP D 196 6.09 -32.61 5.85
C ASP D 196 5.95 -33.68 4.77
N ASN D 197 4.99 -33.48 3.86
CA ASN D 197 4.83 -34.40 2.74
C ASN D 197 6.09 -34.44 1.90
N THR D 198 6.64 -33.27 1.58
CA THR D 198 7.87 -33.21 0.79
C THR D 198 9.01 -33.89 1.51
N LYS D 199 9.15 -33.65 2.83
CA LYS D 199 10.23 -34.27 3.59
C LYS D 199 10.17 -35.79 3.51
N PHE D 200 9.02 -36.38 3.84
CA PHE D 200 8.98 -37.84 3.93
C PHE D 200 9.02 -38.47 2.54
N VAL D 201 8.38 -37.84 1.55
CA VAL D 201 8.40 -38.40 0.20
C VAL D 201 9.82 -38.38 -0.36
N THR D 202 10.55 -37.28 -0.15
CA THR D 202 11.92 -37.20 -0.63
C THR D 202 12.80 -38.24 0.04
N SER D 203 12.69 -38.37 1.36
CA SER D 203 13.53 -39.33 2.06
C SER D 203 13.24 -40.76 1.62
N MET D 204 11.96 -41.11 1.47
CA MET D 204 11.61 -42.46 1.05
C MET D 204 12.09 -42.72 -0.38
N TYR D 205 11.96 -41.73 -1.26
CA TYR D 205 12.44 -41.88 -2.62
C TYR D 205 13.94 -42.16 -2.64
N ASN D 206 14.71 -41.39 -1.88
CA ASN D 206 16.16 -41.57 -1.85
C ASN D 206 16.53 -42.95 -1.32
N GLU D 207 15.90 -43.37 -0.22
CA GLU D 207 16.22 -44.65 0.39
C GLU D 207 15.90 -45.81 -0.55
N ILE D 208 14.73 -45.75 -1.20
CA ILE D 208 14.36 -46.83 -2.11
C ILE D 208 15.30 -46.88 -3.31
N LEU D 209 15.70 -45.71 -3.82
CA LEU D 209 16.62 -45.71 -4.95
C LEU D 209 17.96 -46.33 -4.57
N ILE D 210 18.47 -46.00 -3.38
CA ILE D 210 19.75 -46.57 -2.98
C ILE D 210 19.63 -48.09 -2.77
N LEU D 211 18.55 -48.54 -2.13
CA LEU D 211 18.38 -49.98 -1.93
C LEU D 211 18.23 -50.70 -3.26
N GLY D 212 17.50 -50.12 -4.21
CA GLY D 212 17.39 -50.73 -5.52
C GLY D 212 18.72 -50.80 -6.24
N ALA D 213 19.55 -49.76 -6.08
CA ALA D 213 20.89 -49.81 -6.65
C ALA D 213 21.72 -50.93 -6.02
N LYS D 214 21.59 -51.12 -4.71
CA LYS D 214 22.40 -52.16 -4.05
C LYS D 214 21.93 -53.56 -4.42
N LEU D 215 20.63 -53.80 -4.46
CA LEU D 215 20.14 -55.15 -4.73
C LEU D 215 20.29 -55.52 -6.20
N HIS D 216 20.06 -54.56 -7.10
CA HIS D 216 20.07 -54.79 -8.55
C HIS D 216 20.93 -53.70 -9.18
N PRO D 217 22.25 -53.86 -9.18
CA PRO D 217 23.12 -52.80 -9.76
C PRO D 217 22.86 -52.53 -11.24
N THR D 218 22.33 -53.50 -11.98
CA THR D 218 22.06 -53.32 -13.40
C THR D 218 20.67 -52.78 -13.70
N LEU D 219 19.87 -52.48 -12.68
CA LEU D 219 18.51 -52.01 -12.86
C LEU D 219 18.47 -50.49 -12.78
N LYS D 220 17.84 -49.87 -13.78
CA LYS D 220 17.63 -48.43 -13.84
C LYS D 220 16.15 -48.18 -13.56
N LEU D 221 15.84 -47.89 -12.29
CA LEU D 221 14.44 -47.73 -11.89
C LEU D 221 13.80 -46.52 -12.57
N GLU D 222 14.54 -45.42 -12.70
CA GLU D 222 13.97 -44.18 -13.19
C GLU D 222 13.66 -44.19 -14.68
N GLU D 223 14.09 -45.22 -15.41
CA GLU D 223 13.82 -45.32 -16.85
C GLU D 223 12.56 -46.11 -17.17
N ILE D 224 11.83 -46.59 -16.17
CA ILE D 224 10.63 -47.39 -16.38
C ILE D 224 9.47 -46.45 -16.59
N THR D 225 8.76 -46.62 -17.71
CA THR D 225 7.63 -45.78 -18.07
C THR D 225 6.31 -46.48 -17.76
N ASN D 226 5.29 -45.69 -17.45
CA ASN D 226 3.95 -46.20 -17.22
C ASN D 226 3.20 -46.26 -18.56
N ARG D 227 1.89 -46.50 -18.52
CA ARG D 227 1.11 -46.64 -19.73
C ARG D 227 1.12 -45.37 -20.58
N LYS D 228 1.19 -44.21 -19.93
CA LYS D 228 1.22 -42.94 -20.66
C LYS D 228 2.60 -42.62 -21.22
N GLY D 229 3.62 -43.42 -20.92
CA GLY D 229 4.96 -43.16 -21.42
C GLY D 229 5.74 -42.16 -20.60
N LEU D 230 5.37 -41.95 -19.33
CA LEU D 230 6.02 -40.98 -18.47
C LEU D 230 6.93 -41.69 -17.47
N THR D 231 8.11 -41.12 -17.27
CA THR D 231 8.99 -41.50 -16.17
C THR D 231 8.61 -40.71 -14.94
N PRO D 232 9.14 -41.07 -13.76
CA PRO D 232 8.83 -40.27 -12.56
C PRO D 232 9.19 -38.80 -12.69
N LEU D 233 10.27 -38.45 -13.38
CA LEU D 233 10.61 -37.05 -13.58
C LEU D 233 9.61 -36.36 -14.49
N ALA D 234 9.23 -37.01 -15.60
CA ALA D 234 8.23 -36.43 -16.48
C ALA D 234 6.87 -36.33 -15.80
N LEU D 235 6.52 -37.33 -14.98
CA LEU D 235 5.28 -37.28 -14.23
C LEU D 235 5.28 -36.11 -13.24
N ALA D 236 6.39 -35.91 -12.53
CA ALA D 236 6.49 -34.79 -11.61
C ALA D 236 6.41 -33.46 -12.35
N ALA D 237 7.06 -33.36 -13.50
CA ALA D 237 7.03 -32.11 -14.26
C ALA D 237 5.64 -31.81 -14.79
N SER D 238 4.93 -32.83 -15.28
CA SER D 238 3.61 -32.61 -15.86
C SER D 238 2.54 -32.39 -14.79
N SER D 239 2.70 -32.98 -13.61
CA SER D 239 1.71 -32.84 -12.54
C SER D 239 1.90 -31.60 -11.69
N GLY D 240 3.02 -30.91 -11.82
CA GLY D 240 3.26 -29.72 -11.02
C GLY D 240 3.81 -29.99 -9.63
N LYS D 241 4.48 -31.13 -9.44
CA LYS D 241 5.09 -31.46 -8.16
C LYS D 241 6.42 -30.72 -8.06
N ILE D 242 6.35 -29.49 -7.55
CA ILE D 242 7.52 -28.62 -7.52
C ILE D 242 8.61 -29.20 -6.62
N GLY D 243 8.22 -29.74 -5.45
CA GLY D 243 9.21 -30.21 -4.50
C GLY D 243 9.98 -31.42 -5.01
N VAL D 244 9.27 -32.37 -5.63
CA VAL D 244 9.92 -33.57 -6.14
C VAL D 244 10.85 -33.23 -7.30
N LEU D 245 10.41 -32.34 -8.19
CA LEU D 245 11.27 -31.89 -9.28
C LEU D 245 12.53 -31.20 -8.74
N ALA D 246 12.36 -30.31 -7.77
CA ALA D 246 13.50 -29.61 -7.19
C ALA D 246 14.45 -30.57 -6.50
N TYR D 247 13.93 -31.64 -5.88
CA TYR D 247 14.81 -32.64 -5.29
C TYR D 247 15.56 -33.42 -6.36
N ILE D 248 14.84 -33.90 -7.37
CA ILE D 248 15.44 -34.81 -8.36
C ILE D 248 16.52 -34.09 -9.16
N LEU D 249 16.25 -32.85 -9.59
CA LEU D 249 17.14 -32.21 -10.54
C LEU D 249 18.53 -31.93 -9.98
N GLN D 250 18.69 -31.88 -8.65
CA GLN D 250 19.95 -31.50 -8.02
C GLN D 250 20.24 -32.36 -6.81
N ARG D 251 19.95 -33.65 -6.88
CA ARG D 251 20.24 -34.55 -5.77
C ARG D 251 21.72 -34.93 -5.75
N GLU D 252 22.27 -35.04 -4.54
CA GLU D 252 23.66 -35.44 -4.33
C GLU D 252 23.68 -36.65 -3.41
N ILE D 253 24.21 -37.76 -3.90
CA ILE D 253 24.37 -39.00 -3.13
C ILE D 253 25.87 -39.29 -3.06
N HIS D 254 26.45 -39.08 -1.89
CA HIS D 254 27.89 -39.30 -1.65
C HIS D 254 28.01 -40.48 -0.68
N GLU D 255 28.01 -41.68 -1.24
CA GLU D 255 28.21 -42.91 -0.47
C GLU D 255 28.94 -43.90 -1.36
N PRO D 256 29.63 -44.88 -0.79
CA PRO D 256 30.35 -45.86 -1.63
C PRO D 256 29.40 -46.67 -2.49
N GLU D 257 29.86 -46.99 -3.71
CA GLU D 257 29.24 -47.92 -4.64
C GLU D 257 27.89 -47.46 -5.20
N CYS D 258 27.42 -46.25 -4.84
CA CYS D 258 26.16 -45.76 -5.39
C CYS D 258 26.20 -44.27 -5.72
N ARG D 259 27.37 -43.65 -5.80
CA ARG D 259 27.43 -42.23 -6.13
C ARG D 259 27.08 -41.94 -7.59
N HIS D 260 27.01 -42.97 -8.44
CA HIS D 260 26.58 -42.77 -9.82
C HIS D 260 25.11 -42.39 -9.92
N LEU D 261 24.33 -42.54 -8.85
CA LEU D 261 22.93 -42.13 -8.87
C LEU D 261 22.76 -40.62 -8.84
N SER D 262 23.81 -39.87 -8.52
CA SER D 262 23.68 -38.42 -8.40
C SER D 262 23.45 -37.79 -9.77
N ARG D 263 22.88 -36.58 -9.73
CA ARG D 263 22.76 -35.73 -10.91
C ARG D 263 23.47 -34.39 -10.77
N LYS D 264 23.82 -33.98 -9.56
CA LYS D 264 24.64 -32.80 -9.31
C LYS D 264 26.00 -33.26 -8.78
N PHE D 265 27.07 -32.81 -9.41
CA PHE D 265 28.43 -33.20 -9.07
C PHE D 265 29.28 -31.95 -8.86
N THR D 266 30.46 -32.16 -8.29
CA THR D 266 31.45 -31.11 -8.09
C THR D 266 32.64 -31.37 -9.02
N GLU D 267 32.96 -30.38 -9.85
CA GLU D 267 34.06 -30.54 -10.79
C GLU D 267 35.39 -30.26 -10.10
N TRP D 268 35.47 -29.17 -9.36
CA TRP D 268 36.68 -28.83 -8.62
C TRP D 268 36.32 -27.82 -7.55
N ALA D 269 37.22 -27.69 -6.58
CA ALA D 269 37.06 -26.75 -5.49
C ALA D 269 38.40 -26.10 -5.19
N TYR D 270 38.41 -24.77 -5.29
CA TYR D 270 39.42 -23.92 -4.68
C TYR D 270 38.85 -23.60 -3.31
N GLY D 271 39.21 -22.47 -2.71
CA GLY D 271 38.78 -22.17 -1.37
C GLY D 271 37.31 -21.76 -1.43
N PRO D 272 36.98 -20.48 -1.23
CA PRO D 272 35.56 -20.10 -1.28
C PRO D 272 34.89 -20.38 -2.62
N VAL D 273 35.65 -20.53 -3.71
CA VAL D 273 35.12 -20.76 -5.05
C VAL D 273 35.08 -22.26 -5.34
N HIS D 274 34.04 -22.70 -6.04
CA HIS D 274 34.02 -24.06 -6.56
C HIS D 274 33.11 -24.13 -7.78
N SER D 275 33.22 -25.24 -8.51
CA SER D 275 32.46 -25.46 -9.74
C SER D 275 31.64 -26.72 -9.62
N SER D 276 30.38 -26.65 -10.05
CA SER D 276 29.44 -27.77 -10.00
C SER D 276 28.94 -28.08 -11.40
N LEU D 277 28.48 -29.32 -11.57
CA LEU D 277 27.98 -29.84 -12.84
C LEU D 277 26.58 -30.40 -12.65
N TYR D 278 25.69 -30.07 -13.59
CA TYR D 278 24.31 -30.57 -13.60
C TYR D 278 24.12 -31.50 -14.80
N ASP D 279 23.30 -32.53 -14.61
CA ASP D 279 23.31 -33.67 -15.53
C ASP D 279 22.70 -33.31 -16.88
N LEU D 280 21.54 -32.66 -16.89
CA LEU D 280 20.80 -32.27 -18.09
C LEU D 280 20.35 -33.45 -18.95
N SER D 281 20.39 -34.68 -18.42
CA SER D 281 19.84 -35.81 -19.13
C SER D 281 18.32 -35.75 -19.09
N CYS D 282 17.69 -35.73 -20.27
CA CYS D 282 16.24 -35.62 -20.44
C CYS D 282 15.68 -34.28 -19.97
N ILE D 283 16.52 -33.25 -19.88
CA ILE D 283 16.07 -31.89 -19.62
C ILE D 283 15.99 -31.08 -20.91
N ASP D 284 17.04 -31.15 -21.72
CA ASP D 284 17.08 -30.42 -22.99
C ASP D 284 16.32 -31.17 -24.07
N THR D 285 16.69 -32.42 -24.33
CA THR D 285 16.04 -33.22 -25.36
C THR D 285 16.17 -34.71 -25.03
N CYS D 286 15.06 -35.44 -25.19
CA CYS D 286 15.07 -36.89 -25.12
C CYS D 286 14.18 -37.56 -26.16
N GLU D 287 13.55 -36.79 -27.06
CA GLU D 287 12.70 -37.27 -28.16
C GLU D 287 11.36 -37.83 -27.72
N LYS D 288 11.10 -37.97 -26.41
CA LYS D 288 9.79 -38.40 -25.94
C LYS D 288 9.09 -37.34 -25.11
N ASN D 289 9.67 -36.98 -23.95
CA ASN D 289 9.07 -35.98 -23.06
C ASN D 289 10.21 -35.33 -22.28
N SER D 290 10.68 -34.19 -22.77
CA SER D 290 11.67 -33.42 -22.02
C SER D 290 10.97 -32.56 -20.97
N VAL D 291 11.72 -32.18 -19.94
CA VAL D 291 11.15 -31.37 -18.86
C VAL D 291 10.70 -30.01 -19.39
N LEU D 292 11.53 -29.38 -20.22
CA LEU D 292 11.20 -28.05 -20.72
C LEU D 292 9.96 -28.09 -21.62
N GLU D 293 9.87 -29.08 -22.50
CA GLU D 293 8.69 -29.21 -23.35
C GLU D 293 7.44 -29.47 -22.53
N VAL D 294 7.54 -30.33 -21.51
CA VAL D 294 6.39 -30.67 -20.69
C VAL D 294 5.91 -29.44 -19.92
N ILE D 295 6.84 -28.67 -19.35
CA ILE D 295 6.45 -27.48 -18.59
C ILE D 295 5.88 -26.41 -19.50
N ALA D 296 6.56 -26.15 -20.62
CA ALA D 296 6.19 -25.03 -21.48
C ALA D 296 4.84 -25.27 -22.17
N TYR D 297 4.63 -26.48 -22.69
CA TYR D 297 3.44 -26.80 -23.47
C TYR D 297 2.34 -27.44 -22.62
N SER D 298 2.30 -27.15 -21.32
CA SER D 298 1.23 -27.67 -20.49
C SER D 298 -0.09 -27.00 -20.87
N SER D 299 -1.18 -27.53 -20.29
CA SER D 299 -2.53 -27.12 -20.64
C SER D 299 -3.08 -26.02 -19.74
N SER D 300 -2.22 -25.35 -18.95
CA SER D 300 -2.56 -24.24 -18.06
C SER D 300 -3.32 -24.66 -16.81
N GLU D 301 -3.67 -25.94 -16.66
CA GLU D 301 -4.30 -26.44 -15.46
C GLU D 301 -3.29 -26.91 -14.41
N THR D 302 -2.01 -26.98 -14.77
CA THR D 302 -0.99 -27.39 -13.80
C THR D 302 -0.88 -26.31 -12.72
N PRO D 303 -0.84 -26.66 -11.42
CA PRO D 303 -0.77 -25.60 -10.40
C PRO D 303 0.46 -24.71 -10.49
N ASN D 304 1.66 -25.29 -10.56
CA ASN D 304 2.91 -24.57 -10.43
C ASN D 304 3.60 -24.38 -11.79
N ARG D 305 2.82 -24.04 -12.81
CA ARG D 305 3.37 -23.88 -14.15
C ARG D 305 4.40 -22.76 -14.21
N HIS D 306 4.17 -21.66 -13.47
CA HIS D 306 5.07 -20.52 -13.52
C HIS D 306 6.32 -20.73 -12.68
N ASP D 307 6.22 -21.49 -11.59
CA ASP D 307 7.31 -21.62 -10.63
C ASP D 307 8.29 -22.74 -10.97
N MET D 308 7.89 -23.71 -11.79
CA MET D 308 8.76 -24.83 -12.11
C MET D 308 9.96 -24.44 -12.95
N LEU D 309 9.97 -23.26 -13.57
CA LEU D 309 11.11 -22.79 -14.34
C LEU D 309 12.11 -22.00 -13.52
N LEU D 310 11.87 -21.80 -12.22
CA LEU D 310 12.76 -21.05 -11.36
C LEU D 310 13.78 -21.93 -10.64
N VAL D 311 13.68 -23.25 -10.77
CA VAL D 311 14.68 -24.13 -10.15
C VAL D 311 16.03 -23.91 -10.82
N GLU D 312 17.09 -24.21 -10.08
CA GLU D 312 18.43 -23.70 -10.39
C GLU D 312 18.93 -24.02 -11.81
N PRO D 313 18.89 -25.26 -12.30
CA PRO D 313 19.47 -25.51 -13.64
C PRO D 313 18.66 -24.94 -14.80
N LEU D 314 17.33 -24.89 -14.70
CA LEU D 314 16.52 -24.55 -15.88
C LEU D 314 16.59 -23.08 -16.20
N ASN D 315 16.58 -22.21 -15.19
CA ASN D 315 16.67 -20.77 -15.44
C ASN D 315 17.98 -20.41 -16.13
N ARG D 316 19.10 -20.97 -15.65
CA ARG D 316 20.38 -20.70 -16.27
C ARG D 316 20.46 -21.31 -17.66
N LEU D 317 19.89 -22.50 -17.86
CA LEU D 317 19.90 -23.10 -19.18
C LEU D 317 19.13 -22.26 -20.19
N LEU D 318 17.96 -21.75 -19.80
CA LEU D 318 17.18 -20.92 -20.69
C LEU D 318 17.86 -19.59 -20.98
N GLN D 319 18.47 -18.98 -19.97
CA GLN D 319 19.21 -17.74 -20.21
C GLN D 319 20.39 -17.96 -21.14
N ASP D 320 21.10 -19.08 -20.96
CA ASP D 320 22.21 -19.41 -21.86
C ASP D 320 21.71 -19.60 -23.29
N LYS D 321 20.59 -20.30 -23.45
CA LYS D 321 20.03 -20.51 -24.78
C LYS D 321 19.63 -19.18 -25.42
N TRP D 322 19.04 -18.27 -24.64
CA TRP D 322 18.69 -16.96 -25.17
C TRP D 322 19.93 -16.20 -25.62
N ASP D 323 20.95 -16.15 -24.76
CA ASP D 323 22.15 -15.39 -25.09
C ASP D 323 22.96 -16.01 -26.21
N ARG D 324 22.77 -17.31 -26.49
CA ARG D 324 23.70 -17.98 -27.40
C ARG D 324 23.32 -17.74 -28.86
N PHE D 325 22.11 -18.14 -29.27
CA PHE D 325 21.73 -18.08 -30.70
C PHE D 325 20.32 -17.57 -30.97
N VAL D 326 19.46 -17.50 -29.96
CA VAL D 326 18.04 -17.21 -30.21
C VAL D 326 17.79 -15.71 -30.35
N LYS D 327 18.55 -14.90 -29.61
CA LYS D 327 18.35 -13.46 -29.59
C LYS D 327 18.47 -12.83 -30.98
N ARG D 328 19.49 -13.23 -31.73
CA ARG D 328 19.70 -12.67 -33.06
C ARG D 328 18.56 -13.04 -34.00
N ILE D 329 18.08 -14.28 -33.91
CA ILE D 329 16.97 -14.71 -34.77
C ILE D 329 15.71 -13.92 -34.43
N PHE D 330 15.44 -13.71 -33.14
CA PHE D 330 14.27 -12.93 -32.74
C PHE D 330 14.35 -11.51 -33.29
N TYR D 331 15.52 -10.86 -33.16
CA TYR D 331 15.65 -9.50 -33.67
C TYR D 331 15.52 -9.45 -35.19
N PHE D 332 16.06 -10.45 -35.88
CA PHE D 332 15.91 -10.49 -37.33
C PHE D 332 14.45 -10.60 -37.74
N ASN D 333 13.68 -11.46 -37.06
CA ASN D 333 12.26 -11.58 -37.36
C ASN D 333 11.52 -10.28 -37.10
N PHE D 334 11.87 -9.58 -36.03
CA PHE D 334 11.25 -8.29 -35.73
C PHE D 334 11.53 -7.29 -36.85
N PHE D 335 12.77 -7.26 -37.33
CA PHE D 335 13.14 -6.36 -38.42
C PHE D 335 12.33 -6.66 -39.68
N VAL D 336 12.20 -7.94 -40.01
CA VAL D 336 11.45 -8.31 -41.22
C VAL D 336 9.99 -7.91 -41.10
N TYR D 337 9.40 -8.11 -39.91
CA TYR D 337 8.01 -7.69 -39.70
C TYR D 337 7.85 -6.18 -39.87
N CYS D 338 8.81 -5.41 -39.34
CA CYS D 338 8.75 -3.96 -39.50
C CYS D 338 8.79 -3.55 -40.96
N LEU D 339 9.66 -4.19 -41.75
CA LEU D 339 9.70 -3.86 -43.18
C LEU D 339 8.40 -4.23 -43.87
N TYR D 340 7.81 -5.37 -43.50
CA TYR D 340 6.53 -5.78 -44.09
C TYR D 340 5.45 -4.75 -43.79
N MET D 341 5.37 -4.26 -42.55
CA MET D 341 4.34 -3.29 -42.22
C MET D 341 4.57 -1.96 -42.92
N ILE D 342 5.83 -1.54 -43.09
CA ILE D 342 6.10 -0.31 -43.82
C ILE D 342 5.63 -0.44 -45.27
N ILE D 343 5.93 -1.57 -45.91
CA ILE D 343 5.51 -1.75 -47.30
C ILE D 343 4.00 -1.79 -47.41
N PHE D 344 3.33 -2.48 -46.48
CA PHE D 344 1.87 -2.54 -46.51
C PHE D 344 1.27 -1.15 -46.34
N THR D 345 1.80 -0.37 -45.39
CA THR D 345 1.29 0.98 -45.18
C THR D 345 1.47 1.84 -46.42
N ALA D 346 2.65 1.79 -47.03
CA ALA D 346 2.90 2.60 -48.22
C ALA D 346 2.01 2.19 -49.38
N ALA D 347 1.81 0.87 -49.57
CA ALA D 347 0.96 0.41 -50.65
C ALA D 347 -0.50 0.83 -50.45
N ALA D 348 -0.98 0.77 -49.21
CA ALA D 348 -2.36 1.15 -48.94
C ALA D 348 -2.57 2.66 -49.02
N TYR D 349 -1.55 3.44 -48.65
CA TYR D 349 -1.69 4.89 -48.62
C TYR D 349 -1.97 5.45 -50.01
N TYR D 350 -1.29 4.94 -51.03
CA TYR D 350 -1.36 5.48 -52.39
C TYR D 350 -2.36 4.71 -53.28
N ARG D 351 -3.45 4.21 -52.72
CA ARG D 351 -4.42 3.49 -53.51
C ARG D 351 -5.09 4.44 -54.51
N PRO D 352 -5.58 3.94 -55.64
CA PRO D 352 -6.36 4.80 -56.54
C PRO D 352 -7.77 5.03 -56.00
N VAL D 353 -8.37 6.13 -56.45
CA VAL D 353 -9.68 6.57 -55.99
C VAL D 353 -10.74 6.44 -57.08
N GLU D 354 -10.46 5.69 -58.14
CA GLU D 354 -11.45 5.43 -59.17
C GLU D 354 -12.43 4.36 -58.70
N GLY D 355 -13.45 4.09 -59.53
CA GLY D 355 -14.48 3.14 -59.18
C GLY D 355 -14.27 1.76 -59.80
N LEU D 356 -14.96 0.77 -59.24
CA LEU D 356 -15.07 -0.57 -59.80
C LEU D 356 -13.72 -1.23 -60.06
N PRO D 357 -13.01 -1.70 -59.04
CA PRO D 357 -11.78 -2.47 -59.27
C PRO D 357 -12.06 -3.73 -60.05
N PRO D 358 -11.03 -4.42 -60.55
CA PRO D 358 -9.60 -4.13 -60.51
C PRO D 358 -9.20 -2.95 -61.40
N TYR D 359 -8.11 -2.28 -61.04
CA TYR D 359 -7.65 -1.10 -61.74
C TYR D 359 -6.52 -1.45 -62.69
N LYS D 360 -6.50 -0.77 -63.85
CA LYS D 360 -5.48 -1.01 -64.85
C LYS D 360 -4.16 -0.38 -64.41
N LEU D 361 -3.07 -0.92 -64.95
CA LEU D 361 -1.72 -0.42 -64.68
C LEU D 361 -1.22 0.38 -65.87
N LYS D 362 -0.65 1.54 -65.58
CA LYS D 362 -0.04 2.39 -66.59
C LYS D 362 1.44 2.08 -66.71
N ASN D 363 2.02 2.45 -67.86
CA ASN D 363 3.44 2.26 -68.10
C ASN D 363 4.21 3.40 -67.44
N THR D 364 4.20 3.37 -66.11
CA THR D 364 4.82 4.41 -65.29
C THR D 364 5.37 3.79 -64.02
N VAL D 365 6.37 4.46 -63.45
CA VAL D 365 7.15 3.90 -62.35
C VAL D 365 6.28 3.67 -61.11
N GLY D 366 5.43 4.66 -60.79
CA GLY D 366 4.64 4.58 -59.57
C GLY D 366 3.72 3.39 -59.54
N ASP D 367 3.08 3.08 -60.67
CA ASP D 367 2.19 1.92 -60.71
C ASP D 367 2.95 0.62 -60.51
N TYR D 368 4.17 0.51 -61.06
CA TYR D 368 4.96 -0.69 -60.85
C TYR D 368 5.32 -0.88 -59.39
N PHE D 369 5.78 0.20 -58.73
CA PHE D 369 6.10 0.06 -57.31
C PHE D 369 4.86 -0.24 -56.48
N ARG D 370 3.73 0.38 -56.84
CA ARG D 370 2.50 0.15 -56.10
C ARG D 370 2.04 -1.30 -56.20
N VAL D 371 2.05 -1.86 -57.41
CA VAL D 371 1.57 -3.24 -57.57
C VAL D 371 2.54 -4.21 -56.93
N THR D 372 3.85 -3.90 -56.94
CA THR D 372 4.81 -4.72 -56.21
C THR D 372 4.48 -4.74 -54.72
N GLY D 373 4.18 -3.57 -54.15
CA GLY D 373 3.82 -3.52 -52.74
C GLY D 373 2.56 -4.31 -52.42
N GLU D 374 1.56 -4.21 -53.31
CA GLU D 374 0.32 -4.97 -53.11
C GLU D 374 0.60 -6.47 -53.11
N ILE D 375 1.42 -6.93 -54.05
CA ILE D 375 1.73 -8.36 -54.14
C ILE D 375 2.44 -8.83 -52.87
N LEU D 376 3.40 -8.03 -52.38
CA LEU D 376 4.11 -8.42 -51.15
C LEU D 376 3.16 -8.48 -49.96
N SER D 377 2.21 -7.54 -49.87
CA SER D 377 1.26 -7.55 -48.77
C SER D 377 0.40 -8.81 -48.79
N VAL D 378 -0.08 -9.19 -49.98
CA VAL D 378 -0.90 -10.40 -50.09
C VAL D 378 -0.08 -11.63 -49.71
N SER D 379 1.20 -11.66 -50.11
CA SER D 379 2.07 -12.78 -49.75
C SER D 379 2.21 -12.91 -48.23
N GLY D 380 2.42 -11.78 -47.55
CA GLY D 380 2.53 -11.83 -46.10
C GLY D 380 1.24 -12.32 -45.45
N GLY D 381 0.09 -11.88 -45.97
CA GLY D 381 -1.17 -12.33 -45.40
C GLY D 381 -1.36 -13.84 -45.50
N VAL D 382 -1.10 -14.39 -46.69
CA VAL D 382 -1.31 -15.83 -46.83
C VAL D 382 -0.27 -16.62 -46.03
N TYR D 383 0.94 -16.09 -45.89
CA TYR D 383 1.94 -16.73 -45.03
C TYR D 383 1.43 -16.85 -43.60
N PHE D 384 0.91 -15.76 -43.03
CA PHE D 384 0.41 -15.85 -41.67
C PHE D 384 -0.79 -16.77 -41.56
N PHE D 385 -1.63 -16.81 -42.60
CA PHE D 385 -2.77 -17.74 -42.61
C PHE D 385 -2.29 -19.19 -42.46
N PHE D 386 -1.34 -19.60 -43.30
CA PHE D 386 -0.89 -20.98 -43.22
C PHE D 386 -0.13 -21.26 -41.92
N ARG D 387 0.60 -20.27 -41.39
CA ARG D 387 1.25 -20.47 -40.10
C ARG D 387 0.24 -20.73 -39.00
N GLY D 388 -0.88 -19.99 -39.01
CA GLY D 388 -1.91 -20.22 -38.02
C GLY D 388 -2.51 -21.62 -38.12
N ILE D 389 -2.74 -22.08 -39.35
CA ILE D 389 -3.26 -23.44 -39.53
C ILE D 389 -2.27 -24.46 -38.99
N GLN D 390 -0.97 -24.26 -39.27
CA GLN D 390 0.04 -25.18 -38.77
C GLN D 390 0.05 -25.24 -37.25
N TYR D 391 -0.06 -24.08 -36.60
CA TYR D 391 -0.14 -24.06 -35.13
C TYR D 391 -1.32 -24.89 -34.65
N PHE D 392 -2.51 -24.62 -35.19
CA PHE D 392 -3.71 -25.28 -34.69
C PHE D 392 -3.64 -26.78 -34.91
N LEU D 393 -3.08 -27.23 -36.04
CA LEU D 393 -3.01 -28.66 -36.28
C LEU D 393 -1.93 -29.34 -35.45
N GLN D 394 -0.80 -28.66 -35.21
CA GLN D 394 0.29 -29.31 -34.49
C GLN D 394 0.04 -29.35 -32.98
N ARG D 395 -0.73 -28.41 -32.43
CA ARG D 395 -1.00 -28.42 -30.99
C ARG D 395 -2.30 -29.10 -30.62
N ARG D 396 -3.31 -29.07 -31.49
CA ARG D 396 -4.61 -29.67 -31.23
C ARG D 396 -5.24 -29.19 -29.93
N PRO D 397 -5.51 -27.89 -29.78
CA PRO D 397 -6.22 -27.42 -28.59
C PRO D 397 -7.70 -27.78 -28.63
N SER D 398 -8.34 -27.65 -27.47
CA SER D 398 -9.74 -28.02 -27.28
C SER D 398 -10.60 -26.82 -26.92
N LEU D 399 -10.22 -25.63 -27.40
CA LEU D 399 -10.99 -24.39 -27.27
C LEU D 399 -10.99 -23.81 -25.85
N LYS D 400 -10.41 -24.51 -24.88
CA LYS D 400 -10.26 -23.95 -23.55
C LYS D 400 -8.94 -23.20 -23.42
N SER D 401 -7.84 -23.79 -23.91
CA SER D 401 -6.55 -23.13 -23.85
C SER D 401 -6.52 -21.89 -24.72
N LEU D 402 -7.20 -21.91 -25.87
CA LEU D 402 -7.30 -20.71 -26.70
C LEU D 402 -8.07 -19.61 -25.99
N PHE D 403 -9.07 -19.99 -25.18
CA PHE D 403 -9.84 -18.99 -24.45
C PHE D 403 -8.99 -18.31 -23.37
N VAL D 404 -8.06 -19.04 -22.75
CA VAL D 404 -7.23 -18.52 -21.66
C VAL D 404 -5.76 -18.40 -22.02
N ASP D 405 -5.34 -18.82 -23.21
CA ASP D 405 -3.93 -18.79 -23.58
C ASP D 405 -3.83 -18.69 -25.10
N SER D 406 -2.62 -18.38 -25.58
CA SER D 406 -2.31 -18.31 -27.01
C SER D 406 -3.23 -17.35 -27.75
N TYR D 407 -3.18 -16.08 -27.33
CA TYR D 407 -3.97 -15.04 -27.99
C TYR D 407 -3.31 -14.51 -29.25
N SER D 408 -1.97 -14.44 -29.26
CA SER D 408 -1.27 -13.86 -30.39
C SER D 408 -1.51 -14.64 -31.67
N GLU D 409 -1.61 -15.96 -31.57
CA GLU D 409 -1.90 -16.76 -32.76
C GLU D 409 -3.27 -16.39 -33.33
N ILE D 410 -4.24 -16.18 -32.45
CA ILE D 410 -5.58 -15.81 -32.87
C ILE D 410 -5.56 -14.45 -33.56
N LEU D 411 -4.86 -13.48 -32.98
CA LEU D 411 -4.84 -12.14 -33.56
C LEU D 411 -4.16 -12.10 -34.92
N PHE D 412 -3.01 -12.78 -35.06
CA PHE D 412 -2.35 -12.85 -36.36
C PHE D 412 -3.21 -13.57 -37.39
N PHE D 413 -3.91 -14.63 -36.96
CA PHE D 413 -4.79 -15.35 -37.88
C PHE D 413 -5.94 -14.46 -38.34
N VAL D 414 -6.52 -13.67 -37.43
CA VAL D 414 -7.62 -12.78 -37.81
C VAL D 414 -7.14 -11.71 -38.79
N GLN D 415 -5.93 -11.19 -38.58
CA GLN D 415 -5.35 -10.26 -39.54
C GLN D 415 -5.27 -10.89 -40.93
N SER D 416 -4.77 -12.12 -41.00
CA SER D 416 -4.67 -12.78 -42.30
C SER D 416 -6.04 -13.01 -42.93
N LEU D 417 -7.05 -13.33 -42.12
CA LEU D 417 -8.40 -13.52 -42.64
C LEU D 417 -8.94 -12.23 -43.26
N PHE D 418 -8.70 -11.10 -42.58
CA PHE D 418 -9.14 -9.83 -43.16
C PHE D 418 -8.43 -9.55 -44.48
N MET D 419 -7.14 -9.87 -44.56
CA MET D 419 -6.44 -9.67 -45.83
C MET D 419 -7.05 -10.52 -46.94
N LEU D 420 -7.38 -11.78 -46.65
CA LEU D 420 -7.95 -12.64 -47.68
C LEU D 420 -9.31 -12.15 -48.14
N VAL D 421 -10.14 -11.69 -47.19
CA VAL D 421 -11.44 -11.14 -47.58
C VAL D 421 -11.26 -9.91 -48.44
N SER D 422 -10.24 -9.09 -48.14
CA SER D 422 -9.95 -7.93 -48.98
C SER D 422 -9.62 -8.35 -50.40
N VAL D 423 -8.81 -9.40 -50.55
CA VAL D 423 -8.46 -9.86 -51.90
C VAL D 423 -9.72 -10.33 -52.65
N VAL D 424 -10.55 -11.11 -51.98
CA VAL D 424 -11.76 -11.65 -52.62
C VAL D 424 -12.67 -10.52 -53.07
N LEU D 425 -12.86 -9.51 -52.22
CA LEU D 425 -13.69 -8.38 -52.60
C LEU D 425 -13.04 -7.57 -53.73
N TYR D 426 -11.71 -7.46 -53.73
CA TYR D 426 -11.03 -6.70 -54.76
C TYR D 426 -11.30 -7.29 -56.14
N PHE D 427 -11.17 -8.61 -56.27
CA PHE D 427 -11.38 -9.21 -57.59
C PHE D 427 -12.86 -9.42 -57.94
N SER D 428 -13.79 -9.15 -57.03
CA SER D 428 -15.22 -9.27 -57.28
C SER D 428 -15.87 -7.96 -57.76
N GLN D 429 -15.07 -6.93 -58.03
CA GLN D 429 -15.59 -5.63 -58.48
C GLN D 429 -16.47 -4.98 -57.43
N ARG D 430 -15.92 -4.83 -56.22
CA ARG D 430 -16.59 -4.17 -55.11
C ARG D 430 -15.69 -3.07 -54.56
N LYS D 431 -16.33 -1.99 -54.07
CA LYS D 431 -15.63 -0.93 -53.38
C LYS D 431 -15.38 -1.23 -51.91
N GLU D 432 -16.06 -2.23 -51.35
CA GLU D 432 -15.96 -2.51 -49.93
C GLU D 432 -14.65 -3.17 -49.54
N TYR D 433 -13.81 -3.56 -50.50
CA TYR D 433 -12.52 -4.16 -50.16
C TYR D 433 -11.64 -3.20 -49.35
N VAL D 434 -11.87 -1.90 -49.46
CA VAL D 434 -11.15 -0.95 -48.61
C VAL D 434 -11.51 -1.17 -47.15
N ALA D 435 -12.80 -1.38 -46.88
CA ALA D 435 -13.26 -1.47 -45.49
C ALA D 435 -12.61 -2.62 -44.76
N SER D 436 -12.41 -3.76 -45.44
CA SER D 436 -11.68 -4.86 -44.83
C SER D 436 -10.21 -4.53 -44.69
N MET D 437 -9.62 -3.91 -45.71
CA MET D 437 -8.18 -3.71 -45.75
C MET D 437 -7.69 -2.89 -44.56
N VAL D 438 -8.40 -1.81 -44.24
CA VAL D 438 -7.99 -0.98 -43.12
C VAL D 438 -8.05 -1.76 -41.81
N PHE D 439 -9.00 -2.68 -41.66
CA PHE D 439 -9.05 -3.47 -40.44
C PHE D 439 -7.85 -4.41 -40.35
N SER D 440 -7.32 -4.86 -41.49
CA SER D 440 -6.08 -5.61 -41.45
C SER D 440 -4.88 -4.69 -41.21
N LEU D 441 -4.98 -3.43 -41.62
CA LEU D 441 -3.85 -2.52 -41.43
C LEU D 441 -3.70 -2.13 -39.97
N ALA D 442 -4.79 -1.69 -39.34
CA ALA D 442 -4.73 -1.22 -37.96
C ALA D 442 -4.28 -2.34 -37.02
N MET D 443 -4.88 -3.53 -37.15
CA MET D 443 -4.43 -4.68 -36.36
C MET D 443 -2.95 -4.96 -36.62
N GLY D 444 -2.52 -4.81 -37.88
CA GLY D 444 -1.14 -5.07 -38.21
C GLY D 444 -0.16 -4.25 -37.39
N TRP D 445 -0.57 -3.06 -36.95
CA TRP D 445 0.31 -2.27 -36.10
C TRP D 445 0.24 -2.73 -34.66
N THR D 446 -0.96 -3.01 -34.15
CA THR D 446 -1.08 -3.36 -32.73
C THR D 446 -0.40 -4.69 -32.43
N ASN D 447 -0.44 -5.62 -33.37
CA ASN D 447 0.24 -6.90 -33.20
C ASN D 447 1.74 -6.74 -33.06
N MET D 448 2.30 -5.59 -33.44
CA MET D 448 3.72 -5.35 -33.22
C MET D 448 4.09 -5.40 -31.75
N LEU D 449 3.14 -5.17 -30.83
CA LEU D 449 3.46 -5.29 -29.41
C LEU D 449 3.84 -6.71 -29.02
N TYR D 450 3.54 -7.71 -29.85
CA TYR D 450 4.04 -9.06 -29.61
C TYR D 450 5.55 -9.06 -29.42
N TYR D 451 6.26 -8.23 -30.17
CA TYR D 451 7.72 -8.22 -30.11
C TYR D 451 8.25 -7.45 -28.91
N THR D 452 7.41 -7.04 -27.95
CA THR D 452 7.93 -6.45 -26.73
C THR D 452 8.59 -7.47 -25.82
N ARG D 453 8.27 -8.76 -25.99
CA ARG D 453 9.07 -9.80 -25.35
C ARG D 453 10.45 -9.86 -26.01
N GLY D 454 11.42 -10.34 -25.25
CA GLY D 454 12.81 -10.18 -25.62
C GLY D 454 13.45 -8.95 -25.05
N PHE D 455 12.65 -8.02 -24.54
CA PHE D 455 13.11 -6.90 -23.72
C PHE D 455 12.33 -6.99 -22.41
N GLN D 456 13.05 -7.02 -21.29
CA GLN D 456 12.42 -7.37 -20.02
C GLN D 456 11.39 -6.34 -19.59
N GLN D 457 11.71 -5.05 -19.66
CA GLN D 457 10.83 -4.04 -19.10
C GLN D 457 9.55 -3.90 -19.93
N MET D 458 9.71 -3.84 -21.25
CA MET D 458 8.54 -3.78 -22.13
C MET D 458 7.73 -5.06 -22.07
N GLY D 459 8.40 -6.21 -21.87
CA GLY D 459 7.66 -7.46 -21.73
C GLY D 459 6.78 -7.48 -20.49
N ILE D 460 7.32 -7.02 -19.35
CA ILE D 460 6.50 -6.94 -18.14
C ILE D 460 5.35 -5.96 -18.34
N TYR D 461 5.64 -4.83 -19.00
CA TYR D 461 4.59 -3.84 -19.26
C TYR D 461 3.46 -4.43 -20.10
N ALA D 462 3.81 -5.15 -21.17
CA ALA D 462 2.80 -5.75 -22.04
C ALA D 462 2.01 -6.83 -21.32
N VAL D 463 2.67 -7.62 -20.48
CA VAL D 463 1.97 -8.63 -19.71
C VAL D 463 0.96 -7.98 -18.76
N MET D 464 1.35 -6.86 -18.13
CA MET D 464 0.42 -6.14 -17.28
C MET D 464 -0.79 -5.63 -18.06
N ILE D 465 -0.56 -5.11 -19.27
CA ILE D 465 -1.67 -4.66 -20.12
C ILE D 465 -2.62 -5.82 -20.38
N GLU D 466 -2.05 -6.96 -20.79
CA GLU D 466 -2.86 -8.14 -21.13
C GLU D 466 -3.72 -8.56 -19.95
N LYS D 467 -3.10 -8.70 -18.77
CA LYS D 467 -3.85 -9.20 -17.63
C LYS D 467 -4.89 -8.20 -17.16
N MET D 468 -4.59 -6.90 -17.23
CA MET D 468 -5.58 -5.90 -16.86
C MET D 468 -6.81 -6.01 -17.75
N ILE D 469 -6.59 -6.09 -19.07
CA ILE D 469 -7.70 -6.20 -20.01
C ILE D 469 -8.51 -7.45 -19.73
N LEU D 470 -7.84 -8.59 -19.53
CA LEU D 470 -8.56 -9.84 -19.41
C LEU D 470 -9.16 -10.09 -18.04
N ARG D 471 -8.81 -9.32 -17.01
CA ARG D 471 -9.35 -9.52 -15.67
C ARG D 471 -10.38 -8.46 -15.31
N ASP D 472 -10.02 -7.17 -15.37
CA ASP D 472 -10.86 -6.15 -14.73
C ASP D 472 -11.76 -5.42 -15.72
N LEU D 473 -11.27 -5.19 -16.93
CA LEU D 473 -12.04 -4.43 -17.90
C LEU D 473 -13.30 -5.19 -18.32
N CYS D 474 -13.27 -6.52 -18.34
CA CYS D 474 -14.48 -7.26 -18.68
C CYS D 474 -15.58 -7.05 -17.64
N ARG D 475 -15.20 -7.13 -16.36
CA ARG D 475 -16.18 -6.92 -15.29
C ARG D 475 -16.72 -5.49 -15.32
N PHE D 476 -15.85 -4.52 -15.61
CA PHE D 476 -16.34 -3.14 -15.76
C PHE D 476 -17.31 -3.02 -16.93
N MET D 477 -16.93 -3.54 -18.09
CA MET D 477 -17.69 -3.28 -19.31
C MET D 477 -19.05 -3.97 -19.29
N PHE D 478 -19.18 -5.12 -18.63
CA PHE D 478 -20.49 -5.76 -18.52
C PHE D 478 -21.50 -4.83 -17.84
N VAL D 479 -21.14 -4.32 -16.67
CA VAL D 479 -22.04 -3.45 -15.91
C VAL D 479 -22.27 -2.14 -16.66
N TYR D 480 -21.21 -1.58 -17.25
CA TYR D 480 -21.35 -0.33 -17.97
C TYR D 480 -22.31 -0.48 -19.15
N LEU D 481 -22.19 -1.58 -19.90
CA LEU D 481 -23.09 -1.77 -21.04
C LEU D 481 -24.53 -1.98 -20.59
N VAL D 482 -24.74 -2.66 -19.46
CA VAL D 482 -26.11 -2.80 -18.96
C VAL D 482 -26.70 -1.43 -18.65
N PHE D 483 -25.95 -0.59 -17.92
CA PHE D 483 -26.45 0.75 -17.58
C PHE D 483 -26.71 1.58 -18.82
N LEU D 484 -25.78 1.54 -19.79
CA LEU D 484 -25.92 2.34 -21.00
C LEU D 484 -27.15 1.93 -21.80
N PHE D 485 -27.35 0.62 -21.98
CA PHE D 485 -28.52 0.16 -22.72
C PHE D 485 -29.81 0.55 -22.02
N GLY D 486 -29.86 0.42 -20.70
CA GLY D 486 -31.07 0.78 -19.97
C GLY D 486 -31.43 2.24 -20.14
N PHE D 487 -30.46 3.13 -19.94
CA PHE D 487 -30.77 4.56 -20.06
C PHE D 487 -31.01 4.96 -21.51
N SER D 488 -30.36 4.30 -22.47
CA SER D 488 -30.64 4.60 -23.87
C SER D 488 -32.07 4.27 -24.24
N THR D 489 -32.56 3.11 -23.79
CA THR D 489 -33.95 2.77 -24.06
C THR D 489 -34.90 3.75 -23.39
N ALA D 490 -34.58 4.16 -22.15
CA ALA D 490 -35.43 5.14 -21.47
C ALA D 490 -35.48 6.47 -22.23
N VAL D 491 -34.33 6.92 -22.73
CA VAL D 491 -34.28 8.22 -23.40
C VAL D 491 -34.99 8.16 -24.75
N VAL D 492 -34.82 7.05 -25.49
CA VAL D 492 -35.53 6.92 -26.77
C VAL D 492 -37.03 6.89 -26.54
N THR D 493 -37.48 6.19 -25.49
CA THR D 493 -38.91 6.15 -25.19
C THR D 493 -39.43 7.52 -24.82
N LEU D 494 -38.69 8.28 -24.00
CA LEU D 494 -39.17 9.57 -23.56
C LEU D 494 -39.23 10.58 -24.71
N ILE D 495 -38.20 10.60 -25.56
CA ILE D 495 -38.07 11.55 -26.65
C ILE D 495 -37.97 10.74 -27.93
N GLU D 496 -39.02 10.77 -28.75
CA GLU D 496 -39.13 9.90 -29.91
C GLU D 496 -38.54 10.50 -31.18
N ASP D 497 -37.99 11.71 -31.13
CA ASP D 497 -37.49 12.36 -32.34
C ASP D 497 -36.39 13.36 -31.97
N GLY D 498 -35.62 13.75 -32.98
CA GLY D 498 -34.62 14.78 -32.82
C GLY D 498 -33.33 14.36 -32.15
N LYS D 499 -32.54 13.51 -32.82
CA LYS D 499 -31.29 12.91 -32.40
C LYS D 499 -31.48 11.76 -31.42
N TYR D 500 -32.71 11.49 -30.97
CA TYR D 500 -33.02 10.37 -30.10
C TYR D 500 -34.17 9.57 -30.70
N ASN D 501 -34.16 9.43 -32.02
CA ASN D 501 -35.15 8.67 -32.75
C ASN D 501 -34.73 7.22 -32.99
N SER D 502 -33.51 6.84 -32.61
CA SER D 502 -33.01 5.49 -32.79
C SER D 502 -32.17 5.12 -31.58
N LEU D 503 -32.00 3.82 -31.39
CA LEU D 503 -31.24 3.32 -30.27
C LEU D 503 -29.74 3.50 -30.47
N TYR D 504 -29.28 3.36 -31.72
CA TYR D 504 -27.87 3.51 -32.03
C TYR D 504 -27.40 4.94 -31.79
N SER D 505 -28.16 5.91 -32.30
CA SER D 505 -27.81 7.32 -32.11
C SER D 505 -27.81 7.70 -30.64
N THR D 506 -28.83 7.26 -29.89
CA THR D 506 -28.89 7.57 -28.47
C THR D 506 -27.75 6.93 -27.70
N CYS D 507 -27.39 5.70 -28.07
CA CYS D 507 -26.26 5.04 -27.42
C CYS D 507 -24.97 5.81 -27.65
N LEU D 508 -24.75 6.28 -28.87
CA LEU D 508 -23.56 7.10 -29.14
C LEU D 508 -23.58 8.40 -28.34
N GLU D 509 -24.74 9.06 -28.29
CA GLU D 509 -24.83 10.33 -27.59
C GLU D 509 -24.58 10.17 -26.10
N LEU D 510 -25.08 9.09 -25.50
CA LEU D 510 -24.82 8.86 -24.08
C LEU D 510 -23.39 8.40 -23.84
N PHE D 511 -22.80 7.66 -24.79
CA PHE D 511 -21.41 7.26 -24.65
C PHE D 511 -20.48 8.46 -24.63
N LYS D 512 -20.79 9.49 -25.42
CA LYS D 512 -19.96 10.69 -25.46
C LYS D 512 -19.76 11.31 -24.07
N PHE D 513 -20.74 11.18 -23.18
CA PHE D 513 -20.58 11.71 -21.83
C PHE D 513 -19.44 11.04 -21.08
N THR D 514 -19.26 9.74 -21.29
CA THR D 514 -18.24 8.99 -20.56
C THR D 514 -16.83 9.49 -20.87
N ILE D 515 -16.62 10.10 -22.02
CA ILE D 515 -15.30 10.56 -22.44
C ILE D 515 -15.19 12.09 -22.41
N GLY D 516 -16.14 12.77 -21.77
CA GLY D 516 -16.04 14.21 -21.61
C GLY D 516 -16.35 15.02 -22.85
N MET D 517 -17.24 14.53 -23.71
CA MET D 517 -17.63 15.22 -24.94
C MET D 517 -19.14 15.34 -25.04
N GLY D 518 -19.83 15.45 -23.91
CA GLY D 518 -21.27 15.39 -23.87
C GLY D 518 -21.93 16.62 -24.46
N ASP D 519 -23.24 16.71 -24.24
CA ASP D 519 -24.03 17.83 -24.73
C ASP D 519 -25.18 18.04 -23.73
N LEU D 520 -25.07 19.09 -22.93
CA LEU D 520 -26.08 19.46 -21.94
C LEU D 520 -26.61 20.87 -22.21
N GLU D 521 -26.70 21.26 -23.48
CA GLU D 521 -27.18 22.60 -23.82
C GLU D 521 -28.69 22.70 -23.68
N PHE D 522 -29.42 21.65 -24.06
CA PHE D 522 -30.88 21.63 -23.99
C PHE D 522 -31.49 22.79 -24.76
N THR D 523 -31.14 22.87 -26.05
CA THR D 523 -31.61 23.94 -26.92
C THR D 523 -32.94 23.61 -27.60
N GLU D 524 -33.24 22.34 -27.82
CA GLU D 524 -34.41 21.96 -28.62
C GLU D 524 -35.68 22.05 -27.79
N ASN D 525 -36.81 22.11 -28.51
CA ASN D 525 -38.13 22.28 -27.90
C ASN D 525 -38.81 20.92 -27.82
N TYR D 526 -38.38 20.11 -26.85
CA TYR D 526 -38.96 18.79 -26.65
C TYR D 526 -40.23 18.87 -25.82
N ASP D 527 -41.04 17.81 -25.92
CA ASP D 527 -42.27 17.72 -25.14
C ASP D 527 -42.00 17.38 -23.68
N PHE D 528 -41.02 16.53 -23.42
CA PHE D 528 -40.70 16.05 -22.07
C PHE D 528 -39.37 16.61 -21.58
N LYS D 529 -39.11 17.88 -21.91
CA LYS D 529 -38.01 18.60 -21.29
C LYS D 529 -38.25 18.74 -19.79
N ALA D 530 -37.16 18.83 -19.03
CA ALA D 530 -37.15 18.91 -17.56
C ALA D 530 -37.44 17.57 -16.90
N VAL D 531 -37.78 16.54 -17.68
CA VAL D 531 -37.66 15.15 -17.26
C VAL D 531 -36.40 14.53 -17.85
N PHE D 532 -36.06 14.96 -19.06
CA PHE D 532 -34.82 14.54 -19.72
C PHE D 532 -33.61 14.95 -18.91
N ILE D 533 -33.64 16.13 -18.30
CA ILE D 533 -32.51 16.64 -17.54
C ILE D 533 -32.22 15.74 -16.34
N ILE D 534 -33.28 15.29 -15.66
CA ILE D 534 -33.11 14.42 -14.49
C ILE D 534 -32.45 13.11 -14.90
N LEU D 535 -32.92 12.51 -16.00
CA LEU D 535 -32.34 11.26 -16.47
C LEU D 535 -30.87 11.44 -16.83
N LEU D 536 -30.52 12.53 -17.51
CA LEU D 536 -29.12 12.71 -17.89
C LEU D 536 -28.23 12.93 -16.67
N LEU D 537 -28.71 13.70 -15.68
CA LEU D 537 -27.91 13.90 -14.47
C LEU D 537 -27.69 12.59 -13.73
N ALA D 538 -28.76 11.78 -13.60
CA ALA D 538 -28.62 10.50 -12.92
C ALA D 538 -27.66 9.57 -13.67
N TYR D 539 -27.75 9.54 -14.99
CA TYR D 539 -26.85 8.71 -15.79
C TYR D 539 -25.40 9.13 -15.59
N VAL D 540 -25.13 10.44 -15.63
CA VAL D 540 -23.76 10.92 -15.47
C VAL D 540 -23.22 10.54 -14.10
N ILE D 541 -24.01 10.73 -13.04
CA ILE D 541 -23.53 10.44 -11.70
C ILE D 541 -23.24 8.95 -11.54
N LEU D 542 -24.15 8.09 -12.03
CA LEU D 542 -23.93 6.66 -11.90
C LEU D 542 -22.72 6.20 -12.70
N THR D 543 -22.54 6.75 -13.91
CA THR D 543 -21.40 6.37 -14.73
C THR D 543 -20.08 6.74 -14.06
N TYR D 544 -20.02 7.92 -13.44
CA TYR D 544 -18.78 8.30 -12.77
C TYR D 544 -18.58 7.52 -11.48
N ILE D 545 -19.65 7.08 -10.81
CA ILE D 545 -19.49 6.14 -9.70
C ILE D 545 -18.85 4.84 -10.19
N LEU D 546 -19.32 4.33 -11.32
CA LEU D 546 -18.77 3.08 -11.85
C LEU D 546 -17.30 3.22 -12.21
N LEU D 547 -16.94 4.33 -12.86
CA LEU D 547 -15.54 4.54 -13.21
C LEU D 547 -14.67 4.65 -11.96
N LEU D 548 -15.17 5.36 -10.94
CA LEU D 548 -14.44 5.47 -9.69
C LEU D 548 -14.23 4.10 -9.05
N ASN D 549 -15.28 3.28 -9.03
CA ASN D 549 -15.16 1.96 -8.43
C ASN D 549 -14.17 1.09 -9.18
N MET D 550 -14.15 1.16 -10.51
CA MET D 550 -13.14 0.44 -11.28
C MET D 550 -11.74 0.89 -10.89
N LEU D 551 -11.51 2.20 -10.87
CA LEU D 551 -10.18 2.72 -10.56
C LEU D 551 -9.72 2.25 -9.18
N ILE D 552 -10.59 2.34 -8.19
CA ILE D 552 -10.22 1.92 -6.84
C ILE D 552 -9.98 0.41 -6.80
N ALA D 553 -10.81 -0.37 -7.50
CA ALA D 553 -10.63 -1.81 -7.52
C ALA D 553 -9.28 -2.19 -8.12
N LEU D 554 -8.77 -1.39 -9.05
CA LEU D 554 -7.43 -1.66 -9.59
C LEU D 554 -6.30 -1.23 -8.67
N MET D 555 -6.59 -0.55 -7.57
CA MET D 555 -5.55 -0.21 -6.59
C MET D 555 -5.34 -1.31 -5.57
N GLY D 556 -6.35 -2.13 -5.29
CA GLY D 556 -6.17 -3.25 -4.39
C GLY D 556 -5.34 -4.37 -4.97
N GLU D 557 -5.16 -4.40 -6.28
CA GLU D 557 -4.35 -5.41 -6.94
C GLU D 557 -2.87 -5.04 -6.98
N THR D 558 -2.50 -3.80 -6.69
CA THR D 558 -1.11 -3.37 -6.60
C THR D 558 -0.58 -3.48 -5.17
N VAL D 559 -0.70 -4.69 -4.61
CA VAL D 559 -0.16 -5.03 -3.30
C VAL D 559 0.93 -6.07 -3.49
N ASN D 560 1.67 -5.95 -4.60
CA ASN D 560 2.72 -6.90 -5.00
C ASN D 560 2.10 -8.24 -5.44
N LYS D 561 1.03 -8.15 -6.21
CA LYS D 561 0.44 -9.30 -6.88
C LYS D 561 0.85 -9.37 -8.34
N ILE D 562 0.60 -8.31 -9.10
CA ILE D 562 0.82 -8.34 -10.53
C ILE D 562 2.31 -8.37 -10.86
N ALA D 563 3.15 -7.72 -10.06
CA ALA D 563 4.58 -7.68 -10.37
C ALA D 563 5.19 -9.07 -10.29
N GLN D 564 4.89 -9.82 -9.22
CA GLN D 564 5.46 -11.15 -9.04
C GLN D 564 4.95 -12.10 -10.12
N GLU D 565 3.65 -12.01 -10.45
CA GLU D 565 3.09 -12.83 -11.52
C GLU D 565 3.72 -12.51 -12.86
N SER D 566 3.84 -11.22 -13.18
CA SER D 566 4.35 -10.80 -14.48
C SER D 566 5.80 -11.20 -14.67
N LYS D 567 6.61 -11.08 -13.62
CA LYS D 567 8.03 -11.43 -13.70
C LYS D 567 8.23 -12.86 -14.17
N ASN D 568 7.32 -13.77 -13.81
CA ASN D 568 7.40 -15.16 -14.22
C ASN D 568 6.63 -15.46 -15.50
N ILE D 569 5.53 -14.75 -15.76
CA ILE D 569 4.78 -14.99 -16.98
C ILE D 569 5.62 -14.57 -18.20
N TRP D 570 6.36 -13.46 -18.08
CA TRP D 570 7.26 -13.08 -19.16
C TRP D 570 8.32 -14.14 -19.41
N LYS D 571 8.88 -14.73 -18.34
CA LYS D 571 9.88 -15.77 -18.50
C LYS D 571 9.30 -17.00 -19.19
N LEU D 572 8.06 -17.35 -18.84
CA LEU D 572 7.41 -18.48 -19.52
C LEU D 572 7.20 -18.18 -21.00
N GLN D 573 6.81 -16.95 -21.33
CA GLN D 573 6.66 -16.57 -22.73
C GLN D 573 7.99 -16.67 -23.48
N ARG D 574 9.07 -16.20 -22.86
CA ARG D 574 10.37 -16.28 -23.51
C ARG D 574 10.80 -17.74 -23.70
N ALA D 575 10.50 -18.59 -22.72
CA ALA D 575 10.82 -20.01 -22.86
C ALA D 575 10.06 -20.64 -24.02
N ILE D 576 8.79 -20.29 -24.18
CA ILE D 576 8.03 -20.80 -25.32
C ILE D 576 8.63 -20.32 -26.63
N THR D 577 9.05 -19.06 -26.67
CA THR D 577 9.72 -18.53 -27.86
C THR D 577 10.98 -19.32 -28.18
N ILE D 578 11.79 -19.61 -27.17
CA ILE D 578 13.04 -20.35 -27.39
C ILE D 578 12.74 -21.73 -27.94
N LEU D 579 11.75 -22.42 -27.36
CA LEU D 579 11.45 -23.77 -27.82
C LEU D 579 10.92 -23.76 -29.25
N ASP D 580 10.07 -22.80 -29.59
CA ASP D 580 9.57 -22.72 -30.97
C ASP D 580 10.70 -22.45 -31.95
N THR D 581 11.62 -21.55 -31.58
CA THR D 581 12.76 -21.27 -32.45
C THR D 581 13.62 -22.51 -32.63
N GLU D 582 13.79 -23.29 -31.57
CA GLU D 582 14.51 -24.57 -31.70
C GLU D 582 13.77 -25.52 -32.64
N LYS D 583 12.45 -25.54 -32.56
CA LYS D 583 11.70 -26.53 -33.33
C LYS D 583 11.70 -26.22 -34.82
N SER D 584 11.53 -24.94 -35.20
CA SER D 584 11.47 -24.63 -36.64
C SER D 584 12.86 -24.66 -37.25
N PHE D 585 13.68 -23.64 -36.94
CA PHE D 585 15.14 -23.69 -37.01
C PHE D 585 15.76 -23.70 -38.41
N LEU D 586 14.99 -24.08 -39.44
CA LEU D 586 15.23 -23.82 -40.87
C LEU D 586 16.70 -23.97 -41.30
N LYS D 587 17.48 -24.83 -40.65
CA LYS D 587 18.88 -25.07 -41.00
C LYS D 587 19.21 -26.53 -41.26
N CYS D 588 18.47 -27.46 -40.65
CA CYS D 588 18.69 -28.90 -40.85
C CYS D 588 20.07 -29.35 -40.38
N MET D 589 20.61 -28.69 -39.33
CA MET D 589 21.88 -29.06 -38.74
C MET D 589 21.73 -28.97 -37.22
N ARG D 590 21.81 -30.12 -36.54
CA ARG D 590 21.51 -30.23 -35.12
C ARG D 590 22.77 -30.49 -34.30
N LYS D 591 23.86 -29.81 -34.65
CA LYS D 591 25.11 -29.92 -33.92
C LYS D 591 25.21 -28.94 -32.75
N ALA D 592 24.21 -28.07 -32.57
CA ALA D 592 24.28 -27.02 -31.56
C ALA D 592 23.88 -27.55 -30.17
N PHE D 593 24.69 -28.48 -29.67
CA PHE D 593 24.51 -28.92 -28.30
C PHE D 593 24.85 -27.79 -27.34
N ARG D 594 24.35 -27.92 -26.11
CA ARG D 594 24.22 -26.76 -25.23
C ARG D 594 25.35 -26.62 -24.22
N SER D 595 25.93 -27.74 -23.73
CA SER D 595 26.93 -27.64 -22.67
C SER D 595 28.11 -28.59 -22.79
N GLY D 596 28.24 -29.37 -23.86
CA GLY D 596 29.45 -30.16 -24.04
C GLY D 596 29.42 -31.48 -23.29
N LYS D 597 30.10 -32.47 -23.87
CA LYS D 597 30.04 -33.87 -23.43
C LYS D 597 31.25 -34.15 -22.55
N LEU D 598 31.10 -33.93 -21.25
CA LEU D 598 32.17 -34.14 -20.28
C LEU D 598 32.06 -35.53 -19.64
N LEU D 599 33.21 -36.06 -19.24
CA LEU D 599 33.24 -37.24 -18.39
C LEU D 599 32.91 -36.82 -16.96
N GLN D 600 31.89 -37.45 -16.38
CA GLN D 600 31.37 -37.05 -15.08
C GLN D 600 31.84 -37.95 -13.95
N VAL D 601 31.68 -39.26 -14.11
CA VAL D 601 32.18 -40.25 -13.15
C VAL D 601 33.28 -41.11 -13.77
N GLY D 602 33.09 -41.52 -15.02
CA GLY D 602 34.03 -42.41 -15.67
C GLY D 602 34.01 -43.83 -15.19
N PHE D 603 33.16 -44.17 -14.21
CA PHE D 603 33.16 -45.49 -13.59
C PHE D 603 31.73 -45.80 -13.18
N THR D 604 31.01 -46.50 -14.05
CA THR D 604 29.71 -47.05 -13.72
C THR D 604 29.90 -48.28 -12.84
N PRO D 605 28.81 -48.91 -12.38
CA PRO D 605 28.97 -50.23 -11.75
C PRO D 605 29.73 -51.22 -12.63
N ASP D 606 29.48 -51.19 -13.94
CA ASP D 606 30.36 -51.83 -14.89
C ASP D 606 31.58 -50.95 -15.16
N GLY D 607 32.62 -51.54 -15.74
CA GLY D 607 33.86 -50.82 -15.95
C GLY D 607 33.82 -49.75 -17.03
N LYS D 608 32.70 -49.55 -17.71
CA LYS D 608 32.63 -48.56 -18.78
C LYS D 608 32.64 -47.15 -18.21
N ASP D 609 32.92 -46.19 -19.09
CA ASP D 609 32.96 -44.78 -18.72
C ASP D 609 31.54 -44.24 -18.54
N ASP D 610 31.45 -42.94 -18.19
CA ASP D 610 30.16 -42.31 -17.90
C ASP D 610 30.23 -40.85 -18.34
N TYR D 611 29.72 -40.58 -19.54
CA TYR D 611 29.59 -39.24 -20.08
C TYR D 611 28.11 -38.86 -20.08
N ARG D 612 27.82 -37.58 -19.76
CA ARG D 612 26.45 -37.19 -19.44
C ARG D 612 25.99 -35.85 -20.01
N TRP D 613 26.81 -35.13 -20.77
CA TRP D 613 26.43 -33.82 -21.30
C TRP D 613 26.06 -32.85 -20.17
N CYS D 614 27.05 -32.52 -19.36
CA CYS D 614 26.83 -31.74 -18.14
C CYS D 614 26.88 -30.24 -18.41
N PHE D 615 26.31 -29.48 -17.47
CA PHE D 615 26.22 -28.02 -17.53
C PHE D 615 26.91 -27.44 -16.31
N ARG D 616 27.84 -26.50 -16.54
CA ARG D 616 28.73 -26.00 -15.49
C ARG D 616 28.14 -24.76 -14.85
N VAL D 617 28.23 -24.67 -13.52
CA VAL D 617 27.83 -23.49 -12.76
C VAL D 617 28.87 -23.24 -11.68
N ASP D 618 29.33 -22.00 -11.56
CA ASP D 618 30.32 -21.60 -10.57
C ASP D 618 29.60 -21.01 -9.35
N GLU D 619 30.12 -21.30 -8.17
CA GLU D 619 29.52 -20.86 -6.91
C GLU D 619 30.60 -20.40 -5.95
N VAL D 620 30.23 -19.48 -5.05
CA VAL D 620 31.13 -18.93 -4.05
C VAL D 620 30.41 -18.94 -2.71
N ASN D 621 31.09 -19.47 -1.68
CA ASN D 621 30.54 -19.56 -0.34
C ASN D 621 31.62 -19.21 0.67
N TRP D 622 31.35 -18.21 1.51
CA TRP D 622 32.30 -17.74 2.51
C TRP D 622 32.09 -18.33 3.89
N THR D 623 31.06 -19.15 4.08
CA THR D 623 30.75 -19.73 5.38
C THR D 623 31.43 -21.08 5.61
N THR D 624 32.15 -21.61 4.62
CA THR D 624 32.76 -22.94 4.68
C THR D 624 31.71 -24.04 4.75
N THR E 49 -31.37 -2.16 54.78
CA THR E 49 -30.51 -3.14 54.12
C THR E 49 -30.84 -4.55 54.60
N GLY E 50 -30.66 -4.78 55.90
CA GLY E 50 -30.80 -6.10 56.49
C GLY E 50 -29.49 -6.78 56.82
N LYS E 51 -28.37 -6.06 56.79
CA LYS E 51 -27.07 -6.66 57.06
C LYS E 51 -27.00 -7.15 58.50
N THR E 52 -26.83 -8.45 58.66
CA THR E 52 -26.69 -9.06 59.98
C THR E 52 -25.22 -9.14 60.37
N CYS E 53 -24.98 -9.55 61.62
CA CYS E 53 -23.61 -9.67 62.12
C CYS E 53 -22.84 -10.74 61.35
N LEU E 54 -23.53 -11.80 60.93
CA LEU E 54 -22.85 -12.83 60.13
C LEU E 54 -22.40 -12.28 58.79
N LEU E 55 -23.25 -11.49 58.14
CA LEU E 55 -22.85 -10.88 56.87
C LEU E 55 -21.71 -9.89 57.07
N LYS E 56 -21.72 -9.16 58.19
CA LYS E 56 -20.61 -8.26 58.50
C LYS E 56 -19.31 -9.05 58.65
N ALA E 57 -19.36 -10.18 59.35
CA ALA E 57 -18.17 -11.00 59.50
C ALA E 57 -17.71 -11.56 58.16
N MET E 58 -18.66 -11.99 57.32
CA MET E 58 -18.30 -12.54 56.02
C MET E 58 -17.66 -11.49 55.12
N LEU E 59 -18.16 -10.25 55.17
CA LEU E 59 -17.61 -9.19 54.32
C LEU E 59 -16.29 -8.66 54.85
N ASN E 60 -16.02 -8.78 56.15
CA ASN E 60 -14.81 -8.26 56.79
C ASN E 60 -14.06 -9.43 57.42
N LEU E 61 -13.17 -10.04 56.64
CA LEU E 61 -12.30 -11.09 57.14
C LEU E 61 -10.93 -10.93 56.49
N HIS E 62 -9.89 -11.34 57.23
CA HIS E 62 -8.50 -11.13 56.86
C HIS E 62 -7.84 -12.45 56.55
N ASN E 63 -7.18 -12.54 55.38
CA ASN E 63 -6.47 -13.74 54.94
C ASN E 63 -7.39 -14.95 54.91
N GLY E 64 -8.66 -14.76 54.56
CA GLY E 64 -9.58 -15.86 54.47
C GLY E 64 -10.04 -16.43 55.79
N GLN E 65 -9.84 -15.71 56.90
CA GLN E 65 -10.19 -16.22 58.22
C GLN E 65 -10.79 -15.12 59.07
N ASN E 66 -11.81 -15.48 59.86
CA ASN E 66 -12.35 -14.60 60.89
C ASN E 66 -13.05 -15.49 61.90
N ASP E 67 -12.49 -15.61 63.10
CA ASP E 67 -13.02 -16.51 64.11
C ASP E 67 -14.42 -16.11 64.58
N THR E 68 -14.86 -14.88 64.31
CA THR E 68 -16.18 -14.45 64.75
C THR E 68 -17.29 -15.28 64.11
N ILE E 69 -17.06 -15.81 62.91
CA ILE E 69 -18.11 -16.55 62.21
C ILE E 69 -18.48 -17.82 62.97
N ALA E 70 -17.48 -18.60 63.35
CA ALA E 70 -17.74 -19.85 64.07
C ALA E 70 -18.36 -19.57 65.43
N LEU E 71 -17.92 -18.50 66.11
CA LEU E 71 -18.51 -18.15 67.39
C LEU E 71 -19.97 -17.77 67.23
N LEU E 72 -20.30 -16.98 66.20
CA LEU E 72 -21.68 -16.60 65.96
C LEU E 72 -22.55 -17.82 65.67
N LEU E 73 -22.05 -18.74 64.85
CA LEU E 73 -22.82 -19.94 64.53
C LEU E 73 -22.99 -20.83 65.76
N ASP E 74 -21.96 -20.92 66.61
CA ASP E 74 -22.07 -21.71 67.82
C ASP E 74 -23.09 -21.11 68.79
N VAL E 75 -23.08 -19.78 68.92
CA VAL E 75 -24.07 -19.11 69.77
C VAL E 75 -25.46 -19.30 69.20
N ALA E 76 -25.60 -19.24 67.87
CA ALA E 76 -26.88 -19.49 67.23
C ALA E 76 -27.37 -20.90 67.51
N ARG E 77 -26.46 -21.89 67.47
CA ARG E 77 -26.83 -23.25 67.86
C ARG E 77 -27.28 -23.30 69.31
N LYS E 78 -26.58 -22.57 70.18
CA LYS E 78 -26.88 -22.65 71.61
C LYS E 78 -28.24 -22.01 71.93
N THR E 79 -28.59 -20.90 71.28
CA THR E 79 -29.77 -20.17 71.71
C THR E 79 -31.07 -20.88 71.35
N ASP E 80 -31.40 -20.94 70.05
CA ASP E 80 -32.55 -21.72 69.60
C ASP E 80 -32.25 -22.55 68.35
N SER E 81 -31.55 -21.94 67.39
CA SER E 81 -31.34 -22.53 66.07
C SER E 81 -30.55 -21.55 65.23
N LEU E 82 -29.90 -22.08 64.18
CA LEU E 82 -29.19 -21.28 63.19
C LEU E 82 -29.85 -21.32 61.82
N LYS E 83 -31.05 -21.89 61.69
CA LYS E 83 -31.68 -22.02 60.38
C LYS E 83 -31.97 -20.64 59.77
N GLN E 84 -32.64 -19.78 60.53
CA GLN E 84 -32.90 -18.43 60.06
C GLN E 84 -31.67 -17.53 60.14
N PHE E 85 -30.63 -17.95 60.85
CA PHE E 85 -29.44 -17.12 61.04
C PHE E 85 -28.47 -17.28 59.88
N VAL E 86 -28.11 -18.52 59.54
CA VAL E 86 -27.18 -18.76 58.45
C VAL E 86 -27.79 -18.38 57.10
N ASN E 87 -29.11 -18.42 56.98
CA ASN E 87 -29.81 -18.09 55.73
C ASN E 87 -30.31 -16.65 55.71
N ALA E 88 -29.72 -15.78 56.53
CA ALA E 88 -30.08 -14.36 56.48
C ALA E 88 -29.65 -13.76 55.15
N SER E 89 -30.40 -12.76 54.69
CA SER E 89 -30.13 -12.14 53.40
C SER E 89 -30.61 -10.70 53.42
N TYR E 90 -30.09 -9.92 52.48
CA TYR E 90 -30.51 -8.53 52.33
C TYR E 90 -31.95 -8.47 51.85
N THR E 91 -32.64 -7.40 52.25
CA THR E 91 -34.02 -7.15 51.86
C THR E 91 -34.19 -5.90 51.01
N ASP E 92 -33.20 -5.01 50.97
CA ASP E 92 -33.30 -3.84 50.11
C ASP E 92 -33.25 -4.27 48.64
N SER E 93 -33.85 -3.44 47.79
CA SER E 93 -34.03 -3.80 46.39
C SER E 93 -32.71 -3.89 45.63
N TYR E 94 -31.66 -3.23 46.09
CA TYR E 94 -30.42 -3.16 45.32
C TYR E 94 -29.60 -4.44 45.46
N TYR E 95 -29.46 -4.96 46.67
CA TYR E 95 -28.71 -6.19 46.94
C TYR E 95 -29.63 -7.34 47.36
N LYS E 96 -30.90 -7.32 46.92
CA LYS E 96 -31.89 -8.29 47.37
C LYS E 96 -31.44 -9.72 47.11
N GLY E 97 -31.57 -10.57 48.14
CA GLY E 97 -31.35 -11.99 48.01
C GLY E 97 -29.94 -12.47 48.30
N GLN E 98 -28.97 -11.56 48.37
CA GLN E 98 -27.59 -11.98 48.64
C GLN E 98 -27.48 -12.55 50.05
N THR E 99 -26.75 -13.66 50.18
CA THR E 99 -26.57 -14.31 51.48
C THR E 99 -25.13 -14.76 51.65
N ALA E 100 -24.87 -15.54 52.71
CA ALA E 100 -23.49 -15.88 53.06
C ALA E 100 -22.81 -16.77 52.03
N LEU E 101 -23.57 -17.65 51.36
CA LEU E 101 -22.96 -18.52 50.35
C LEU E 101 -22.42 -17.70 49.18
N HIS E 102 -23.15 -16.68 48.75
CA HIS E 102 -22.68 -15.84 47.66
C HIS E 102 -21.40 -15.13 48.03
N ILE E 103 -21.31 -14.63 49.26
CA ILE E 103 -20.10 -13.95 49.71
C ILE E 103 -18.94 -14.95 49.81
N ALA E 104 -19.22 -16.16 50.30
CA ALA E 104 -18.19 -17.18 50.38
C ALA E 104 -17.63 -17.53 49.00
N ILE E 105 -18.50 -17.65 48.00
CA ILE E 105 -18.04 -17.96 46.66
C ILE E 105 -17.28 -16.78 46.07
N GLU E 106 -17.76 -15.56 46.32
CA GLU E 106 -17.12 -14.37 45.77
C GLU E 106 -15.67 -14.25 46.24
N ARG E 107 -15.41 -14.51 47.52
CA ARG E 107 -14.08 -14.39 48.08
C ARG E 107 -13.23 -15.65 47.88
N ARG E 108 -13.75 -16.66 47.17
CA ARG E 108 -12.99 -17.84 46.81
C ARG E 108 -12.48 -18.57 48.05
N ASN E 109 -13.38 -18.77 49.01
CA ASN E 109 -13.08 -19.39 50.30
C ASN E 109 -13.79 -20.74 50.38
N MET E 110 -13.04 -21.82 50.15
CA MET E 110 -13.61 -23.16 50.18
C MET E 110 -14.11 -23.52 51.57
N THR E 111 -13.36 -23.16 52.61
CA THR E 111 -13.71 -23.57 53.97
C THR E 111 -15.03 -22.96 54.40
N LEU E 112 -15.24 -21.66 54.11
CA LEU E 112 -16.45 -21.00 54.56
C LEU E 112 -17.69 -21.55 53.86
N VAL E 113 -17.61 -21.78 52.55
CA VAL E 113 -18.79 -22.31 51.86
C VAL E 113 -19.06 -23.74 52.30
N THR E 114 -18.01 -24.53 52.55
CA THR E 114 -18.21 -25.88 53.06
C THR E 114 -18.91 -25.86 54.41
N LEU E 115 -18.46 -24.98 55.32
CA LEU E 115 -19.08 -24.88 56.63
C LEU E 115 -20.51 -24.39 56.53
N LEU E 116 -20.78 -23.41 55.65
CA LEU E 116 -22.12 -22.89 55.50
C LEU E 116 -23.08 -23.94 54.97
N VAL E 117 -22.63 -24.75 54.00
CA VAL E 117 -23.47 -25.83 53.50
C VAL E 117 -23.68 -26.88 54.58
N GLU E 118 -22.64 -27.16 55.39
CA GLU E 118 -22.76 -28.15 56.44
C GLU E 118 -23.82 -27.74 57.47
N ASN E 119 -23.94 -26.45 57.75
CA ASN E 119 -24.86 -25.96 58.77
C ASN E 119 -26.29 -25.80 58.26
N GLY E 120 -26.56 -26.12 57.01
CA GLY E 120 -27.90 -26.05 56.46
C GLY E 120 -28.22 -24.81 55.66
N ALA E 121 -27.20 -24.16 55.08
CA ALA E 121 -27.46 -23.02 54.22
C ALA E 121 -28.16 -23.46 52.94
N ASP E 122 -29.09 -22.63 52.48
CA ASP E 122 -29.86 -22.96 51.29
C ASP E 122 -29.03 -22.69 50.05
N VAL E 123 -28.71 -23.75 49.30
CA VAL E 123 -27.86 -23.63 48.11
C VAL E 123 -28.65 -23.26 46.86
N GLN E 124 -29.96 -23.03 46.97
CA GLN E 124 -30.79 -22.61 45.85
C GLN E 124 -31.34 -21.19 46.04
N ALA E 125 -30.69 -20.38 46.87
CA ALA E 125 -31.13 -19.00 47.07
C ALA E 125 -30.88 -18.17 45.82
N ALA E 126 -31.85 -17.31 45.50
CA ALA E 126 -31.80 -16.46 44.30
C ALA E 126 -31.43 -15.05 44.72
N ALA E 127 -30.25 -14.59 44.29
CA ALA E 127 -29.79 -13.23 44.55
C ALA E 127 -30.26 -12.35 43.40
N ASN E 128 -31.53 -11.95 43.47
CA ASN E 128 -32.22 -11.26 42.38
C ASN E 128 -32.34 -9.76 42.62
N GLY E 129 -31.30 -9.14 43.17
CA GLY E 129 -31.29 -7.70 43.33
C GLY E 129 -31.00 -6.98 42.03
N ASP E 130 -31.21 -5.66 42.05
CA ASP E 130 -30.98 -4.85 40.87
C ASP E 130 -29.50 -4.84 40.48
N PHE E 131 -28.59 -4.96 41.45
CA PHE E 131 -27.17 -4.96 41.15
C PHE E 131 -26.75 -6.17 40.34
N PHE E 132 -27.50 -7.28 40.42
CA PHE E 132 -27.12 -8.57 39.84
C PHE E 132 -27.85 -8.84 38.53
N LYS E 133 -28.06 -7.83 37.68
CA LYS E 133 -28.81 -8.05 36.44
C LYS E 133 -28.36 -7.02 35.40
N LYS E 134 -29.17 -6.88 34.35
CA LYS E 134 -28.94 -6.01 33.20
C LYS E 134 -29.27 -4.56 33.56
N THR E 135 -29.64 -3.73 32.57
CA THR E 135 -29.57 -2.26 32.65
C THR E 135 -28.13 -1.77 32.59
N LYS E 136 -27.54 -1.87 31.38
CA LYS E 136 -26.19 -1.40 31.10
C LYS E 136 -25.90 0.02 31.58
N GLY E 137 -26.91 0.86 31.76
CA GLY E 137 -26.71 2.24 32.16
C GLY E 137 -26.28 2.45 33.59
N ARG E 138 -26.11 1.39 34.36
CA ARG E 138 -25.63 1.47 35.74
C ARG E 138 -24.72 0.27 36.00
N PRO E 139 -23.91 0.32 37.05
CA PRO E 139 -23.03 -0.82 37.34
C PRO E 139 -23.82 -2.07 37.72
N GLY E 140 -23.19 -3.21 37.52
CA GLY E 140 -23.79 -4.48 37.86
C GLY E 140 -22.99 -5.63 37.29
N PHE E 141 -23.41 -6.84 37.66
CA PHE E 141 -22.77 -8.05 37.19
C PHE E 141 -23.79 -9.19 37.23
N TYR E 142 -24.20 -9.66 36.06
CA TYR E 142 -25.16 -10.74 35.95
C TYR E 142 -24.42 -12.08 35.83
N PHE E 143 -24.77 -13.01 36.73
CA PHE E 143 -24.12 -14.31 36.78
C PHE E 143 -25.11 -15.47 36.82
N GLY E 144 -26.42 -15.22 36.86
CA GLY E 144 -27.43 -16.25 36.96
C GLY E 144 -28.13 -16.34 38.31
N GLU E 145 -27.73 -15.53 39.29
CA GLU E 145 -28.45 -15.34 40.54
C GLU E 145 -28.38 -16.52 41.50
N LEU E 146 -27.72 -17.63 41.12
CA LEU E 146 -27.66 -18.83 41.93
C LEU E 146 -26.20 -19.13 42.31
N PRO E 147 -25.96 -19.76 43.47
CA PRO E 147 -24.56 -20.05 43.83
C PRO E 147 -23.83 -20.95 42.86
N LEU E 148 -24.52 -21.91 42.24
CA LEU E 148 -23.88 -22.77 41.27
C LEU E 148 -23.46 -21.98 40.03
N SER E 149 -24.34 -21.11 39.53
CA SER E 149 -23.98 -20.27 38.40
C SER E 149 -22.89 -19.27 38.79
N LEU E 150 -22.89 -18.79 40.03
CA LEU E 150 -21.83 -17.90 40.48
C LEU E 150 -20.48 -18.61 40.48
N ALA E 151 -20.44 -19.84 40.99
CA ALA E 151 -19.20 -20.61 41.00
C ALA E 151 -18.75 -20.91 39.58
N ALA E 152 -19.67 -21.27 38.70
CA ALA E 152 -19.32 -21.59 37.33
C ALA E 152 -18.79 -20.37 36.58
N CYS E 153 -19.42 -19.21 36.78
CA CYS E 153 -19.05 -18.01 36.03
C CYS E 153 -17.73 -17.39 36.50
N THR E 154 -17.27 -17.71 37.71
CA THR E 154 -16.02 -17.18 38.24
C THR E 154 -14.86 -18.16 38.12
N ASN E 155 -15.04 -19.27 37.40
CA ASN E 155 -13.98 -20.24 37.14
C ASN E 155 -13.46 -20.87 38.43
N GLN E 156 -14.39 -21.35 39.25
CA GLN E 156 -14.09 -22.07 40.49
C GLN E 156 -14.69 -23.47 40.35
N LEU E 157 -13.91 -24.40 39.79
CA LEU E 157 -14.42 -25.72 39.48
C LEU E 157 -14.65 -26.54 40.74
N ALA E 158 -13.78 -26.38 41.75
CA ALA E 158 -13.90 -27.17 42.97
C ALA E 158 -15.22 -26.89 43.69
N ILE E 159 -15.62 -25.62 43.75
CA ILE E 159 -16.88 -25.28 44.39
C ILE E 159 -18.05 -25.86 43.60
N VAL E 160 -17.96 -25.86 42.27
CA VAL E 160 -19.02 -26.45 41.45
C VAL E 160 -19.16 -27.93 41.77
N LYS E 161 -18.03 -28.65 41.83
CA LYS E 161 -18.07 -30.07 42.14
C LYS E 161 -18.63 -30.32 43.54
N PHE E 162 -18.21 -29.50 44.51
CA PHE E 162 -18.72 -29.66 45.87
C PHE E 162 -20.22 -29.43 45.92
N LEU E 163 -20.69 -28.35 45.30
CA LEU E 163 -22.12 -28.04 45.31
C LEU E 163 -22.93 -29.13 44.64
N LEU E 164 -22.40 -29.75 43.59
CA LEU E 164 -23.13 -30.82 42.91
C LEU E 164 -23.08 -32.13 43.68
N GLN E 165 -21.99 -32.40 44.42
CA GLN E 165 -21.74 -33.71 45.01
C GLN E 165 -21.28 -33.59 46.46
N ASN E 166 -22.01 -32.82 47.27
CA ASN E 166 -21.83 -32.80 48.71
C ASN E 166 -22.79 -33.78 49.37
N SER E 167 -22.50 -34.12 50.63
CA SER E 167 -23.28 -35.10 51.36
C SER E 167 -24.55 -34.52 51.99
N TRP E 168 -24.65 -33.20 52.11
CA TRP E 168 -25.73 -32.56 52.86
C TRP E 168 -26.89 -32.12 51.98
N GLN E 169 -26.62 -31.31 50.96
CA GLN E 169 -27.68 -30.73 50.13
C GLN E 169 -27.10 -30.48 48.73
N PRO E 170 -27.30 -31.40 47.78
CA PRO E 170 -26.78 -31.16 46.43
C PRO E 170 -27.58 -30.08 45.71
N ALA E 171 -26.89 -29.39 44.80
CA ALA E 171 -27.51 -28.33 44.02
C ALA E 171 -28.30 -28.91 42.86
N ASP E 172 -29.32 -28.16 42.43
CA ASP E 172 -30.18 -28.58 41.31
C ASP E 172 -29.55 -28.08 40.02
N ILE E 173 -28.94 -29.00 39.27
CA ILE E 173 -28.23 -28.63 38.05
C ILE E 173 -29.18 -28.11 36.96
N SER E 174 -30.46 -28.46 37.03
CA SER E 174 -31.44 -28.06 36.03
C SER E 174 -32.22 -26.80 36.41
N ALA E 175 -31.87 -26.16 37.53
CA ALA E 175 -32.64 -25.01 38.00
C ALA E 175 -32.45 -23.82 37.06
N ARG E 176 -33.46 -22.93 37.05
CA ARG E 176 -33.47 -21.74 36.23
C ARG E 176 -33.69 -20.51 37.10
N ASP E 177 -33.11 -19.39 36.66
CA ASP E 177 -33.23 -18.12 37.37
C ASP E 177 -34.53 -17.43 36.95
N SER E 178 -34.66 -16.15 37.32
CA SER E 178 -35.88 -15.41 37.01
C SER E 178 -36.08 -15.26 35.51
N VAL E 179 -35.00 -15.16 34.74
CA VAL E 179 -35.11 -15.02 33.29
C VAL E 179 -35.34 -16.35 32.60
N GLY E 180 -35.11 -17.47 33.28
CA GLY E 180 -35.19 -18.79 32.68
C GLY E 180 -33.88 -19.36 32.23
N ASN E 181 -32.76 -18.76 32.61
CA ASN E 181 -31.43 -19.20 32.19
C ASN E 181 -30.88 -20.23 33.16
N THR E 182 -30.38 -21.35 32.61
CA THR E 182 -29.69 -22.35 33.40
C THR E 182 -28.22 -21.94 33.52
N VAL E 183 -27.40 -22.83 34.11
CA VAL E 183 -25.98 -22.53 34.26
C VAL E 183 -25.31 -22.41 32.90
N LEU E 184 -25.75 -23.21 31.91
CA LEU E 184 -25.15 -23.13 30.58
C LEU E 184 -25.54 -21.84 29.87
N HIS E 185 -26.80 -21.40 30.03
CA HIS E 185 -27.20 -20.10 29.50
C HIS E 185 -26.35 -18.99 30.13
N ALA E 186 -26.10 -19.08 31.44
CA ALA E 186 -25.26 -18.09 32.10
C ALA E 186 -23.83 -18.12 31.56
N LEU E 187 -23.28 -19.31 31.32
CA LEU E 187 -21.94 -19.39 30.78
C LEU E 187 -21.87 -18.78 29.38
N VAL E 188 -22.89 -19.03 28.56
CA VAL E 188 -22.94 -18.42 27.24
C VAL E 188 -23.03 -16.90 27.36
N GLU E 189 -23.82 -16.41 28.31
CA GLU E 189 -24.10 -14.99 28.40
C GLU E 189 -22.87 -14.16 28.75
N VAL E 190 -21.98 -14.70 29.59
CA VAL E 190 -20.85 -13.93 30.09
C VAL E 190 -19.64 -14.01 29.15
N ALA E 191 -19.81 -14.60 27.97
CA ALA E 191 -18.73 -14.68 27.02
C ALA E 191 -18.55 -13.35 26.28
N ASP E 192 -17.29 -13.06 25.91
CA ASP E 192 -16.98 -11.85 25.15
C ASP E 192 -15.97 -12.07 24.04
N ASN E 193 -15.70 -13.32 23.65
CA ASN E 193 -14.91 -13.67 22.48
C ASN E 193 -13.43 -13.33 22.60
N THR E 194 -12.94 -13.02 23.79
CA THR E 194 -11.52 -12.88 24.02
C THR E 194 -10.90 -14.25 24.30
N VAL E 195 -9.56 -14.30 24.33
CA VAL E 195 -8.86 -15.57 24.36
C VAL E 195 -9.06 -16.27 25.71
N ASP E 196 -8.75 -15.59 26.81
CA ASP E 196 -8.83 -16.21 28.12
C ASP E 196 -10.28 -16.50 28.50
N ASN E 197 -11.18 -15.57 28.17
CA ASN E 197 -12.60 -15.77 28.44
C ASN E 197 -13.11 -17.00 27.73
N THR E 198 -12.80 -17.11 26.43
CA THR E 198 -13.24 -18.27 25.65
C THR E 198 -12.68 -19.56 26.22
N LYS E 199 -11.39 -19.55 26.60
CA LYS E 199 -10.76 -20.74 27.13
C LYS E 199 -11.47 -21.24 28.39
N PHE E 200 -11.64 -20.36 29.38
CA PHE E 200 -12.20 -20.83 30.64
C PHE E 200 -13.69 -21.15 30.49
N VAL E 201 -14.42 -20.39 29.67
CA VAL E 201 -15.83 -20.66 29.49
C VAL E 201 -16.03 -22.02 28.82
N THR E 202 -15.21 -22.31 27.80
CA THR E 202 -15.31 -23.60 27.12
C THR E 202 -15.01 -24.75 28.08
N SER E 203 -13.94 -24.62 28.87
CA SER E 203 -13.59 -25.72 29.79
C SER E 203 -14.69 -25.94 30.82
N MET E 204 -15.21 -24.86 31.41
CA MET E 204 -16.27 -25.00 32.41
C MET E 204 -17.53 -25.59 31.80
N TYR E 205 -17.88 -25.17 30.58
CA TYR E 205 -19.05 -25.73 29.91
C TYR E 205 -18.91 -27.24 29.73
N ASN E 206 -17.75 -27.68 29.23
CA ASN E 206 -17.53 -29.11 29.01
C ASN E 206 -17.62 -29.89 30.31
N GLU E 207 -16.96 -29.38 31.36
CA GLU E 207 -16.95 -30.11 32.63
C GLU E 207 -18.35 -30.22 33.23
N ILE E 208 -19.11 -29.13 33.19
CA ILE E 208 -20.45 -29.17 33.77
C ILE E 208 -21.35 -30.11 32.97
N LEU E 209 -21.21 -30.11 31.63
CA LEU E 209 -22.02 -31.01 30.84
C LEU E 209 -21.71 -32.47 31.15
N ILE E 210 -20.43 -32.81 31.29
CA ILE E 210 -20.07 -34.21 31.58
C ILE E 210 -20.57 -34.60 32.97
N LEU E 211 -20.40 -33.73 33.97
CA LEU E 211 -20.87 -34.07 35.31
C LEU E 211 -22.39 -34.22 35.34
N GLY E 212 -23.11 -33.34 34.64
CA GLY E 212 -24.56 -33.49 34.58
C GLY E 212 -24.98 -34.78 33.92
N ALA E 213 -24.26 -35.19 32.88
CA ALA E 213 -24.54 -36.48 32.25
C ALA E 213 -24.31 -37.63 33.23
N LYS E 214 -23.22 -37.56 34.00
CA LYS E 214 -22.91 -38.65 34.91
C LYS E 214 -23.94 -38.76 36.04
N LEU E 215 -24.35 -37.62 36.61
CA LEU E 215 -25.28 -37.67 37.73
C LEU E 215 -26.70 -37.99 37.29
N HIS E 216 -27.11 -37.47 36.13
CA HIS E 216 -28.47 -37.64 35.62
C HIS E 216 -28.38 -38.06 34.15
N PRO E 217 -28.15 -39.34 33.87
CA PRO E 217 -28.00 -39.77 32.47
C PRO E 217 -29.20 -39.49 31.58
N THR E 218 -30.40 -39.36 32.15
CA THR E 218 -31.61 -39.11 31.38
C THR E 218 -31.96 -37.63 31.26
N LEU E 219 -31.11 -36.73 31.77
CA LEU E 219 -31.39 -35.30 31.75
C LEU E 219 -30.75 -34.68 30.51
N LYS E 220 -31.56 -33.96 29.73
CA LYS E 220 -31.10 -33.24 28.54
C LYS E 220 -30.92 -31.78 28.92
N LEU E 221 -29.69 -31.41 29.28
CA LEU E 221 -29.44 -30.05 29.74
C LEU E 221 -29.55 -29.04 28.59
N GLU E 222 -29.03 -29.40 27.42
CA GLU E 222 -29.01 -28.46 26.30
C GLU E 222 -30.36 -28.27 25.63
N GLU E 223 -31.37 -29.06 25.98
CA GLU E 223 -32.71 -28.90 25.44
C GLU E 223 -33.57 -27.92 26.24
N ILE E 224 -33.08 -27.43 27.37
CA ILE E 224 -33.85 -26.52 28.22
C ILE E 224 -33.83 -25.13 27.61
N THR E 225 -35.00 -24.48 27.57
CA THR E 225 -35.17 -23.16 26.98
C THR E 225 -35.55 -22.15 28.05
N ASN E 226 -35.14 -20.91 27.84
CA ASN E 226 -35.46 -19.81 28.72
C ASN E 226 -36.81 -19.20 28.30
N ARG E 227 -37.15 -18.04 28.87
CA ARG E 227 -38.44 -17.42 28.56
C ARG E 227 -38.56 -17.06 27.09
N LYS E 228 -37.48 -16.67 26.45
CA LYS E 228 -37.50 -16.35 25.03
C LYS E 228 -37.57 -17.58 24.14
N GLY E 229 -37.45 -18.78 24.69
CA GLY E 229 -37.46 -20.00 23.92
C GLY E 229 -36.11 -20.40 23.34
N LEU E 230 -35.02 -19.78 23.79
CA LEU E 230 -33.70 -20.04 23.24
C LEU E 230 -32.97 -21.09 24.05
N THR E 231 -32.33 -22.00 23.35
CA THR E 231 -31.37 -22.94 23.94
C THR E 231 -30.00 -22.28 24.00
N PRO E 232 -29.03 -22.86 24.72
CA PRO E 232 -27.69 -22.26 24.75
C PRO E 232 -27.06 -22.10 23.37
N LEU E 233 -27.31 -23.03 22.45
CA LEU E 233 -26.78 -22.90 21.10
C LEU E 233 -27.45 -21.76 20.36
N ALA E 234 -28.78 -21.66 20.45
CA ALA E 234 -29.50 -20.57 19.81
C ALA E 234 -29.11 -19.23 20.42
N LEU E 235 -28.94 -19.19 21.74
CA LEU E 235 -28.51 -17.95 22.39
C LEU E 235 -27.12 -17.53 21.91
N ALA E 236 -26.18 -18.49 21.82
CA ALA E 236 -24.85 -18.18 21.32
C ALA E 236 -24.89 -17.69 19.88
N ALA E 237 -25.72 -18.32 19.05
CA ALA E 237 -25.79 -17.92 17.65
C ALA E 237 -26.41 -16.54 17.50
N SER E 238 -27.47 -16.24 18.25
CA SER E 238 -28.15 -14.96 18.10
C SER E 238 -27.38 -13.82 18.74
N SER E 239 -26.63 -14.07 19.80
CA SER E 239 -25.88 -13.02 20.49
C SER E 239 -24.54 -12.72 19.85
N GLY E 240 -24.08 -13.54 18.92
CA GLY E 240 -22.79 -13.34 18.29
C GLY E 240 -21.61 -13.91 19.05
N LYS E 241 -21.83 -14.90 19.92
CA LYS E 241 -20.76 -15.53 20.68
C LYS E 241 -20.09 -16.58 19.81
N ILE E 242 -19.23 -16.10 18.91
CA ILE E 242 -18.62 -16.98 17.91
C ILE E 242 -17.68 -17.98 18.58
N GLY E 243 -17.00 -17.60 19.66
CA GLY E 243 -16.09 -18.52 20.31
C GLY E 243 -16.79 -19.71 20.93
N VAL E 244 -17.99 -19.51 21.45
CA VAL E 244 -18.74 -20.61 22.05
C VAL E 244 -19.40 -21.46 20.96
N LEU E 245 -19.91 -20.82 19.91
CA LEU E 245 -20.49 -21.56 18.79
C LEU E 245 -19.46 -22.46 18.12
N ALA E 246 -18.24 -21.94 17.92
CA ALA E 246 -17.20 -22.73 17.29
C ALA E 246 -16.82 -23.93 18.13
N TYR E 247 -16.92 -23.83 19.45
CA TYR E 247 -16.70 -24.99 20.31
C TYR E 247 -17.85 -25.97 20.22
N ILE E 248 -19.08 -25.47 20.34
CA ILE E 248 -20.24 -26.35 20.46
C ILE E 248 -20.43 -27.17 19.19
N LEU E 249 -20.32 -26.52 18.02
CA LEU E 249 -20.73 -27.20 16.79
C LEU E 249 -19.83 -28.37 16.41
N GLN E 250 -18.64 -28.48 16.98
CA GLN E 250 -17.67 -29.50 16.59
C GLN E 250 -16.93 -30.07 17.80
N ARG E 251 -17.63 -30.22 18.93
CA ARG E 251 -17.01 -30.81 20.11
C ARG E 251 -17.00 -32.32 20.01
N GLU E 252 -15.92 -32.92 20.53
CA GLU E 252 -15.76 -34.37 20.55
C GLU E 252 -15.26 -34.79 21.93
N ILE E 253 -15.93 -35.77 22.52
CA ILE E 253 -15.63 -36.27 23.86
C ILE E 253 -15.31 -37.75 23.76
N HIS E 254 -14.17 -38.15 24.34
CA HIS E 254 -13.67 -39.52 24.23
C HIS E 254 -13.84 -40.33 25.51
N GLU E 255 -14.21 -39.71 26.62
CA GLU E 255 -14.31 -40.44 27.88
C GLU E 255 -15.46 -41.45 27.80
N PRO E 256 -15.28 -42.70 28.25
CA PRO E 256 -16.40 -43.65 28.17
C PRO E 256 -17.57 -43.23 29.05
N GLU E 257 -18.75 -43.75 28.69
CA GLU E 257 -20.04 -43.53 29.35
C GLU E 257 -20.61 -42.15 29.09
N CYS E 258 -19.92 -41.27 28.34
CA CYS E 258 -20.46 -39.97 27.98
C CYS E 258 -20.10 -39.58 26.56
N ARG E 259 -19.74 -40.54 25.70
CA ARG E 259 -19.42 -40.22 24.31
C ARG E 259 -20.64 -39.79 23.52
N HIS E 260 -21.84 -40.11 23.98
CA HIS E 260 -23.06 -39.69 23.28
C HIS E 260 -23.27 -38.18 23.32
N LEU E 261 -22.55 -37.45 24.16
CA LEU E 261 -22.64 -35.99 24.20
C LEU E 261 -21.94 -35.32 23.03
N SER E 262 -21.14 -36.07 22.25
CA SER E 262 -20.39 -35.46 21.17
C SER E 262 -21.31 -35.08 20.01
N ARG E 263 -20.83 -34.12 19.20
CA ARG E 263 -21.47 -33.74 17.96
C ARG E 263 -20.61 -34.00 16.74
N LYS E 264 -19.29 -34.13 16.90
CA LYS E 264 -18.38 -34.51 15.83
C LYS E 264 -17.87 -35.92 16.10
N PHE E 265 -17.97 -36.79 15.09
CA PHE E 265 -17.65 -38.20 15.21
C PHE E 265 -16.73 -38.59 14.06
N THR E 266 -16.28 -39.85 14.08
CA THR E 266 -15.46 -40.42 13.01
C THR E 266 -16.15 -41.67 12.49
N GLU E 267 -16.38 -41.73 11.18
CA GLU E 267 -17.02 -42.87 10.55
C GLU E 267 -16.00 -43.94 10.17
N TRP E 268 -14.88 -43.56 9.58
CA TRP E 268 -13.83 -44.50 9.24
C TRP E 268 -12.54 -43.74 9.00
N ALA E 269 -11.43 -44.48 9.01
CA ALA E 269 -10.12 -43.90 8.84
C ALA E 269 -9.21 -44.90 8.15
N TYR E 270 -8.59 -44.46 7.06
CA TYR E 270 -7.47 -45.15 6.44
C TYR E 270 -6.19 -44.57 7.05
N GLY E 271 -5.04 -44.90 6.46
CA GLY E 271 -3.77 -44.43 6.98
C GLY E 271 -3.71 -42.93 7.14
N PRO E 272 -3.70 -42.18 6.03
CA PRO E 272 -3.76 -40.71 6.12
C PRO E 272 -5.15 -40.11 5.94
N VAL E 273 -6.11 -40.86 5.44
CA VAL E 273 -7.43 -40.36 5.08
C VAL E 273 -8.41 -40.75 6.17
N HIS E 274 -9.30 -39.83 6.54
CA HIS E 274 -10.38 -40.19 7.44
C HIS E 274 -11.60 -39.32 7.17
N SER E 275 -12.76 -39.89 7.51
CA SER E 275 -14.06 -39.28 7.24
C SER E 275 -14.78 -39.08 8.57
N SER E 276 -15.18 -37.84 8.84
CA SER E 276 -15.87 -37.45 10.06
C SER E 276 -17.31 -37.07 9.76
N LEU E 277 -18.13 -37.10 10.81
CA LEU E 277 -19.55 -36.80 10.73
C LEU E 277 -19.89 -35.62 11.63
N TYR E 278 -20.71 -34.72 11.12
CA TYR E 278 -21.22 -33.57 11.87
C TYR E 278 -22.72 -33.75 12.12
N ASP E 279 -23.17 -33.24 13.27
CA ASP E 279 -24.45 -33.66 13.83
C ASP E 279 -25.65 -33.09 13.08
N LEU E 280 -25.63 -31.77 12.82
CA LEU E 280 -26.66 -31.06 12.08
C LEU E 280 -28.03 -31.06 12.75
N SER E 281 -28.12 -31.45 14.02
CA SER E 281 -29.38 -31.32 14.75
C SER E 281 -29.62 -29.87 15.09
N CYS E 282 -30.78 -29.34 14.66
CA CYS E 282 -31.18 -27.96 14.90
C CYS E 282 -30.24 -26.95 14.25
N ILE E 283 -29.57 -27.33 13.16
CA ILE E 283 -28.77 -26.41 12.37
C ILE E 283 -29.54 -25.94 11.14
N ASP E 284 -30.30 -26.84 10.50
CA ASP E 284 -31.07 -26.55 9.31
C ASP E 284 -32.58 -26.66 9.51
N THR E 285 -33.03 -27.64 10.29
CA THR E 285 -34.45 -27.84 10.55
C THR E 285 -34.65 -28.14 12.04
N CYS E 286 -35.38 -27.27 12.72
CA CYS E 286 -35.81 -27.51 14.10
C CYS E 286 -37.25 -27.14 14.38
N GLU E 287 -37.92 -26.39 13.51
CA GLU E 287 -39.30 -25.92 13.64
C GLU E 287 -39.51 -24.88 14.73
N LYS E 288 -38.45 -24.48 15.47
CA LYS E 288 -38.55 -23.37 16.41
C LYS E 288 -37.63 -22.22 16.04
N ASN E 289 -36.32 -22.46 16.04
CA ASN E 289 -35.35 -21.41 15.70
C ASN E 289 -34.00 -22.08 15.44
N SER E 290 -33.59 -22.13 14.19
CA SER E 290 -32.36 -22.81 13.79
C SER E 290 -31.18 -21.84 13.73
N VAL E 291 -29.98 -22.41 13.67
CA VAL E 291 -28.77 -21.59 13.67
C VAL E 291 -28.68 -20.78 12.39
N LEU E 292 -28.92 -21.41 11.24
CA LEU E 292 -28.84 -20.69 9.97
C LEU E 292 -29.88 -19.59 9.90
N GLU E 293 -31.10 -19.87 10.36
CA GLU E 293 -32.16 -18.87 10.31
C GLU E 293 -31.88 -17.71 11.26
N VAL E 294 -31.40 -18.01 12.47
CA VAL E 294 -31.18 -16.96 13.46
C VAL E 294 -29.93 -16.15 13.14
N ILE E 295 -28.98 -16.70 12.38
CA ILE E 295 -27.84 -15.90 11.91
C ILE E 295 -28.24 -15.06 10.71
N ALA E 296 -28.90 -15.67 9.72
CA ALA E 296 -29.19 -14.97 8.48
C ALA E 296 -30.18 -13.83 8.69
N TYR E 297 -31.24 -14.06 9.46
CA TYR E 297 -32.30 -13.08 9.67
C TYR E 297 -32.08 -12.23 10.91
N SER E 298 -30.83 -12.07 11.34
CA SER E 298 -30.54 -11.26 12.52
C SER E 298 -30.82 -9.79 12.24
N SER E 299 -30.80 -8.99 13.29
CA SER E 299 -31.19 -7.58 13.22
C SER E 299 -30.04 -6.65 12.85
N SER E 300 -28.90 -7.21 12.41
CA SER E 300 -27.75 -6.44 11.92
C SER E 300 -26.96 -5.74 13.03
N GLU E 301 -27.42 -5.84 14.28
CA GLU E 301 -26.67 -5.34 15.43
C GLU E 301 -25.76 -6.39 16.04
N THR E 302 -25.87 -7.65 15.63
CA THR E 302 -25.00 -8.69 16.17
C THR E 302 -23.56 -8.41 15.74
N PRO E 303 -22.58 -8.52 16.65
CA PRO E 303 -21.20 -8.19 16.25
C PRO E 303 -20.64 -9.02 15.11
N ASN E 304 -20.63 -10.34 15.24
CA ASN E 304 -19.94 -11.24 14.32
C ASN E 304 -20.90 -11.89 13.33
N ARG E 305 -21.84 -11.10 12.80
CA ARG E 305 -22.83 -11.65 11.88
C ARG E 305 -22.19 -12.24 10.63
N HIS E 306 -21.13 -11.60 10.11
CA HIS E 306 -20.51 -12.08 8.88
C HIS E 306 -19.57 -13.24 9.11
N ASP E 307 -18.93 -13.31 10.29
CA ASP E 307 -17.90 -14.30 10.55
C ASP E 307 -18.47 -15.63 11.02
N MET E 308 -19.68 -15.63 11.60
CA MET E 308 -20.23 -16.86 12.16
C MET E 308 -20.52 -17.92 11.11
N LEU E 309 -20.63 -17.54 9.83
CA LEU E 309 -20.87 -18.50 8.77
C LEU E 309 -19.60 -19.16 8.24
N LEU E 310 -18.43 -18.77 8.75
CA LEU E 310 -17.16 -19.36 8.32
C LEU E 310 -16.73 -20.54 9.17
N VAL E 311 -17.53 -20.97 10.15
CA VAL E 311 -17.17 -22.09 11.00
C VAL E 311 -17.24 -23.36 10.19
N GLU E 312 -16.72 -24.45 10.74
CA GLU E 312 -16.35 -25.61 9.93
C GLU E 312 -17.52 -26.27 9.21
N PRO E 313 -18.66 -26.57 9.84
CA PRO E 313 -19.73 -27.26 9.11
C PRO E 313 -20.63 -26.37 8.25
N LEU E 314 -20.84 -25.10 8.64
CA LEU E 314 -21.88 -24.31 7.97
C LEU E 314 -21.46 -23.87 6.57
N ASN E 315 -20.19 -23.57 6.35
CA ASN E 315 -19.73 -23.19 5.02
C ASN E 315 -19.97 -24.32 4.02
N ARG E 316 -19.58 -25.54 4.38
CA ARG E 316 -19.77 -26.67 3.50
C ARG E 316 -21.25 -27.00 3.36
N LEU E 317 -22.03 -26.84 4.43
CA LEU E 317 -23.46 -27.09 4.34
C LEU E 317 -24.14 -26.15 3.34
N LEU E 318 -23.80 -24.85 3.42
CA LEU E 318 -24.38 -23.90 2.48
C LEU E 318 -23.90 -24.13 1.06
N GLN E 319 -22.63 -24.47 0.88
CA GLN E 319 -22.13 -24.78 -0.46
C GLN E 319 -22.84 -25.99 -1.05
N ASP E 320 -23.07 -27.02 -0.22
CA ASP E 320 -23.79 -28.20 -0.68
C ASP E 320 -25.21 -27.84 -1.07
N LYS E 321 -25.89 -27.04 -0.25
CA LYS E 321 -27.25 -26.62 -0.57
C LYS E 321 -27.28 -25.82 -1.88
N TRP E 322 -26.30 -24.95 -2.09
CA TRP E 322 -26.22 -24.21 -3.35
C TRP E 322 -26.05 -25.16 -4.52
N ASP E 323 -25.14 -26.13 -4.39
CA ASP E 323 -24.81 -26.99 -5.52
C ASP E 323 -25.91 -28.00 -5.83
N ARG E 324 -26.76 -28.36 -4.87
CA ARG E 324 -27.70 -29.44 -5.11
C ARG E 324 -28.91 -28.99 -5.93
N PHE E 325 -29.67 -28.01 -5.43
CA PHE E 325 -30.92 -27.61 -6.10
C PHE E 325 -31.15 -26.11 -6.26
N VAL E 326 -30.51 -25.28 -5.42
CA VAL E 326 -30.84 -23.85 -5.40
C VAL E 326 -30.33 -23.15 -6.66
N LYS E 327 -29.16 -23.57 -7.15
CA LYS E 327 -28.51 -22.90 -8.28
C LYS E 327 -29.40 -22.85 -9.51
N ARG E 328 -30.05 -23.97 -9.85
CA ARG E 328 -30.90 -24.02 -11.04
C ARG E 328 -32.12 -23.12 -10.89
N ILE E 329 -32.70 -23.08 -9.69
CA ILE E 329 -33.86 -22.22 -9.46
C ILE E 329 -33.47 -20.75 -9.61
N PHE E 330 -32.30 -20.38 -9.07
CA PHE E 330 -31.83 -19.00 -9.19
C PHE E 330 -31.63 -18.62 -10.66
N TYR E 331 -31.01 -19.52 -11.44
CA TYR E 331 -30.80 -19.22 -12.86
C TYR E 331 -32.13 -19.11 -13.60
N PHE E 332 -33.10 -19.96 -13.26
CA PHE E 332 -34.41 -19.88 -13.89
C PHE E 332 -35.08 -18.55 -13.61
N ASN E 333 -35.01 -18.09 -12.36
CA ASN E 333 -35.59 -16.78 -12.02
C ASN E 333 -34.88 -15.65 -12.77
N PHE E 334 -33.56 -15.75 -12.92
CA PHE E 334 -32.83 -14.75 -13.69
C PHE E 334 -33.32 -14.70 -15.14
N PHE E 335 -33.51 -15.87 -15.74
CA PHE E 335 -34.00 -15.93 -17.12
C PHE E 335 -35.39 -15.31 -17.23
N VAL E 336 -36.28 -15.61 -16.29
CA VAL E 336 -37.64 -15.08 -16.37
C VAL E 336 -37.63 -13.55 -16.23
N TYR E 337 -36.79 -13.03 -15.33
CA TYR E 337 -36.69 -11.58 -15.19
C TYR E 337 -36.17 -10.94 -16.47
N CYS E 338 -35.19 -11.57 -17.13
CA CYS E 338 -34.69 -11.04 -18.39
C CYS E 338 -35.78 -10.99 -19.45
N LEU E 339 -36.60 -12.04 -19.53
CA LEU E 339 -37.71 -12.02 -20.49
C LEU E 339 -38.70 -10.91 -20.17
N TYR E 340 -39.00 -10.72 -18.88
CA TYR E 340 -39.91 -9.65 -18.48
C TYR E 340 -39.38 -8.29 -18.92
N MET E 341 -38.09 -8.04 -18.70
CA MET E 341 -37.54 -6.74 -19.06
C MET E 341 -37.50 -6.55 -20.57
N ILE E 342 -37.24 -7.60 -21.34
CA ILE E 342 -37.27 -7.47 -22.80
C ILE E 342 -38.67 -7.10 -23.27
N ILE E 343 -39.70 -7.78 -22.73
CA ILE E 343 -41.05 -7.47 -23.16
C ILE E 343 -41.45 -6.05 -22.76
N PHE E 344 -41.08 -5.63 -21.55
CA PHE E 344 -41.39 -4.27 -21.10
C PHE E 344 -40.73 -3.25 -22.01
N THR E 345 -39.45 -3.46 -22.34
CA THR E 345 -38.74 -2.52 -23.20
C THR E 345 -39.37 -2.44 -24.58
N ALA E 346 -39.70 -3.59 -25.16
CA ALA E 346 -40.30 -3.62 -26.50
C ALA E 346 -41.66 -2.93 -26.50
N ALA E 347 -42.47 -3.18 -25.47
CA ALA E 347 -43.80 -2.55 -25.42
C ALA E 347 -43.69 -1.03 -25.25
N ALA E 348 -42.76 -0.57 -24.41
CA ALA E 348 -42.64 0.87 -24.19
C ALA E 348 -42.03 1.57 -25.39
N TYR E 349 -41.16 0.87 -26.13
CA TYR E 349 -40.49 1.48 -27.28
C TYR E 349 -41.48 1.92 -28.35
N TYR E 350 -42.49 1.09 -28.63
CA TYR E 350 -43.43 1.31 -29.73
C TYR E 350 -44.73 1.96 -29.27
N ARG E 351 -44.69 2.86 -28.29
CA ARG E 351 -45.90 3.50 -27.83
C ARG E 351 -46.46 4.42 -28.93
N PRO E 352 -47.77 4.64 -28.95
CA PRO E 352 -48.31 5.63 -29.90
C PRO E 352 -47.99 7.05 -29.44
N VAL E 353 -47.97 7.96 -30.42
CA VAL E 353 -47.58 9.35 -30.21
C VAL E 353 -48.75 10.31 -30.36
N GLU E 354 -49.97 9.79 -30.49
CA GLU E 354 -51.15 10.64 -30.47
C GLU E 354 -51.44 11.10 -29.05
N GLY E 355 -52.29 12.13 -28.93
CA GLY E 355 -52.58 12.69 -27.63
C GLY E 355 -53.78 12.03 -26.94
N LEU E 356 -53.93 12.37 -25.66
CA LEU E 356 -55.12 12.03 -24.88
C LEU E 356 -55.38 10.52 -24.79
N PRO E 357 -54.59 9.77 -24.03
CA PRO E 357 -54.91 8.35 -23.80
C PRO E 357 -56.23 8.20 -23.08
N PRO E 358 -56.81 6.99 -23.04
CA PRO E 358 -56.37 5.72 -23.63
C PRO E 358 -56.51 5.69 -25.16
N TYR E 359 -55.73 4.84 -25.80
CA TYR E 359 -55.66 4.78 -27.25
C TYR E 359 -56.53 3.65 -27.78
N LYS E 360 -57.22 3.90 -28.88
CA LYS E 360 -58.08 2.90 -29.47
C LYS E 360 -57.27 1.72 -29.99
N LEU E 361 -57.79 0.52 -29.78
CA LEU E 361 -57.16 -0.68 -30.31
C LEU E 361 -57.59 -0.87 -31.77
N LYS E 362 -56.62 -1.00 -32.65
CA LYS E 362 -56.87 -1.25 -34.06
C LYS E 362 -56.96 -2.75 -34.33
N ASN E 363 -57.39 -3.09 -35.54
CA ASN E 363 -57.56 -4.48 -35.96
C ASN E 363 -56.37 -4.99 -36.76
N THR E 364 -55.19 -4.39 -36.59
CA THR E 364 -53.96 -4.88 -37.21
C THR E 364 -53.21 -5.75 -36.20
N VAL E 365 -52.05 -6.25 -36.62
CA VAL E 365 -51.33 -7.28 -35.85
C VAL E 365 -50.42 -6.67 -34.80
N GLY E 366 -49.66 -5.64 -35.19
CA GLY E 366 -48.75 -5.00 -34.26
C GLY E 366 -49.43 -4.44 -33.03
N ASP E 367 -50.68 -3.98 -33.19
CA ASP E 367 -51.39 -3.45 -32.03
C ASP E 367 -51.81 -4.56 -31.06
N TYR E 368 -52.15 -5.75 -31.59
CA TYR E 368 -52.41 -6.87 -30.70
C TYR E 368 -51.16 -7.27 -29.93
N PHE E 369 -50.02 -7.34 -30.62
CA PHE E 369 -48.78 -7.66 -29.91
C PHE E 369 -48.44 -6.59 -28.88
N ARG E 370 -48.65 -5.32 -29.23
CA ARG E 370 -48.36 -4.22 -28.32
C ARG E 370 -49.21 -4.30 -27.06
N VAL E 371 -50.52 -4.52 -27.21
CA VAL E 371 -51.38 -4.54 -26.04
C VAL E 371 -51.10 -5.78 -25.18
N THR E 372 -50.74 -6.90 -25.81
CA THR E 372 -50.31 -8.06 -25.03
C THR E 372 -49.09 -7.73 -24.18
N GLY E 373 -48.10 -7.04 -24.77
CA GLY E 373 -46.92 -6.66 -24.01
C GLY E 373 -47.25 -5.73 -22.86
N GLU E 374 -48.16 -4.78 -23.09
CA GLU E 374 -48.56 -3.87 -22.02
C GLU E 374 -49.20 -4.63 -20.86
N ILE E 375 -50.07 -5.59 -21.18
CA ILE E 375 -50.74 -6.36 -20.15
C ILE E 375 -49.72 -7.15 -19.33
N LEU E 376 -48.75 -7.77 -20.00
CA LEU E 376 -47.73 -8.54 -19.27
C LEU E 376 -46.89 -7.64 -18.38
N SER E 377 -46.55 -6.43 -18.85
CA SER E 377 -45.77 -5.52 -18.03
C SER E 377 -46.52 -5.12 -16.77
N VAL E 378 -47.81 -4.81 -16.89
CA VAL E 378 -48.59 -4.43 -15.71
C VAL E 378 -48.70 -5.61 -14.74
N SER E 379 -48.84 -6.83 -15.28
CA SER E 379 -48.91 -8.01 -14.42
C SER E 379 -47.62 -8.17 -13.62
N GLY E 380 -46.47 -8.00 -14.25
CA GLY E 380 -45.22 -8.08 -13.52
C GLY E 380 -45.10 -7.01 -12.45
N GLY E 381 -45.57 -5.80 -12.74
CA GLY E 381 -45.53 -4.73 -11.75
C GLY E 381 -46.32 -5.06 -10.51
N VAL E 382 -47.56 -5.54 -10.68
CA VAL E 382 -48.37 -5.83 -9.50
C VAL E 382 -47.84 -7.04 -8.75
N TYR E 383 -47.24 -8.00 -9.47
CA TYR E 383 -46.58 -9.13 -8.81
C TYR E 383 -45.50 -8.63 -7.85
N PHE E 384 -44.60 -7.77 -8.34
CA PHE E 384 -43.54 -7.27 -7.46
C PHE E 384 -44.09 -6.44 -6.31
N PHE E 385 -45.19 -5.71 -6.55
CA PHE E 385 -45.82 -4.95 -5.49
C PHE E 385 -46.26 -5.84 -4.34
N PHE E 386 -47.00 -6.91 -4.65
CA PHE E 386 -47.46 -7.79 -3.58
C PHE E 386 -46.31 -8.55 -2.93
N ARG E 387 -45.26 -8.88 -3.68
CA ARG E 387 -44.10 -9.52 -3.06
C ARG E 387 -43.45 -8.60 -2.04
N GLY E 388 -43.33 -7.32 -2.35
CA GLY E 388 -42.78 -6.37 -1.38
C GLY E 388 -43.63 -6.27 -0.13
N ILE E 389 -44.96 -6.24 -0.30
CA ILE E 389 -45.84 -6.21 0.87
C ILE E 389 -45.64 -7.46 1.73
N GLN E 390 -45.55 -8.62 1.09
CA GLN E 390 -45.38 -9.85 1.84
C GLN E 390 -44.07 -9.85 2.63
N TYR E 391 -42.99 -9.36 2.01
CA TYR E 391 -41.72 -9.26 2.73
C TYR E 391 -41.87 -8.38 3.97
N PHE E 392 -42.45 -7.18 3.79
CA PHE E 392 -42.54 -6.23 4.91
C PHE E 392 -43.40 -6.80 6.03
N LEU E 393 -44.48 -7.50 5.69
CA LEU E 393 -45.34 -8.04 6.73
C LEU E 393 -44.69 -9.22 7.44
N GLN E 394 -44.01 -10.09 6.70
CA GLN E 394 -43.44 -11.29 7.31
C GLN E 394 -42.19 -11.00 8.13
N ARG E 395 -41.46 -9.93 7.84
CA ARG E 395 -40.24 -9.61 8.59
C ARG E 395 -40.45 -8.51 9.62
N ARG E 396 -41.22 -7.47 9.30
CA ARG E 396 -41.45 -6.35 10.21
C ARG E 396 -40.13 -5.73 10.67
N PRO E 397 -39.37 -5.09 9.77
CA PRO E 397 -38.13 -4.43 10.21
C PRO E 397 -38.44 -3.23 11.09
N SER E 398 -37.41 -2.78 11.80
CA SER E 398 -37.56 -1.77 12.85
C SER E 398 -37.45 -0.34 12.35
N LEU E 399 -37.57 -0.12 11.03
CA LEU E 399 -37.47 1.17 10.35
C LEU E 399 -36.05 1.72 10.31
N LYS E 400 -35.06 1.08 10.95
CA LYS E 400 -33.65 1.30 10.70
C LYS E 400 -33.04 0.11 9.97
N SER E 401 -33.35 -1.12 10.43
CA SER E 401 -33.03 -2.31 9.66
C SER E 401 -33.75 -2.36 8.33
N LEU E 402 -34.82 -1.58 8.16
CA LEU E 402 -35.50 -1.52 6.86
C LEU E 402 -34.58 -0.96 5.80
N PHE E 403 -33.80 0.07 6.12
CA PHE E 403 -33.00 0.80 5.15
C PHE E 403 -31.54 0.36 5.12
N VAL E 404 -30.89 0.22 6.27
CA VAL E 404 -29.47 -0.15 6.28
C VAL E 404 -29.25 -1.57 5.77
N ASP E 405 -30.28 -2.41 5.80
CA ASP E 405 -30.26 -3.75 5.21
C ASP E 405 -31.45 -3.90 4.28
N SER E 406 -31.33 -4.82 3.34
CA SER E 406 -32.38 -5.14 2.38
C SER E 406 -32.76 -3.91 1.54
N TYR E 407 -31.78 -3.39 0.81
CA TYR E 407 -32.05 -2.32 -0.14
C TYR E 407 -32.83 -2.82 -1.36
N SER E 408 -32.53 -4.04 -1.81
CA SER E 408 -33.10 -4.52 -3.06
C SER E 408 -34.62 -4.64 -2.98
N GLU E 409 -35.15 -5.00 -1.81
CA GLU E 409 -36.60 -5.05 -1.65
C GLU E 409 -37.21 -3.68 -1.87
N ILE E 410 -36.57 -2.64 -1.33
CA ILE E 410 -37.06 -1.28 -1.50
C ILE E 410 -37.00 -0.86 -2.97
N LEU E 411 -35.91 -1.19 -3.65
CA LEU E 411 -35.77 -0.79 -5.05
C LEU E 411 -36.82 -1.46 -5.95
N PHE E 412 -37.03 -2.76 -5.77
CA PHE E 412 -38.06 -3.44 -6.55
C PHE E 412 -39.46 -2.91 -6.22
N PHE E 413 -39.69 -2.60 -4.94
CA PHE E 413 -40.99 -2.05 -4.56
C PHE E 413 -41.22 -0.69 -5.19
N VAL E 414 -40.20 0.17 -5.22
CA VAL E 414 -40.34 1.49 -5.83
C VAL E 414 -40.60 1.36 -7.33
N GLN E 415 -39.93 0.40 -7.99
CA GLN E 415 -40.22 0.14 -9.40
C GLN E 415 -41.69 -0.19 -9.61
N SER E 416 -42.23 -1.08 -8.76
CA SER E 416 -43.64 -1.43 -8.90
C SER E 416 -44.56 -0.22 -8.65
N LEU E 417 -44.19 0.63 -7.69
CA LEU E 417 -44.98 1.83 -7.43
C LEU E 417 -45.03 2.74 -8.65
N PHE E 418 -43.88 2.92 -9.33
CA PHE E 418 -43.87 3.72 -10.54
C PHE E 418 -44.78 3.11 -11.61
N MET E 419 -44.75 1.78 -11.76
CA MET E 419 -45.63 1.15 -12.74
C MET E 419 -47.09 1.41 -12.43
N LEU E 420 -47.49 1.29 -11.17
CA LEU E 420 -48.89 1.47 -10.82
C LEU E 420 -49.33 2.91 -11.02
N VAL E 421 -48.47 3.88 -10.68
CA VAL E 421 -48.80 5.28 -10.92
C VAL E 421 -48.94 5.53 -12.42
N SER E 422 -48.09 4.90 -13.23
CA SER E 422 -48.22 5.01 -14.67
C SER E 422 -49.58 4.51 -15.15
N VAL E 423 -50.05 3.39 -14.63
CA VAL E 423 -51.35 2.86 -15.04
C VAL E 423 -52.47 3.84 -14.66
N VAL E 424 -52.40 4.36 -13.42
CA VAL E 424 -53.44 5.27 -12.94
C VAL E 424 -53.50 6.52 -13.82
N LEU E 425 -52.34 7.08 -14.17
CA LEU E 425 -52.33 8.24 -15.05
C LEU E 425 -52.81 7.87 -16.45
N TYR E 426 -52.50 6.66 -16.91
CA TYR E 426 -52.94 6.25 -18.25
C TYR E 426 -54.45 6.27 -18.36
N PHE E 427 -55.14 5.69 -17.39
CA PHE E 427 -56.60 5.63 -17.48
C PHE E 427 -57.29 6.91 -17.01
N SER E 428 -56.55 7.90 -16.50
CA SER E 428 -57.10 9.19 -16.12
C SER E 428 -57.04 10.22 -17.25
N GLN E 429 -56.64 9.82 -18.46
CA GLN E 429 -56.54 10.72 -19.61
C GLN E 429 -55.49 11.81 -19.37
N ARG E 430 -54.34 11.42 -18.86
CA ARG E 430 -53.20 12.30 -18.66
C ARG E 430 -52.03 11.82 -19.51
N LYS E 431 -51.26 12.76 -20.06
CA LYS E 431 -50.09 12.45 -20.85
C LYS E 431 -48.84 12.23 -20.02
N GLU E 432 -48.86 12.61 -18.73
CA GLU E 432 -47.66 12.51 -17.91
C GLU E 432 -47.29 11.08 -17.55
N TYR E 433 -48.16 10.09 -17.84
CA TYR E 433 -47.87 8.71 -17.48
C TYR E 433 -46.55 8.24 -18.08
N VAL E 434 -46.20 8.75 -19.26
CA VAL E 434 -44.96 8.38 -19.93
C VAL E 434 -43.78 8.64 -19.01
N ALA E 435 -43.77 9.79 -18.34
CA ALA E 435 -42.68 10.11 -17.42
C ALA E 435 -42.52 9.02 -16.37
N SER E 436 -43.63 8.64 -15.72
CA SER E 436 -43.54 7.59 -14.70
C SER E 436 -43.04 6.31 -15.33
N MET E 437 -43.57 5.97 -16.51
CA MET E 437 -43.19 4.73 -17.17
C MET E 437 -41.68 4.68 -17.38
N VAL E 438 -41.09 5.80 -17.84
CA VAL E 438 -39.69 5.70 -18.20
C VAL E 438 -38.85 5.50 -16.95
N PHE E 439 -39.26 6.11 -15.84
CA PHE E 439 -38.48 5.92 -14.61
C PHE E 439 -38.53 4.46 -14.19
N SER E 440 -39.71 3.83 -14.28
CA SER E 440 -39.80 2.42 -13.97
C SER E 440 -38.87 1.63 -14.89
N LEU E 441 -38.89 1.96 -16.18
CA LEU E 441 -38.07 1.25 -17.13
C LEU E 441 -36.60 1.38 -16.76
N ALA E 442 -36.17 2.59 -16.39
CA ALA E 442 -34.77 2.78 -16.03
C ALA E 442 -34.40 1.92 -14.83
N MET E 443 -35.25 1.94 -13.79
CA MET E 443 -34.94 1.15 -12.61
C MET E 443 -34.93 -0.32 -12.95
N GLY E 444 -35.83 -0.73 -13.86
CA GLY E 444 -35.91 -2.13 -14.23
C GLY E 444 -34.61 -2.68 -14.74
N TRP E 445 -33.78 -1.85 -15.36
CA TRP E 445 -32.50 -2.34 -15.85
C TRP E 445 -31.47 -2.37 -14.74
N THR E 446 -31.42 -1.33 -13.91
CA THR E 446 -30.36 -1.28 -12.90
C THR E 446 -30.56 -2.36 -11.84
N ASN E 447 -31.82 -2.68 -11.54
CA ASN E 447 -32.11 -3.75 -10.60
C ASN E 447 -31.64 -5.10 -11.08
N MET E 448 -31.30 -5.25 -12.37
CA MET E 448 -30.72 -6.50 -12.85
C MET E 448 -29.40 -6.80 -12.16
N LEU E 449 -28.72 -5.77 -11.63
CA LEU E 449 -27.49 -5.99 -10.87
C LEU E 449 -27.71 -6.89 -9.67
N TYR E 450 -28.96 -6.99 -9.17
CA TYR E 450 -29.28 -7.92 -8.09
C TYR E 450 -28.80 -9.33 -8.40
N TYR E 451 -28.90 -9.75 -9.65
CA TYR E 451 -28.55 -11.13 -9.99
C TYR E 451 -27.05 -11.35 -10.14
N THR E 452 -26.21 -10.38 -9.77
CA THR E 452 -24.77 -10.64 -9.78
C THR E 452 -24.37 -11.61 -8.68
N ARG E 453 -25.19 -11.78 -7.64
CA ARG E 453 -24.96 -12.86 -6.69
C ARG E 453 -25.27 -14.19 -7.33
N GLY E 454 -24.63 -15.24 -6.84
CA GLY E 454 -24.57 -16.50 -7.54
C GLY E 454 -23.38 -16.64 -8.45
N PHE E 455 -22.69 -15.53 -8.74
CA PHE E 455 -21.39 -15.52 -9.39
C PHE E 455 -20.44 -14.76 -8.48
N GLN E 456 -19.34 -15.43 -8.08
CA GLN E 456 -18.52 -14.92 -6.99
C GLN E 456 -17.88 -13.58 -7.33
N GLN E 457 -17.26 -13.48 -8.50
CA GLN E 457 -16.49 -12.27 -8.82
C GLN E 457 -17.42 -11.08 -9.03
N MET E 458 -18.49 -11.27 -9.79
CA MET E 458 -19.44 -10.19 -10.01
C MET E 458 -20.16 -9.82 -8.72
N GLY E 459 -20.45 -10.80 -7.87
CA GLY E 459 -21.07 -10.50 -6.59
C GLY E 459 -20.19 -9.65 -5.70
N ILE E 460 -18.90 -9.99 -5.61
CA ILE E 460 -17.98 -9.19 -4.80
C ILE E 460 -17.84 -7.79 -5.40
N TYR E 461 -17.78 -7.70 -6.72
CA TYR E 461 -17.72 -6.39 -7.39
C TYR E 461 -18.94 -5.53 -7.05
N ALA E 462 -20.13 -6.13 -7.09
CA ALA E 462 -21.36 -5.40 -6.77
C ALA E 462 -21.41 -4.99 -5.31
N VAL E 463 -20.90 -5.85 -4.41
CA VAL E 463 -20.83 -5.48 -3.00
C VAL E 463 -19.91 -4.28 -2.80
N MET E 464 -18.79 -4.25 -3.53
CA MET E 464 -17.89 -3.10 -3.47
C MET E 464 -18.58 -1.83 -3.95
N ILE E 465 -19.37 -1.93 -5.03
CA ILE E 465 -20.11 -0.76 -5.51
C ILE E 465 -21.09 -0.28 -4.44
N GLU E 466 -21.81 -1.23 -3.83
CA GLU E 466 -22.78 -0.90 -2.78
C GLU E 466 -22.12 -0.12 -1.65
N LYS E 467 -21.00 -0.63 -1.13
CA LYS E 467 -20.39 0.02 0.03
C LYS E 467 -19.74 1.34 -0.35
N MET E 468 -19.19 1.45 -1.56
CA MET E 468 -18.63 2.72 -2.01
C MET E 468 -19.71 3.79 -2.10
N ILE E 469 -20.89 3.44 -2.60
CA ILE E 469 -21.99 4.40 -2.64
C ILE E 469 -22.43 4.76 -1.23
N LEU E 470 -22.63 3.76 -0.37
CA LEU E 470 -23.30 4.00 0.90
C LEU E 470 -22.39 4.56 1.98
N ARG E 471 -21.07 4.59 1.79
CA ARG E 471 -20.14 5.09 2.81
C ARG E 471 -19.48 6.40 2.42
N ASP E 472 -18.80 6.45 1.28
CA ASP E 472 -17.89 7.55 0.96
C ASP E 472 -18.50 8.61 0.05
N LEU E 473 -19.35 8.22 -0.90
CA LEU E 473 -19.93 9.20 -1.82
C LEU E 473 -20.85 10.17 -1.09
N CYS E 474 -21.57 9.69 -0.07
CA CYS E 474 -22.49 10.56 0.66
C CYS E 474 -21.75 11.65 1.42
N ARG E 475 -20.48 11.43 1.79
CA ARG E 475 -19.69 12.47 2.41
C ARG E 475 -19.20 13.48 1.38
N PHE E 476 -18.83 13.01 0.20
CA PHE E 476 -18.37 13.90 -0.86
C PHE E 476 -19.48 14.84 -1.32
N MET E 477 -20.69 14.30 -1.50
CA MET E 477 -21.76 15.09 -2.12
C MET E 477 -22.20 16.25 -1.25
N PHE E 478 -22.16 16.10 0.08
CA PHE E 478 -22.54 17.20 0.96
C PHE E 478 -21.63 18.41 0.76
N VAL E 479 -20.32 18.19 0.81
CA VAL E 479 -19.37 19.29 0.64
C VAL E 479 -19.47 19.85 -0.77
N TYR E 480 -19.60 18.99 -1.78
CA TYR E 480 -19.68 19.46 -3.15
C TYR E 480 -20.90 20.35 -3.36
N LEU E 481 -22.06 19.94 -2.82
CA LEU E 481 -23.25 20.75 -2.96
C LEU E 481 -23.16 22.06 -2.20
N VAL E 482 -22.46 22.07 -1.05
CA VAL E 482 -22.25 23.33 -0.36
C VAL E 482 -21.46 24.31 -1.23
N PHE E 483 -20.35 23.84 -1.81
CA PHE E 483 -19.54 24.71 -2.66
C PHE E 483 -20.33 25.17 -3.88
N LEU E 484 -21.08 24.25 -4.50
CA LEU E 484 -21.83 24.58 -5.70
C LEU E 484 -22.89 25.64 -5.41
N PHE E 485 -23.66 25.46 -4.35
CA PHE E 485 -24.71 26.42 -4.04
C PHE E 485 -24.12 27.78 -3.68
N GLY E 486 -23.03 27.80 -2.91
CA GLY E 486 -22.44 29.07 -2.55
C GLY E 486 -21.96 29.87 -3.75
N PHE E 487 -21.21 29.22 -4.63
CA PHE E 487 -20.71 29.95 -5.79
C PHE E 487 -21.80 30.27 -6.79
N SER E 488 -22.83 29.43 -6.88
CA SER E 488 -23.97 29.74 -7.74
C SER E 488 -24.69 30.99 -7.27
N THR E 489 -24.92 31.11 -5.96
CA THR E 489 -25.57 32.31 -5.44
C THR E 489 -24.71 33.54 -5.68
N ALA E 490 -23.39 33.42 -5.48
CA ALA E 490 -22.51 34.56 -5.74
C ALA E 490 -22.56 34.99 -7.20
N VAL E 491 -22.54 34.03 -8.13
CA VAL E 491 -22.54 34.35 -9.55
C VAL E 491 -23.87 34.98 -9.96
N VAL E 492 -24.98 34.45 -9.46
CA VAL E 492 -26.28 35.03 -9.80
C VAL E 492 -26.40 36.44 -9.27
N THR E 493 -25.87 36.69 -8.07
CA THR E 493 -25.91 38.05 -7.53
C THR E 493 -25.05 39.00 -8.35
N LEU E 494 -23.87 38.54 -8.79
CA LEU E 494 -22.93 39.45 -9.45
C LEU E 494 -23.45 39.91 -10.80
N ILE E 495 -23.91 38.98 -11.63
CA ILE E 495 -24.45 39.27 -12.96
C ILE E 495 -25.80 38.58 -13.05
N GLU E 496 -26.85 39.34 -13.33
CA GLU E 496 -28.22 38.87 -13.23
C GLU E 496 -28.92 38.76 -14.58
N ASP E 497 -28.17 38.47 -15.63
CA ASP E 497 -28.74 38.28 -16.96
C ASP E 497 -27.79 37.43 -17.79
N GLY E 498 -28.34 36.79 -18.82
CA GLY E 498 -27.48 36.05 -19.74
C GLY E 498 -26.90 34.77 -19.17
N LYS E 499 -27.76 33.75 -19.01
CA LYS E 499 -27.43 32.42 -18.50
C LYS E 499 -27.26 32.39 -16.98
N TYR E 500 -27.32 33.54 -16.32
CA TYR E 500 -27.07 33.66 -14.88
C TYR E 500 -28.12 34.54 -14.24
N ASN E 501 -29.39 34.35 -14.63
CA ASN E 501 -30.51 35.06 -14.04
C ASN E 501 -31.34 34.20 -13.08
N SER E 502 -31.02 32.92 -12.94
CA SER E 502 -31.71 32.04 -12.02
C SER E 502 -30.71 31.07 -11.40
N LEU E 503 -31.08 30.50 -10.25
CA LEU E 503 -30.20 29.56 -9.59
C LEU E 503 -30.14 28.22 -10.31
N TYR E 504 -31.23 27.81 -10.96
CA TYR E 504 -31.25 26.54 -11.68
C TYR E 504 -30.25 26.56 -12.84
N SER E 505 -30.33 27.59 -13.67
CA SER E 505 -29.43 27.70 -14.82
C SER E 505 -27.98 27.84 -14.38
N THR E 506 -27.72 28.68 -13.38
CA THR E 506 -26.36 28.88 -12.91
C THR E 506 -25.79 27.60 -12.29
N CYS E 507 -26.62 26.87 -11.55
CA CYS E 507 -26.18 25.60 -10.99
C CYS E 507 -25.82 24.61 -12.08
N LEU E 508 -26.63 24.53 -13.15
CA LEU E 508 -26.28 23.64 -14.25
C LEU E 508 -24.98 24.07 -14.94
N GLU E 509 -24.81 25.39 -15.15
CA GLU E 509 -23.62 25.87 -15.83
C GLU E 509 -22.36 25.59 -15.01
N LEU E 510 -22.44 25.73 -13.68
CA LEU E 510 -21.29 25.41 -12.85
C LEU E 510 -21.09 23.91 -12.72
N PHE E 511 -22.15 23.12 -12.79
CA PHE E 511 -22.01 21.67 -12.76
C PHE E 511 -21.28 21.17 -14.00
N LYS E 512 -21.52 21.81 -15.15
CA LYS E 512 -20.83 21.41 -16.39
C LYS E 512 -19.32 21.44 -16.25
N PHE E 513 -18.78 22.36 -15.44
CA PHE E 513 -17.33 22.42 -15.23
C PHE E 513 -16.81 21.14 -14.59
N THR E 514 -17.58 20.55 -13.68
CA THR E 514 -17.13 19.35 -12.98
C THR E 514 -16.97 18.15 -13.91
N ILE E 515 -17.65 18.16 -15.07
CA ILE E 515 -17.59 17.05 -16.03
C ILE E 515 -16.86 17.46 -17.30
N GLY E 516 -16.07 18.53 -17.27
CA GLY E 516 -15.25 18.89 -18.40
C GLY E 516 -15.99 19.49 -19.58
N MET E 517 -17.15 20.11 -19.35
CA MET E 517 -17.97 20.69 -20.40
C MET E 517 -18.19 22.18 -20.18
N GLY E 518 -17.25 22.85 -19.52
CA GLY E 518 -17.44 24.21 -19.11
C GLY E 518 -17.41 25.18 -20.27
N ASP E 519 -17.53 26.46 -19.92
CA ASP E 519 -17.50 27.54 -20.90
C ASP E 519 -16.76 28.71 -20.26
N LEU E 520 -15.54 28.97 -20.73
CA LEU E 520 -14.72 30.09 -20.27
C LEU E 520 -14.34 30.98 -21.44
N GLU E 521 -15.28 31.17 -22.37
CA GLU E 521 -15.01 32.01 -23.54
C GLU E 521 -15.00 33.48 -23.16
N PHE E 522 -15.89 33.89 -22.25
CA PHE E 522 -15.96 35.26 -21.76
C PHE E 522 -16.16 36.26 -22.91
N THR E 523 -17.13 35.97 -23.78
CA THR E 523 -17.44 36.84 -24.90
C THR E 523 -18.48 37.89 -24.57
N GLU E 524 -19.33 37.66 -23.58
CA GLU E 524 -20.37 38.62 -23.25
C GLU E 524 -19.77 39.84 -22.58
N ASN E 525 -20.46 40.98 -22.73
CA ASN E 525 -20.01 42.26 -22.19
C ASN E 525 -20.73 42.51 -20.87
N TYR E 526 -20.23 41.87 -19.81
CA TYR E 526 -20.79 42.05 -18.48
C TYR E 526 -20.25 43.32 -17.83
N ASP E 527 -20.97 43.80 -16.82
CA ASP E 527 -20.54 44.98 -16.08
C ASP E 527 -19.42 44.64 -15.10
N PHE E 528 -19.43 43.44 -14.52
CA PHE E 528 -18.46 43.02 -13.51
C PHE E 528 -17.59 41.87 -14.02
N LYS E 529 -17.21 41.90 -15.29
CA LYS E 529 -16.16 41.01 -15.77
C LYS E 529 -14.85 41.36 -15.07
N ALA E 530 -13.98 40.37 -14.92
CA ALA E 530 -12.74 40.36 -14.16
C ALA E 530 -13.00 40.21 -12.66
N VAL E 531 -14.26 40.23 -12.21
CA VAL E 531 -14.64 39.69 -10.92
C VAL E 531 -15.31 38.33 -11.09
N PHE E 532 -16.11 38.21 -12.16
CA PHE E 532 -16.68 36.93 -12.55
C PHE E 532 -15.58 35.89 -12.83
N ILE E 533 -14.51 36.32 -13.48
CA ILE E 533 -13.42 35.41 -13.84
C ILE E 533 -12.76 34.85 -12.59
N ILE E 534 -12.53 35.70 -11.59
CA ILE E 534 -11.87 35.27 -10.35
C ILE E 534 -12.74 34.24 -9.63
N LEU E 535 -14.05 34.49 -9.57
CA LEU E 535 -14.96 33.53 -8.94
C LEU E 535 -14.93 32.19 -9.66
N LEU E 536 -14.98 32.21 -11.00
CA LEU E 536 -14.98 30.93 -11.73
C LEU E 536 -13.66 30.17 -11.53
N LEU E 537 -12.53 30.88 -11.56
CA LEU E 537 -11.25 30.21 -11.37
C LEU E 537 -11.16 29.59 -9.98
N ALA E 538 -11.59 30.32 -8.96
CA ALA E 538 -11.56 29.78 -7.60
C ALA E 538 -12.46 28.56 -7.47
N TYR E 539 -13.65 28.61 -8.07
CA TYR E 539 -14.56 27.46 -8.03
C TYR E 539 -13.92 26.24 -8.67
N VAL E 540 -13.32 26.43 -9.85
CA VAL E 540 -12.73 25.30 -10.56
C VAL E 540 -11.60 24.68 -9.75
N ILE E 541 -10.74 25.52 -9.17
CA ILE E 541 -9.60 25.00 -8.42
C ILE E 541 -10.09 24.23 -7.19
N LEU E 542 -11.05 24.79 -6.45
CA LEU E 542 -11.53 24.11 -5.25
C LEU E 542 -12.22 22.80 -5.59
N THR E 543 -13.01 22.77 -6.67
CA THR E 543 -13.68 21.54 -7.04
C THR E 543 -12.69 20.45 -7.43
N TYR E 544 -11.63 20.83 -8.15
CA TYR E 544 -10.63 19.83 -8.51
C TYR E 544 -9.86 19.34 -7.29
N ILE E 545 -9.64 20.22 -6.31
CA ILE E 545 -9.05 19.77 -5.04
C ILE E 545 -9.95 18.74 -4.36
N LEU E 546 -11.26 19.00 -4.35
CA LEU E 546 -12.19 18.04 -3.74
C LEU E 546 -12.16 16.69 -4.43
N LEU E 547 -12.14 16.70 -5.77
CA LEU E 547 -12.09 15.44 -6.50
C LEU E 547 -10.82 14.66 -6.19
N LEU E 548 -9.69 15.36 -6.16
CA LEU E 548 -8.43 14.71 -5.81
C LEU E 548 -8.48 14.11 -4.41
N ASN E 549 -9.06 14.87 -3.46
CA ASN E 549 -9.16 14.38 -2.09
C ASN E 549 -10.01 13.12 -2.01
N MET E 550 -11.14 13.11 -2.71
CA MET E 550 -11.97 11.90 -2.73
C MET E 550 -11.19 10.71 -3.27
N LEU E 551 -10.52 10.90 -4.41
CA LEU E 551 -9.80 9.80 -5.04
C LEU E 551 -8.72 9.25 -4.11
N ILE E 552 -7.96 10.15 -3.47
CA ILE E 552 -6.90 9.71 -2.57
C ILE E 552 -7.50 8.99 -1.36
N ALA E 553 -8.54 9.56 -0.76
CA ALA E 553 -9.11 8.98 0.45
C ALA E 553 -9.70 7.59 0.20
N LEU E 554 -10.24 7.35 -1.00
CA LEU E 554 -10.83 6.05 -1.27
C LEU E 554 -9.81 4.93 -1.39
N MET E 555 -8.53 5.24 -1.56
CA MET E 555 -7.50 4.21 -1.64
C MET E 555 -7.01 3.75 -0.28
N GLY E 556 -7.36 4.47 0.79
CA GLY E 556 -7.06 3.99 2.13
C GLY E 556 -7.81 2.74 2.52
N GLU E 557 -8.89 2.40 1.81
CA GLU E 557 -9.69 1.22 2.12
C GLU E 557 -9.19 -0.03 1.40
N THR E 558 -8.52 0.11 0.26
CA THR E 558 -8.08 -1.05 -0.49
C THR E 558 -6.84 -1.71 0.10
N VAL E 559 -6.25 -1.13 1.15
CA VAL E 559 -5.04 -1.71 1.72
C VAL E 559 -5.28 -3.12 2.23
N ASN E 560 -6.32 -3.32 3.06
CA ASN E 560 -6.80 -4.68 3.36
C ASN E 560 -8.31 -4.80 3.41
N LYS E 561 -8.97 -3.81 4.05
CA LYS E 561 -10.35 -3.91 4.52
C LYS E 561 -11.37 -4.48 3.54
N ILE E 562 -11.50 -3.80 2.39
CA ILE E 562 -12.69 -3.93 1.57
C ILE E 562 -12.80 -5.32 0.96
N ALA E 563 -11.67 -5.94 0.60
CA ALA E 563 -11.73 -7.23 -0.08
C ALA E 563 -12.29 -8.31 0.83
N GLN E 564 -11.73 -8.44 2.04
CA GLN E 564 -12.23 -9.45 2.97
C GLN E 564 -13.66 -9.16 3.38
N GLU E 565 -13.95 -7.88 3.68
CA GLU E 565 -15.30 -7.51 4.08
C GLU E 565 -16.31 -7.86 2.99
N SER E 566 -15.98 -7.56 1.74
CA SER E 566 -16.89 -7.82 0.63
C SER E 566 -17.05 -9.31 0.36
N LYS E 567 -16.00 -10.11 0.52
CA LYS E 567 -16.19 -11.55 0.32
C LYS E 567 -17.13 -12.13 1.37
N ASN E 568 -16.95 -11.74 2.64
CA ASN E 568 -17.84 -12.27 3.67
C ASN E 568 -19.27 -11.77 3.49
N ILE E 569 -19.45 -10.52 3.06
CA ILE E 569 -20.79 -10.00 2.86
C ILE E 569 -21.48 -10.72 1.69
N TRP E 570 -20.74 -11.00 0.61
CA TRP E 570 -21.32 -11.78 -0.49
C TRP E 570 -21.74 -13.17 -0.01
N LYS E 571 -20.92 -13.81 0.82
CA LYS E 571 -21.29 -15.12 1.34
C LYS E 571 -22.59 -15.05 2.15
N LEU E 572 -22.72 -14.01 2.97
CA LEU E 572 -23.96 -13.84 3.74
C LEU E 572 -25.16 -13.63 2.82
N GLN E 573 -24.98 -12.84 1.75
CA GLN E 573 -26.08 -12.62 0.80
C GLN E 573 -26.53 -13.92 0.15
N ARG E 574 -25.57 -14.75 -0.28
CA ARG E 574 -25.94 -16.02 -0.90
C ARG E 574 -26.62 -16.94 0.11
N ALA E 575 -26.20 -16.90 1.37
CA ALA E 575 -26.87 -17.68 2.41
C ALA E 575 -28.33 -17.27 2.55
N ILE E 576 -28.59 -15.95 2.56
CA ILE E 576 -29.98 -15.47 2.64
C ILE E 576 -30.77 -15.94 1.42
N THR E 577 -30.15 -15.89 0.24
CA THR E 577 -30.83 -16.36 -0.97
C THR E 577 -31.20 -17.84 -0.86
N ILE E 578 -30.28 -18.67 -0.35
CA ILE E 578 -30.56 -20.09 -0.22
C ILE E 578 -31.73 -20.33 0.73
N LEU E 579 -31.71 -19.65 1.89
CA LEU E 579 -32.77 -19.85 2.86
C LEU E 579 -34.11 -19.40 2.32
N ASP E 580 -34.15 -18.25 1.64
CA ASP E 580 -35.41 -17.77 1.08
C ASP E 580 -35.90 -18.67 -0.04
N THR E 581 -34.98 -19.25 -0.82
CA THR E 581 -35.39 -20.15 -1.90
C THR E 581 -36.01 -21.42 -1.36
N GLU E 582 -35.36 -22.06 -0.40
CA GLU E 582 -35.88 -23.33 0.11
C GLU E 582 -37.07 -23.13 1.04
N LYS E 583 -37.24 -21.95 1.64
CA LYS E 583 -38.33 -21.75 2.58
C LYS E 583 -39.69 -21.81 1.89
N SER E 584 -39.84 -21.12 0.75
CA SER E 584 -41.16 -21.05 0.10
C SER E 584 -41.34 -22.13 -0.96
N PHE E 585 -40.62 -22.01 -2.08
CA PHE E 585 -40.44 -23.05 -3.10
C PHE E 585 -41.68 -23.39 -3.92
N LEU E 586 -42.88 -23.01 -3.48
CA LEU E 586 -44.13 -23.01 -4.23
C LEU E 586 -44.49 -24.34 -4.91
N LYS E 587 -43.85 -25.46 -4.55
CA LYS E 587 -44.19 -26.76 -5.12
C LYS E 587 -44.18 -27.91 -4.11
N CYS E 588 -43.88 -27.63 -2.84
CA CYS E 588 -44.00 -28.62 -1.76
C CYS E 588 -43.07 -29.81 -1.97
N MET E 589 -41.77 -29.54 -2.07
CA MET E 589 -40.73 -30.56 -1.99
C MET E 589 -40.07 -30.44 -0.63
N ARG E 590 -40.16 -31.50 0.18
CA ARG E 590 -39.64 -31.52 1.53
C ARG E 590 -38.30 -32.24 1.66
N LYS E 591 -37.72 -32.70 0.56
CA LYS E 591 -36.43 -33.42 0.61
C LYS E 591 -35.28 -32.42 0.60
N ALA E 592 -35.21 -31.65 1.69
CA ALA E 592 -34.12 -30.72 1.94
C ALA E 592 -33.07 -31.27 2.90
N PHE E 593 -33.24 -32.50 3.37
CA PHE E 593 -32.34 -33.04 4.39
C PHE E 593 -30.99 -33.42 3.79
N ARG E 594 -30.01 -33.67 4.67
CA ARG E 594 -28.65 -34.01 4.20
C ARG E 594 -28.27 -35.48 4.06
N SER E 595 -27.06 -35.85 4.50
CA SER E 595 -26.57 -37.23 4.26
C SER E 595 -27.39 -38.44 4.71
N GLY E 596 -28.31 -38.28 5.64
CA GLY E 596 -29.15 -39.41 6.00
C GLY E 596 -29.03 -39.83 7.45
N LYS E 597 -29.98 -40.68 7.85
CA LYS E 597 -30.07 -41.21 9.21
C LYS E 597 -29.01 -42.28 9.41
N LEU E 598 -27.76 -41.84 9.59
CA LEU E 598 -26.70 -42.77 9.92
C LEU E 598 -26.76 -43.15 11.38
N LEU E 599 -26.37 -44.39 11.67
CA LEU E 599 -26.31 -44.89 13.04
C LEU E 599 -25.10 -44.24 13.69
N GLN E 600 -25.34 -43.16 14.44
CA GLN E 600 -24.24 -42.32 14.90
C GLN E 600 -23.36 -43.05 15.91
N VAL E 601 -23.98 -43.55 16.98
CA VAL E 601 -23.30 -44.31 18.02
C VAL E 601 -23.91 -45.69 18.18
N GLY E 602 -25.25 -45.77 18.21
CA GLY E 602 -25.94 -47.01 18.43
C GLY E 602 -25.98 -47.47 19.86
N PHE E 603 -25.46 -46.67 20.80
CA PHE E 603 -25.43 -47.02 22.22
C PHE E 603 -25.77 -45.75 23.00
N THR E 604 -27.06 -45.56 23.26
CA THR E 604 -27.52 -44.52 24.15
C THR E 604 -27.21 -44.92 25.59
N PRO E 605 -27.40 -44.00 26.55
CA PRO E 605 -27.38 -44.43 27.95
C PRO E 605 -28.39 -45.52 28.25
N ASP E 606 -29.53 -45.52 27.56
CA ASP E 606 -30.47 -46.62 27.59
C ASP E 606 -30.08 -47.65 26.52
N GLY E 607 -30.90 -48.70 26.38
CA GLY E 607 -30.60 -49.74 25.41
C GLY E 607 -30.87 -49.36 23.97
N LYS E 608 -31.49 -48.20 23.72
CA LYS E 608 -31.87 -47.83 22.36
C LYS E 608 -30.65 -47.32 21.58
N ASP E 609 -30.89 -46.93 20.33
CA ASP E 609 -29.89 -46.40 19.42
C ASP E 609 -30.29 -44.99 18.99
N ASP E 610 -29.40 -44.33 18.24
CA ASP E 610 -29.59 -42.94 17.84
C ASP E 610 -29.27 -42.76 16.36
N TYR E 611 -30.10 -41.97 15.68
CA TYR E 611 -29.87 -41.51 14.32
C TYR E 611 -30.03 -40.00 14.30
N ARG E 612 -29.14 -39.31 13.56
CA ARG E 612 -28.93 -37.89 13.76
C ARG E 612 -28.89 -37.02 12.51
N TRP E 613 -29.10 -37.58 11.31
CA TRP E 613 -29.05 -36.79 10.07
C TRP E 613 -27.69 -36.10 9.92
N CYS E 614 -26.66 -36.92 9.77
CA CYS E 614 -25.29 -36.44 9.83
C CYS E 614 -24.83 -35.87 8.48
N PHE E 615 -23.67 -35.21 8.51
CA PHE E 615 -23.04 -34.62 7.33
C PHE E 615 -21.60 -35.08 7.26
N ARG E 616 -21.19 -35.62 6.12
CA ARG E 616 -19.87 -36.20 5.95
C ARG E 616 -18.86 -35.15 5.51
N VAL E 617 -17.66 -35.20 6.11
CA VAL E 617 -16.52 -34.42 5.66
C VAL E 617 -15.28 -35.32 5.70
N ASP E 618 -14.57 -35.39 4.57
CA ASP E 618 -13.37 -36.21 4.44
C ASP E 618 -12.14 -35.31 4.45
N GLU E 619 -11.05 -35.80 5.03
CA GLU E 619 -9.83 -35.02 5.07
C GLU E 619 -8.61 -35.93 5.16
N VAL E 620 -7.45 -35.31 4.96
CA VAL E 620 -6.16 -35.99 4.90
C VAL E 620 -5.18 -35.27 5.82
N ASN E 621 -4.40 -36.04 6.57
CA ASN E 621 -3.38 -35.50 7.46
C ASN E 621 -2.15 -36.39 7.41
N TRP E 622 -1.01 -35.81 7.00
CA TRP E 622 0.23 -36.56 6.82
C TRP E 622 1.14 -36.50 8.05
N THR E 623 0.75 -35.80 9.10
CA THR E 623 1.57 -35.68 10.31
C THR E 623 1.23 -36.71 11.37
N THR E 624 0.28 -37.61 11.11
CA THR E 624 -0.17 -38.58 12.11
C THR E 624 -0.73 -37.88 13.34
N ASP F 41 46.63 27.00 51.02
CA ASP F 41 46.73 28.45 50.89
C ASP F 41 46.43 28.86 49.45
N SER F 42 46.41 30.17 49.20
CA SER F 42 46.09 30.68 47.87
C SER F 42 47.23 30.46 46.87
N GLU F 43 48.46 30.29 47.34
CA GLU F 43 49.59 30.11 46.42
C GLU F 43 49.46 28.84 45.60
N PHE F 44 48.85 27.80 46.16
CA PHE F 44 48.71 26.52 45.48
C PHE F 44 47.53 26.47 44.51
N LYS F 45 46.67 27.49 44.50
CA LYS F 45 45.49 27.50 43.64
C LYS F 45 45.85 28.12 42.29
N ASP F 46 45.42 27.47 41.21
CA ASP F 46 45.67 27.99 39.88
C ASP F 46 44.91 29.31 39.71
N PRO F 47 45.57 30.40 39.31
CA PRO F 47 44.83 31.68 39.21
C PRO F 47 43.77 31.70 38.13
N GLU F 48 43.87 30.84 37.11
CA GLU F 48 42.92 30.87 36.01
C GLU F 48 41.59 30.23 36.38
N THR F 49 41.62 29.18 37.21
CA THR F 49 40.43 28.39 37.53
C THR F 49 40.13 28.32 39.03
N GLY F 50 41.11 28.55 39.90
CA GLY F 50 40.92 28.36 41.31
C GLY F 50 40.99 26.93 41.77
N LYS F 51 41.43 26.01 40.91
CA LYS F 51 41.53 24.60 41.28
C LYS F 51 42.59 24.42 42.36
N THR F 52 42.27 23.61 43.36
CA THR F 52 43.15 23.32 44.49
C THR F 52 43.65 21.88 44.41
N CYS F 53 44.44 21.49 45.41
CA CYS F 53 45.09 20.18 45.38
C CYS F 53 44.07 19.05 45.50
N LEU F 54 43.03 19.22 46.31
CA LEU F 54 42.08 18.15 46.54
C LEU F 54 41.30 17.83 45.26
N LEU F 55 40.88 18.85 44.53
CA LEU F 55 40.15 18.63 43.28
C LEU F 55 41.04 17.91 42.26
N LYS F 56 42.30 18.31 42.16
CA LYS F 56 43.22 17.64 41.25
C LYS F 56 43.43 16.18 41.65
N ALA F 57 43.57 15.93 42.96
CA ALA F 57 43.74 14.56 43.43
C ALA F 57 42.52 13.71 43.11
N MET F 58 41.33 14.28 43.27
CA MET F 58 40.12 13.52 42.97
C MET F 58 39.97 13.27 41.47
N LEU F 59 40.31 14.26 40.64
CA LEU F 59 40.14 14.11 39.21
C LEU F 59 41.07 13.06 38.62
N ASN F 60 42.23 12.82 39.26
CA ASN F 60 43.25 11.91 38.74
C ASN F 60 43.29 10.58 39.48
N LEU F 61 42.20 10.20 40.15
CA LEU F 61 42.19 8.94 40.87
C LEU F 61 42.17 7.77 39.88
N HIS F 62 42.66 6.62 40.36
CA HIS F 62 42.77 5.40 39.55
C HIS F 62 42.05 4.28 40.25
N ASN F 63 41.05 3.70 39.57
CA ASN F 63 40.24 2.60 40.12
C ASN F 63 39.60 2.97 41.45
N GLY F 64 39.22 4.24 41.58
CA GLY F 64 38.55 4.72 42.77
C GLY F 64 39.44 4.99 43.97
N GLN F 65 40.77 4.88 43.81
CA GLN F 65 41.71 4.99 44.92
C GLN F 65 42.78 6.03 44.62
N ASN F 66 43.11 6.83 45.62
CA ASN F 66 44.22 7.79 45.50
C ASN F 66 44.61 8.22 46.92
N ASP F 67 45.81 7.80 47.36
CA ASP F 67 46.26 8.13 48.70
C ASP F 67 46.48 9.62 48.90
N THR F 68 46.63 10.39 47.81
CA THR F 68 46.85 11.82 47.95
C THR F 68 45.66 12.51 48.62
N ILE F 69 44.45 11.99 48.40
CA ILE F 69 43.27 12.59 49.03
C ILE F 69 43.36 12.44 50.55
N ALA F 70 43.68 11.23 51.02
CA ALA F 70 43.78 11.01 52.46
C ALA F 70 44.93 11.81 53.06
N LEU F 71 46.06 11.87 52.37
CA LEU F 71 47.19 12.66 52.88
C LEU F 71 46.83 14.13 52.97
N LEU F 72 46.17 14.68 51.94
CA LEU F 72 45.77 16.08 51.95
C LEU F 72 44.80 16.35 53.10
N LEU F 73 43.81 15.47 53.29
CA LEU F 73 42.84 15.71 54.36
C LEU F 73 43.49 15.62 55.74
N ASP F 74 44.38 14.64 55.94
CA ASP F 74 45.04 14.52 57.24
C ASP F 74 45.95 15.71 57.51
N VAL F 75 46.70 16.15 56.50
CA VAL F 75 47.59 17.30 56.68
C VAL F 75 46.77 18.57 56.91
N ALA F 76 45.64 18.70 56.23
CA ALA F 76 44.75 19.83 56.47
C ALA F 76 44.23 19.83 57.90
N ARG F 77 43.83 18.66 58.40
CA ARG F 77 43.37 18.56 59.77
C ARG F 77 44.47 18.95 60.75
N LYS F 78 45.69 18.49 60.50
CA LYS F 78 46.78 18.76 61.44
C LYS F 78 47.22 20.22 61.39
N THR F 79 47.21 20.84 60.21
CA THR F 79 47.77 22.18 60.10
C THR F 79 46.92 23.22 60.81
N ASP F 80 45.72 23.51 60.28
CA ASP F 80 44.76 24.37 60.97
C ASP F 80 43.35 23.79 60.93
N SER F 81 42.95 23.25 59.78
CA SER F 81 41.58 22.82 59.54
C SER F 81 41.49 22.30 58.11
N LEU F 82 40.36 21.64 57.81
CA LEU F 82 40.04 21.20 56.46
C LEU F 82 38.73 21.80 55.93
N LYS F 83 38.12 22.74 56.67
CA LYS F 83 36.82 23.27 56.25
C LYS F 83 36.94 24.01 54.92
N GLN F 84 38.02 24.78 54.74
CA GLN F 84 38.21 25.52 53.50
C GLN F 84 38.69 24.61 52.37
N PHE F 85 39.48 23.58 52.69
CA PHE F 85 39.97 22.68 51.65
C PHE F 85 38.84 21.82 51.08
N VAL F 86 38.02 21.25 51.95
CA VAL F 86 36.97 20.34 51.48
C VAL F 86 35.93 21.09 50.65
N ASN F 87 35.57 22.30 51.09
CA ASN F 87 34.55 23.10 50.43
C ASN F 87 35.13 24.07 49.40
N ALA F 88 36.34 23.80 48.92
CA ALA F 88 36.89 24.61 47.83
C ALA F 88 36.11 24.34 46.55
N SER F 89 36.12 25.32 45.65
CA SER F 89 35.37 25.22 44.40
C SER F 89 36.04 26.07 43.33
N TYR F 90 35.69 25.78 42.09
CA TYR F 90 36.19 26.56 40.97
C TYR F 90 35.61 27.96 41.00
N THR F 91 36.42 28.93 40.55
CA THR F 91 36.03 30.33 40.52
C THR F 91 35.89 30.88 39.10
N ASP F 92 36.21 30.10 38.07
CA ASP F 92 36.01 30.56 36.71
C ASP F 92 34.52 30.55 36.36
N SER F 93 34.18 31.24 35.28
CA SER F 93 32.77 31.40 34.90
C SER F 93 32.20 30.17 34.18
N TYR F 94 33.04 29.22 33.78
CA TYR F 94 32.58 28.07 32.99
C TYR F 94 32.24 26.86 33.86
N TYR F 95 33.10 26.52 34.82
CA TYR F 95 32.85 25.45 35.79
C TYR F 95 32.54 25.99 37.18
N LYS F 96 31.90 27.16 37.24
CA LYS F 96 31.68 27.85 38.50
C LYS F 96 30.91 27.00 39.50
N GLY F 97 31.42 26.95 40.73
CA GLY F 97 30.72 26.33 41.83
C GLY F 97 30.95 24.85 42.02
N GLN F 98 31.58 24.18 41.07
CA GLN F 98 31.81 22.74 41.21
C GLN F 98 32.78 22.48 42.35
N THR F 99 32.43 21.51 43.21
CA THR F 99 33.24 21.16 44.37
C THR F 99 33.45 19.65 44.45
N ALA F 100 34.00 19.18 45.57
CA ALA F 100 34.41 17.79 45.67
C ALA F 100 33.22 16.84 45.60
N LEU F 101 32.07 17.23 46.15
CA LEU F 101 30.92 16.33 46.18
C LEU F 101 30.44 16.00 44.77
N HIS F 102 30.41 16.99 43.87
CA HIS F 102 29.97 16.74 42.51
C HIS F 102 30.90 15.76 41.81
N ILE F 103 32.21 15.92 42.00
CA ILE F 103 33.17 15.02 41.38
C ILE F 103 33.02 13.62 41.95
N ALA F 104 32.81 13.51 43.27
CA ALA F 104 32.62 12.20 43.87
C ALA F 104 31.37 11.50 43.34
N ILE F 105 30.28 12.26 43.17
CA ILE F 105 29.04 11.66 42.67
C ILE F 105 29.20 11.26 41.21
N GLU F 106 29.88 12.09 40.41
CA GLU F 106 30.03 11.80 38.99
C GLU F 106 30.77 10.50 38.75
N ARG F 107 31.78 10.21 39.57
CA ARG F 107 32.58 9.01 39.42
C ARG F 107 31.97 7.79 40.12
N ARG F 108 30.80 7.94 40.75
CA ARG F 108 30.10 6.82 41.37
C ARG F 108 30.93 6.20 42.48
N ASN F 109 31.62 7.05 43.25
CA ASN F 109 32.48 6.62 44.35
C ASN F 109 31.75 6.91 45.66
N MET F 110 31.16 5.88 46.25
CA MET F 110 30.44 6.04 47.50
C MET F 110 31.36 6.48 48.63
N THR F 111 32.57 5.91 48.68
CA THR F 111 33.49 6.17 49.78
C THR F 111 33.88 7.64 49.83
N LEU F 112 34.18 8.24 48.69
CA LEU F 112 34.56 9.64 48.66
C LEU F 112 33.40 10.53 49.10
N VAL F 113 32.17 10.19 48.69
CA VAL F 113 31.01 10.97 49.12
C VAL F 113 30.87 10.90 50.63
N THR F 114 30.99 9.70 51.20
CA THR F 114 30.87 9.55 52.65
C THR F 114 31.95 10.33 53.38
N LEU F 115 33.19 10.23 52.90
CA LEU F 115 34.29 10.93 53.57
C LEU F 115 34.14 12.44 53.46
N LEU F 116 33.70 12.94 52.31
CA LEU F 116 33.49 14.38 52.16
C LEU F 116 32.38 14.88 53.08
N VAL F 117 31.30 14.12 53.21
CA VAL F 117 30.24 14.51 54.11
C VAL F 117 30.72 14.48 55.56
N GLU F 118 31.55 13.49 55.90
CA GLU F 118 32.06 13.38 57.26
C GLU F 118 32.91 14.58 57.64
N ASN F 119 33.73 15.07 56.71
CA ASN F 119 34.66 16.16 56.99
C ASN F 119 34.00 17.54 56.96
N GLY F 120 32.70 17.62 56.74
CA GLY F 120 31.98 18.89 56.76
C GLY F 120 31.72 19.51 55.41
N ALA F 121 31.67 18.72 54.34
CA ALA F 121 31.34 19.27 53.03
C ALA F 121 29.90 19.78 53.02
N ASP F 122 29.69 20.90 52.32
CA ASP F 122 28.37 21.51 52.24
C ASP F 122 27.55 20.78 51.18
N VAL F 123 26.55 20.02 51.63
CA VAL F 123 25.72 19.25 50.71
C VAL F 123 24.79 20.12 49.87
N GLN F 124 24.65 21.40 50.19
CA GLN F 124 23.80 22.33 49.46
C GLN F 124 24.60 23.23 48.51
N ALA F 125 25.87 22.94 48.27
CA ALA F 125 26.67 23.74 47.35
C ALA F 125 26.11 23.63 45.94
N ALA F 126 26.00 24.77 45.27
CA ALA F 126 25.40 24.85 43.94
C ALA F 126 26.48 25.10 42.89
N ALA F 127 26.50 24.25 41.86
CA ALA F 127 27.43 24.39 40.74
C ALA F 127 26.67 25.05 39.60
N ASN F 128 26.75 26.38 39.54
CA ASN F 128 25.95 27.20 38.63
C ASN F 128 26.80 27.83 37.53
N GLY F 129 27.82 27.12 37.06
CA GLY F 129 28.60 27.60 35.94
C GLY F 129 27.85 27.43 34.63
N ASP F 130 28.40 28.06 33.57
CA ASP F 130 27.75 27.99 32.27
C ASP F 130 27.71 26.57 31.72
N PHE F 131 28.68 25.73 32.09
CA PHE F 131 28.68 24.36 31.62
C PHE F 131 27.48 23.56 32.14
N PHE F 132 26.90 23.97 33.27
CA PHE F 132 25.81 23.25 33.93
C PHE F 132 24.45 23.88 33.67
N LYS F 133 24.19 24.32 32.43
CA LYS F 133 22.97 25.05 32.11
C LYS F 133 22.42 24.57 30.76
N LYS F 134 21.29 25.16 30.38
CA LYS F 134 20.61 24.98 29.10
C LYS F 134 21.35 25.80 28.03
N THR F 135 20.65 26.15 26.94
CA THR F 135 21.28 26.71 25.73
C THR F 135 22.10 25.67 25.00
N LYS F 136 21.40 24.74 24.35
CA LYS F 136 21.97 23.62 23.60
C LYS F 136 22.98 24.00 22.51
N GLY F 137 23.11 25.29 22.20
CA GLY F 137 24.11 25.71 21.24
C GLY F 137 25.55 25.58 21.72
N ARG F 138 25.76 25.24 22.99
CA ARG F 138 27.07 24.99 23.56
C ARG F 138 27.03 23.68 24.34
N PRO F 139 28.16 23.04 24.57
CA PRO F 139 28.17 21.81 25.38
C PRO F 139 27.77 22.10 26.82
N GLY F 140 27.18 21.09 27.45
CA GLY F 140 26.78 21.21 28.85
C GLY F 140 25.85 20.10 29.25
N PHE F 141 25.55 20.07 30.55
CA PHE F 141 24.65 19.06 31.11
C PHE F 141 23.95 19.69 32.30
N TYR F 142 22.64 19.89 32.19
CA TYR F 142 21.84 20.48 33.25
C TYR F 142 21.24 19.37 34.11
N PHE F 143 21.39 19.50 35.43
CA PHE F 143 20.91 18.49 36.36
C PHE F 143 20.25 19.09 37.61
N GLY F 144 20.11 20.41 37.70
CA GLY F 144 19.57 21.05 38.89
C GLY F 144 20.61 21.66 39.81
N GLU F 145 21.91 21.55 39.47
CA GLU F 145 22.99 22.29 40.11
C GLU F 145 23.35 21.79 41.50
N LEU F 146 22.61 20.82 42.04
CA LEU F 146 22.77 20.39 43.44
C LEU F 146 23.20 18.93 43.52
N PRO F 147 23.97 18.53 44.53
CA PRO F 147 24.37 17.12 44.62
C PRO F 147 23.20 16.14 44.74
N LEU F 148 22.12 16.52 45.41
CA LEU F 148 20.96 15.63 45.50
C LEU F 148 20.32 15.44 44.13
N SER F 149 20.14 16.52 43.38
CA SER F 149 19.62 16.40 42.02
C SER F 149 20.59 15.67 41.12
N LEU F 150 21.89 15.84 41.33
CA LEU F 150 22.88 15.11 40.54
C LEU F 150 22.78 13.61 40.79
N ALA F 151 22.67 13.22 42.06
CA ALA F 151 22.54 11.80 42.38
C ALA F 151 21.23 11.23 41.83
N ALA F 152 20.14 12.00 41.92
CA ALA F 152 18.87 11.54 41.39
C ALA F 152 18.93 11.37 39.87
N CYS F 153 19.53 12.33 39.17
CA CYS F 153 19.56 12.32 37.71
C CYS F 153 20.54 11.32 37.12
N THR F 154 21.49 10.81 37.90
CA THR F 154 22.45 9.82 37.43
C THR F 154 22.10 8.40 37.84
N ASN F 155 20.90 8.18 38.39
CA ASN F 155 20.43 6.84 38.74
C ASN F 155 21.29 6.21 39.82
N GLN F 156 21.61 6.99 40.85
CA GLN F 156 22.36 6.52 42.02
C GLN F 156 21.45 6.72 43.24
N LEU F 157 20.65 5.70 43.54
CA LEU F 157 19.67 5.81 44.62
C LEU F 157 20.35 5.81 45.99
N ALA F 158 21.42 5.02 46.14
CA ALA F 158 22.08 4.90 47.43
C ALA F 158 22.64 6.25 47.89
N ILE F 159 23.22 7.01 46.97
CA ILE F 159 23.74 8.33 47.33
C ILE F 159 22.60 9.26 47.72
N VAL F 160 21.46 9.15 47.03
CA VAL F 160 20.29 9.97 47.39
C VAL F 160 19.85 9.68 48.81
N LYS F 161 19.72 8.39 49.14
CA LYS F 161 19.29 8.01 50.49
C LYS F 161 20.31 8.46 51.53
N PHE F 162 21.60 8.32 51.23
CA PHE F 162 22.64 8.77 52.15
C PHE F 162 22.58 10.28 52.38
N LEU F 163 22.44 11.04 51.29
CA LEU F 163 22.39 12.49 51.40
C LEU F 163 21.18 12.95 52.19
N LEU F 164 20.05 12.25 52.03
CA LEU F 164 18.86 12.62 52.78
C LEU F 164 18.92 12.19 54.24
N GLN F 165 19.59 11.06 54.53
CA GLN F 165 19.53 10.41 55.84
C GLN F 165 20.92 10.06 56.36
N ASN F 166 21.84 11.03 56.33
CA ASN F 166 23.13 10.89 56.99
C ASN F 166 23.07 11.51 58.39
N SER F 167 24.14 11.29 59.16
CA SER F 167 24.19 11.72 60.55
C SER F 167 24.73 13.12 60.74
N TRP F 168 25.35 13.71 59.72
CA TRP F 168 26.11 14.96 59.85
C TRP F 168 25.40 16.15 59.25
N GLN F 169 24.87 16.04 58.03
CA GLN F 169 24.18 17.15 57.38
C GLN F 169 23.20 16.62 56.34
N PRO F 170 21.93 16.41 56.67
CA PRO F 170 20.98 15.95 55.65
C PRO F 170 20.70 17.02 54.62
N ALA F 171 20.41 16.58 53.40
CA ALA F 171 20.11 17.49 52.31
C ALA F 171 18.69 18.03 52.45
N ASP F 172 18.47 19.22 51.90
CA ASP F 172 17.17 19.87 51.91
C ASP F 172 16.39 19.39 50.70
N ILE F 173 15.41 18.51 50.93
CA ILE F 173 14.67 17.91 49.82
C ILE F 173 13.81 18.92 49.07
N SER F 174 13.50 20.06 49.68
CA SER F 174 12.67 21.08 49.07
C SER F 174 13.47 22.24 48.47
N ALA F 175 14.80 22.12 48.40
CA ALA F 175 15.62 23.21 47.90
C ALA F 175 15.41 23.42 46.40
N ARG F 176 15.66 24.64 45.96
CA ARG F 176 15.51 25.05 44.57
C ARG F 176 16.81 25.64 44.05
N ASP F 177 17.05 25.45 42.75
CA ASP F 177 18.23 25.97 42.09
C ASP F 177 17.95 27.42 41.64
N SER F 178 18.86 27.97 40.82
CA SER F 178 18.71 29.34 40.36
C SER F 178 17.46 29.54 39.52
N VAL F 179 16.99 28.50 38.83
CA VAL F 179 15.77 28.60 38.02
C VAL F 179 14.51 28.42 38.84
N GLY F 180 14.61 27.90 40.07
CA GLY F 180 13.46 27.56 40.87
C GLY F 180 13.04 26.11 40.78
N ASN F 181 13.84 25.26 40.15
CA ASN F 181 13.50 23.87 39.95
C ASN F 181 13.95 23.03 41.14
N THR F 182 13.04 22.20 41.64
CA THR F 182 13.35 21.24 42.70
C THR F 182 13.91 19.96 42.07
N VAL F 183 14.10 18.93 42.89
CA VAL F 183 14.60 17.66 42.37
C VAL F 183 13.64 17.07 41.36
N LEU F 184 12.33 17.18 41.63
CA LEU F 184 11.33 16.60 40.73
C LEU F 184 11.28 17.35 39.40
N HIS F 185 11.42 18.68 39.43
CA HIS F 185 11.52 19.43 38.19
C HIS F 185 12.73 18.99 37.37
N ALA F 186 13.86 18.76 38.04
CA ALA F 186 15.04 18.27 37.34
C ALA F 186 14.80 16.89 36.73
N LEU F 187 14.10 16.01 37.46
CA LEU F 187 13.80 14.70 36.93
C LEU F 187 12.91 14.79 35.70
N VAL F 188 11.95 15.72 35.72
CA VAL F 188 11.11 15.95 34.55
C VAL F 188 11.95 16.47 33.39
N GLU F 189 12.91 17.35 33.67
CA GLU F 189 13.71 17.97 32.61
C GLU F 189 14.54 16.95 31.85
N VAL F 190 15.10 15.95 32.54
CA VAL F 190 16.04 15.02 31.93
C VAL F 190 15.33 13.86 31.25
N ALA F 191 14.01 13.95 31.08
CA ALA F 191 13.26 12.91 30.39
C ALA F 191 13.28 13.14 28.89
N ASP F 192 13.42 12.05 28.12
CA ASP F 192 13.39 12.11 26.67
C ASP F 192 12.47 11.06 26.04
N ASN F 193 11.59 10.44 26.83
CA ASN F 193 10.51 9.59 26.37
C ASN F 193 10.97 8.27 25.76
N THR F 194 12.23 7.88 25.95
CA THR F 194 12.68 6.54 25.58
C THR F 194 12.36 5.56 26.70
N VAL F 195 12.55 4.26 26.40
CA VAL F 195 12.07 3.22 27.31
C VAL F 195 12.91 3.20 28.59
N ASP F 196 14.23 3.10 28.46
CA ASP F 196 15.09 3.01 29.64
C ASP F 196 15.06 4.31 30.44
N ASN F 197 15.06 5.44 29.74
CA ASN F 197 14.96 6.73 30.41
C ASN F 197 13.64 6.85 31.17
N THR F 198 12.55 6.41 30.55
CA THR F 198 11.25 6.46 31.23
C THR F 198 11.25 5.60 32.48
N LYS F 199 11.80 4.38 32.40
CA LYS F 199 11.86 3.51 33.57
C LYS F 199 12.68 4.16 34.69
N PHE F 200 13.86 4.67 34.36
CA PHE F 200 14.74 5.26 35.38
C PHE F 200 14.09 6.48 36.02
N VAL F 201 13.56 7.39 35.21
CA VAL F 201 12.97 8.61 35.74
C VAL F 201 11.76 8.29 36.60
N THR F 202 10.90 7.37 36.14
CA THR F 202 9.70 7.04 36.91
C THR F 202 10.06 6.42 38.26
N SER F 203 10.99 5.46 38.26
CA SER F 203 11.35 4.82 39.53
C SER F 203 11.98 5.81 40.50
N MET F 204 12.88 6.66 40.01
CA MET F 204 13.52 7.63 40.89
C MET F 204 12.50 8.62 41.44
N TYR F 205 11.57 9.08 40.58
CA TYR F 205 10.54 10.00 41.02
C TYR F 205 9.70 9.38 42.13
N ASN F 206 9.25 8.14 41.93
CA ASN F 206 8.40 7.49 42.92
C ASN F 206 9.14 7.33 44.26
N GLU F 207 10.39 6.85 44.20
CA GLU F 207 11.11 6.60 45.44
C GLU F 207 11.40 7.90 46.19
N ILE F 208 11.78 8.96 45.47
CA ILE F 208 12.06 10.22 46.14
C ILE F 208 10.77 10.79 46.75
N LEU F 209 9.63 10.64 46.05
CA LEU F 209 8.39 11.14 46.63
C LEU F 209 8.03 10.40 47.90
N ILE F 210 8.21 9.07 47.92
CA ILE F 210 7.91 8.31 49.12
C ILE F 210 8.83 8.72 50.28
N LEU F 211 10.12 8.86 50.00
CA LEU F 211 11.05 9.26 51.06
C LEU F 211 10.73 10.66 51.59
N GLY F 212 10.38 11.58 50.69
CA GLY F 212 10.00 12.91 51.13
C GLY F 212 8.75 12.90 51.97
N ALA F 213 7.79 12.04 51.62
CA ALA F 213 6.60 11.89 52.45
C ALA F 213 6.95 11.36 53.83
N LYS F 214 7.87 10.40 53.90
CA LYS F 214 8.22 9.81 55.19
C LYS F 214 8.96 10.81 56.08
N LEU F 215 9.93 11.54 55.52
CA LEU F 215 10.73 12.45 56.34
C LEU F 215 9.93 13.68 56.75
N HIS F 216 9.08 14.19 55.85
CA HIS F 216 8.31 15.41 56.07
C HIS F 216 6.86 15.15 55.71
N PRO F 217 6.09 14.54 56.63
CA PRO F 217 4.69 14.21 56.30
C PRO F 217 3.82 15.41 55.97
N THR F 218 4.19 16.61 56.42
CA THR F 218 3.41 17.81 56.17
C THR F 218 3.87 18.58 54.94
N LEU F 219 4.84 18.07 54.18
CA LEU F 219 5.39 18.74 53.02
C LEU F 219 4.77 18.18 51.76
N LYS F 220 4.23 19.07 50.92
CA LYS F 220 3.67 18.71 49.61
C LYS F 220 4.67 19.14 48.55
N LEU F 221 5.51 18.20 48.12
CA LEU F 221 6.58 18.52 47.18
C LEU F 221 6.03 18.97 45.82
N GLU F 222 4.97 18.32 45.36
CA GLU F 222 4.47 18.57 44.01
C GLU F 222 3.78 19.92 43.87
N GLU F 223 3.54 20.65 44.95
CA GLU F 223 2.93 21.98 44.90
C GLU F 223 3.96 23.10 44.74
N ILE F 224 5.25 22.79 44.75
CA ILE F 224 6.28 23.82 44.65
C ILE F 224 6.43 24.21 43.19
N THR F 225 6.43 25.52 42.92
CA THR F 225 6.49 26.06 41.57
C THR F 225 7.82 26.76 41.35
N ASN F 226 8.30 26.70 40.11
CA ASN F 226 9.53 27.39 39.72
C ASN F 226 9.21 28.84 39.39
N ARG F 227 10.17 29.55 38.79
CA ARG F 227 9.98 30.97 38.47
C ARG F 227 8.82 31.19 37.51
N LYS F 228 8.61 30.27 36.57
CA LYS F 228 7.52 30.40 35.62
C LYS F 228 6.17 30.03 36.20
N GLY F 229 6.11 29.54 37.44
CA GLY F 229 4.86 29.16 38.05
C GLY F 229 4.38 27.78 37.68
N LEU F 230 5.28 26.89 37.25
CA LEU F 230 4.92 25.55 36.80
C LEU F 230 5.26 24.53 37.89
N THR F 231 4.32 23.65 38.17
CA THR F 231 4.55 22.46 38.96
C THR F 231 5.16 21.37 38.08
N PRO F 232 5.68 20.29 38.66
CA PRO F 232 6.22 19.21 37.81
C PRO F 232 5.22 18.64 36.83
N LEU F 233 3.94 18.55 37.21
CA LEU F 233 2.92 18.07 36.28
C LEU F 233 2.70 19.06 35.15
N ALA F 234 2.60 20.34 35.48
CA ALA F 234 2.44 21.36 34.44
C ALA F 234 3.66 21.42 33.54
N LEU F 235 4.85 21.27 34.12
CA LEU F 235 6.08 21.24 33.32
C LEU F 235 6.08 20.06 32.36
N ALA F 236 5.68 18.88 32.85
CA ALA F 236 5.61 17.71 31.98
C ALA F 236 4.58 17.90 30.88
N ALA F 237 3.43 18.51 31.20
CA ALA F 237 2.40 18.72 30.20
C ALA F 237 2.84 19.72 29.14
N SER F 238 3.52 20.80 29.55
CA SER F 238 3.92 21.83 28.60
C SER F 238 5.12 21.40 27.76
N SER F 239 6.03 20.59 28.32
CA SER F 239 7.23 20.18 27.62
C SER F 239 7.02 18.98 26.71
N GLY F 240 5.87 18.32 26.79
CA GLY F 240 5.62 17.16 25.95
C GLY F 240 6.19 15.87 26.46
N LYS F 241 6.42 15.75 27.77
CA LYS F 241 6.96 14.54 28.38
C LYS F 241 5.81 13.57 28.59
N ILE F 242 5.51 12.81 27.52
CA ILE F 242 4.38 11.87 27.57
C ILE F 242 4.60 10.79 28.62
N GLY F 243 5.83 10.30 28.75
CA GLY F 243 6.08 9.20 29.67
C GLY F 243 5.89 9.57 31.12
N VAL F 244 6.23 10.80 31.50
CA VAL F 244 6.08 11.24 32.87
C VAL F 244 4.63 11.56 33.18
N LEU F 245 3.94 12.20 32.22
CA LEU F 245 2.52 12.49 32.40
C LEU F 245 1.71 11.20 32.54
N ALA F 246 1.98 10.20 31.70
CA ALA F 246 1.25 8.95 31.75
C ALA F 246 1.51 8.18 33.03
N TYR F 247 2.59 8.48 33.74
CA TYR F 247 2.86 7.89 35.04
C TYR F 247 2.17 8.68 36.16
N ILE F 248 2.31 10.01 36.14
CA ILE F 248 1.77 10.83 37.21
C ILE F 248 0.26 10.73 37.26
N LEU F 249 -0.41 10.80 36.10
CA LEU F 249 -1.87 10.92 36.11
C LEU F 249 -2.57 9.68 36.65
N GLN F 250 -1.89 8.53 36.70
CA GLN F 250 -2.52 7.26 37.08
C GLN F 250 -1.61 6.43 37.96
N ARG F 251 -0.89 7.06 38.89
CA ARG F 251 -0.03 6.32 39.81
C ARG F 251 -0.82 5.88 41.03
N GLU F 252 -0.46 4.70 41.55
CA GLU F 252 -1.02 4.18 42.78
C GLU F 252 0.05 3.42 43.54
N ILE F 253 0.09 3.62 44.86
CA ILE F 253 1.03 2.92 45.72
C ILE F 253 0.27 2.39 46.94
N HIS F 254 0.70 1.22 47.42
CA HIS F 254 -0.01 0.49 48.46
C HIS F 254 0.69 0.48 49.81
N GLU F 255 1.90 0.99 49.91
CA GLU F 255 2.63 0.95 51.16
C GLU F 255 1.90 1.78 52.22
N PRO F 256 1.73 1.28 53.45
CA PRO F 256 1.03 2.09 54.47
C PRO F 256 1.79 3.36 54.81
N GLU F 257 1.03 4.32 55.35
CA GLU F 257 1.48 5.64 55.80
C GLU F 257 1.83 6.58 54.65
N CYS F 258 1.69 6.16 53.39
CA CYS F 258 1.90 7.04 52.25
C CYS F 258 0.89 6.79 51.12
N ARG F 259 -0.22 6.10 51.39
CA ARG F 259 -1.21 5.85 50.36
C ARG F 259 -1.89 7.13 49.87
N HIS F 260 -1.85 8.20 50.67
CA HIS F 260 -2.45 9.47 50.26
C HIS F 260 -1.72 10.12 49.09
N LEU F 261 -0.53 9.64 48.72
CA LEU F 261 0.17 10.16 47.56
C LEU F 261 -0.41 9.68 46.25
N SER F 262 -1.29 8.67 46.27
CA SER F 262 -1.82 8.12 45.03
C SER F 262 -2.81 9.09 44.39
N ARG F 263 -2.99 8.92 43.07
CA ARG F 263 -4.01 9.63 42.32
C ARG F 263 -5.02 8.70 41.65
N LYS F 264 -4.78 7.38 41.67
CA LYS F 264 -5.72 6.38 41.20
C LYS F 264 -6.08 5.47 42.36
N PHE F 265 -7.37 5.31 42.61
CA PHE F 265 -7.87 4.52 43.72
C PHE F 265 -8.93 3.54 43.22
N THR F 266 -9.13 2.47 44.00
CA THR F 266 -10.13 1.45 43.71
C THR F 266 -11.30 1.65 44.68
N GLU F 267 -12.46 2.02 44.14
CA GLU F 267 -13.63 2.26 44.99
C GLU F 267 -14.23 0.96 45.50
N TRP F 268 -14.39 -0.02 44.62
CA TRP F 268 -14.91 -1.31 45.03
C TRP F 268 -14.55 -2.34 43.96
N ALA F 269 -14.66 -3.61 44.36
CA ALA F 269 -14.37 -4.72 43.47
C ALA F 269 -15.35 -5.85 43.76
N TYR F 270 -16.09 -6.22 42.73
CA TYR F 270 -16.78 -7.50 42.64
C TYR F 270 -15.76 -8.43 41.98
N GLY F 271 -16.21 -9.48 41.30
CA GLY F 271 -15.28 -10.46 40.79
C GLY F 271 -14.58 -9.89 39.57
N PRO F 272 -14.95 -10.29 38.35
CA PRO F 272 -14.27 -9.69 37.17
C PRO F 272 -14.42 -8.18 37.08
N VAL F 273 -15.43 -7.59 37.73
CA VAL F 273 -15.76 -6.17 37.60
C VAL F 273 -15.16 -5.42 38.78
N HIS F 274 -14.59 -4.25 38.51
CA HIS F 274 -14.19 -3.35 39.58
C HIS F 274 -14.31 -1.90 39.10
N SER F 275 -14.27 -0.97 40.05
CA SER F 275 -14.47 0.45 39.77
C SER F 275 -13.31 1.24 40.37
N SER F 276 -12.71 2.11 39.55
CA SER F 276 -11.58 2.94 39.94
C SER F 276 -11.97 4.41 39.93
N LEU F 277 -11.23 5.20 40.71
CA LEU F 277 -11.42 6.63 40.83
C LEU F 277 -10.10 7.34 40.50
N TYR F 278 -10.19 8.37 39.67
CA TYR F 278 -9.05 9.19 39.30
C TYR F 278 -9.14 10.54 40.00
N ASP F 279 -8.02 10.98 40.58
CA ASP F 279 -8.02 12.10 41.52
C ASP F 279 -8.52 13.39 40.86
N LEU F 280 -8.04 13.68 39.66
CA LEU F 280 -8.55 14.76 38.82
C LEU F 280 -8.23 16.15 39.35
N SER F 281 -7.43 16.28 40.40
CA SER F 281 -7.08 17.60 40.90
C SER F 281 -6.18 18.31 39.91
N CYS F 282 -6.53 19.55 39.57
CA CYS F 282 -5.74 20.41 38.69
C CYS F 282 -5.64 19.88 37.27
N ILE F 283 -6.62 19.09 36.82
CA ILE F 283 -6.69 18.66 35.43
C ILE F 283 -7.56 19.59 34.61
N ASP F 284 -8.74 19.95 35.14
CA ASP F 284 -9.70 20.81 34.46
C ASP F 284 -9.82 22.19 35.08
N THR F 285 -9.63 22.32 36.39
CA THR F 285 -9.67 23.61 37.06
C THR F 285 -8.63 23.64 38.18
N CYS F 286 -7.71 24.60 38.10
CA CYS F 286 -6.75 24.85 39.17
C CYS F 286 -6.57 26.33 39.49
N GLU F 287 -7.13 27.25 38.70
CA GLU F 287 -7.05 28.70 38.83
C GLU F 287 -5.70 29.27 38.41
N LYS F 288 -4.68 28.43 38.12
CA LYS F 288 -3.39 28.93 37.68
C LYS F 288 -3.09 28.49 36.25
N ASN F 289 -2.92 27.19 35.98
CA ASN F 289 -2.72 26.69 34.62
C ASN F 289 -2.99 25.19 34.63
N SER F 290 -4.16 24.78 34.14
CA SER F 290 -4.54 23.38 34.20
C SER F 290 -3.89 22.59 33.06
N VAL F 291 -3.94 21.26 33.20
CA VAL F 291 -3.27 20.38 32.24
C VAL F 291 -3.93 20.49 30.87
N LEU F 292 -5.27 20.49 30.83
CA LEU F 292 -5.96 20.58 29.54
C LEU F 292 -5.70 21.91 28.86
N GLU F 293 -5.66 23.00 29.64
CA GLU F 293 -5.32 24.30 29.05
C GLU F 293 -3.89 24.28 28.50
N VAL F 294 -2.96 23.67 29.22
CA VAL F 294 -1.57 23.62 28.77
C VAL F 294 -1.46 22.84 27.46
N ILE F 295 -2.12 21.68 27.39
CA ILE F 295 -2.01 20.86 26.19
C ILE F 295 -2.72 21.52 25.01
N ALA F 296 -3.94 22.01 25.22
CA ALA F 296 -4.74 22.52 24.11
C ALA F 296 -4.16 23.80 23.53
N TYR F 297 -3.72 24.73 24.39
CA TYR F 297 -3.28 26.05 23.96
C TYR F 297 -1.77 26.13 23.77
N SER F 298 -1.11 25.00 23.51
CA SER F 298 0.32 25.02 23.25
C SER F 298 0.59 25.68 21.90
N SER F 299 1.87 25.94 21.62
CA SER F 299 2.29 26.71 20.47
C SER F 299 2.71 25.85 19.28
N SER F 300 2.38 24.56 19.29
CA SER F 300 2.67 23.59 18.24
C SER F 300 4.13 23.16 18.19
N GLU F 301 5.00 23.76 19.00
CA GLU F 301 6.39 23.31 19.07
C GLU F 301 6.55 22.09 19.97
N THR F 302 5.57 21.79 20.81
CA THR F 302 5.67 20.64 21.70
C THR F 302 5.69 19.36 20.87
N PRO F 303 6.58 18.40 21.17
CA PRO F 303 6.63 17.18 20.34
C PRO F 303 5.34 16.37 20.30
N ASN F 304 4.75 16.07 21.45
CA ASN F 304 3.65 15.12 21.57
C ASN F 304 2.32 15.82 21.86
N ARG F 305 2.04 16.91 21.15
CA ARG F 305 0.81 17.64 21.37
C ARG F 305 -0.43 16.80 21.06
N HIS F 306 -0.36 15.95 20.03
CA HIS F 306 -1.52 15.17 19.64
C HIS F 306 -1.72 13.94 20.50
N ASP F 307 -0.65 13.39 21.06
CA ASP F 307 -0.71 12.13 21.79
C ASP F 307 -1.00 12.29 23.27
N MET F 308 -0.73 13.47 23.85
CA MET F 308 -0.95 13.67 25.28
C MET F 308 -2.41 13.65 25.67
N LEU F 309 -3.34 13.75 24.73
CA LEU F 309 -4.77 13.66 25.03
C LEU F 309 -5.30 12.24 24.98
N LEU F 310 -4.48 11.25 24.63
CA LEU F 310 -4.88 9.86 24.64
C LEU F 310 -4.62 9.17 25.97
N VAL F 311 -4.01 9.86 26.94
CA VAL F 311 -3.79 9.28 28.26
C VAL F 311 -5.14 9.08 28.93
N GLU F 312 -5.27 7.98 29.68
CA GLU F 312 -6.54 7.34 30.00
C GLU F 312 -7.63 8.28 30.54
N PRO F 313 -7.40 9.07 31.59
CA PRO F 313 -8.48 9.91 32.11
C PRO F 313 -8.91 11.05 31.19
N LEU F 314 -7.98 11.60 30.39
CA LEU F 314 -8.28 12.84 29.66
C LEU F 314 -9.27 12.61 28.52
N ASN F 315 -9.12 11.50 27.79
CA ASN F 315 -10.06 11.21 26.71
C ASN F 315 -11.48 11.02 27.24
N ARG F 316 -11.62 10.33 28.37
CA ARG F 316 -12.93 10.15 28.97
C ARG F 316 -13.48 11.47 29.50
N LEU F 317 -12.62 12.31 30.06
CA LEU F 317 -13.09 13.63 30.51
C LEU F 317 -13.64 14.44 29.34
N LEU F 318 -12.91 14.47 28.22
CA LEU F 318 -13.35 15.26 27.08
C LEU F 318 -14.62 14.68 26.48
N GLN F 319 -14.73 13.36 26.38
CA GLN F 319 -15.95 12.75 25.86
C GLN F 319 -17.13 13.03 26.78
N ASP F 320 -16.92 12.96 28.10
CA ASP F 320 -17.99 13.28 29.04
C ASP F 320 -18.44 14.72 28.90
N LYS F 321 -17.49 15.64 28.79
CA LYS F 321 -17.83 17.05 28.62
C LYS F 321 -18.61 17.27 27.33
N TRP F 322 -18.21 16.60 26.24
CA TRP F 322 -18.95 16.72 25.00
C TRP F 322 -20.37 16.21 25.14
N ASP F 323 -20.53 15.00 25.67
CA ASP F 323 -21.85 14.39 25.75
C ASP F 323 -22.76 15.09 26.76
N ARG F 324 -22.21 15.83 27.71
CA ARG F 324 -23.03 16.33 28.80
C ARG F 324 -23.76 17.64 28.45
N PHE F 325 -23.02 18.69 28.06
CA PHE F 325 -23.66 19.99 27.80
C PHE F 325 -23.13 20.74 26.57
N VAL F 326 -21.99 20.34 26.03
CA VAL F 326 -21.35 21.14 24.97
C VAL F 326 -21.99 20.88 23.61
N LYS F 327 -22.42 19.65 23.36
CA LYS F 327 -22.96 19.27 22.06
C LYS F 327 -24.18 20.12 21.67
N ARG F 328 -25.09 20.34 22.63
CA ARG F 328 -26.30 21.11 22.33
C ARG F 328 -25.96 22.56 21.98
N ILE F 329 -24.99 23.14 22.70
CA ILE F 329 -24.59 24.51 22.42
C ILE F 329 -23.96 24.61 21.03
N PHE F 330 -23.12 23.63 20.69
CA PHE F 330 -22.50 23.62 19.37
C PHE F 330 -23.55 23.54 18.27
N TYR F 331 -24.53 22.65 18.43
CA TYR F 331 -25.58 22.52 17.41
C TYR F 331 -26.42 23.79 17.32
N PHE F 332 -26.71 24.44 18.45
CA PHE F 332 -27.45 25.69 18.43
C PHE F 332 -26.69 26.77 17.66
N ASN F 333 -25.38 26.87 17.89
CA ASN F 333 -24.58 27.85 17.15
C ASN F 333 -24.58 27.55 15.65
N PHE F 334 -24.49 26.27 15.29
CA PHE F 334 -24.54 25.91 13.88
C PHE F 334 -25.87 26.32 13.24
N PHE F 335 -26.98 26.09 13.96
CA PHE F 335 -28.29 26.48 13.46
C PHE F 335 -28.37 27.98 13.24
N VAL F 336 -27.87 28.77 14.21
CA VAL F 336 -27.94 30.22 14.08
C VAL F 336 -27.11 30.70 12.90
N TYR F 337 -25.93 30.10 12.70
CA TYR F 337 -25.12 30.48 11.54
C TYR F 337 -25.82 30.16 10.23
N CYS F 338 -26.49 29.01 10.16
CA CYS F 338 -27.24 28.67 8.95
C CYS F 338 -28.33 29.71 8.67
N LEU F 339 -29.06 30.13 9.72
CA LEU F 339 -30.09 31.16 9.52
C LEU F 339 -29.47 32.46 9.03
N TYR F 340 -28.33 32.84 9.60
CA TYR F 340 -27.65 34.06 9.17
C TYR F 340 -27.29 34.00 7.69
N MET F 341 -26.74 32.87 7.25
CA MET F 341 -26.35 32.76 5.84
C MET F 341 -27.55 32.76 4.92
N ILE F 342 -28.67 32.15 5.33
CA ILE F 342 -29.86 32.19 4.50
C ILE F 342 -30.37 33.62 4.35
N ILE F 343 -30.39 34.38 5.46
CA ILE F 343 -30.86 35.77 5.38
C ILE F 343 -29.93 36.60 4.51
N PHE F 344 -28.62 36.41 4.65
CA PHE F 344 -27.66 37.16 3.83
C PHE F 344 -27.87 36.85 2.35
N THR F 345 -28.03 35.56 2.02
CA THR F 345 -28.23 35.17 0.62
C THR F 345 -29.51 35.78 0.05
N ALA F 346 -30.60 35.71 0.82
CA ALA F 346 -31.86 36.27 0.33
C ALA F 346 -31.77 37.78 0.16
N ALA F 347 -31.12 38.48 1.10
CA ALA F 347 -30.98 39.93 0.98
C ALA F 347 -30.15 40.31 -0.23
N ALA F 348 -29.07 39.57 -0.49
CA ALA F 348 -28.22 39.90 -1.63
C ALA F 348 -28.89 39.56 -2.95
N TYR F 349 -29.71 38.50 -2.97
CA TYR F 349 -30.33 38.05 -4.21
C TYR F 349 -31.26 39.09 -4.82
N TYR F 350 -31.93 39.88 -3.98
CA TYR F 350 -32.95 40.83 -4.41
C TYR F 350 -32.47 42.28 -4.37
N ARG F 351 -31.19 42.52 -4.62
CA ARG F 351 -30.71 43.89 -4.64
C ARG F 351 -31.34 44.66 -5.80
N PRO F 352 -31.46 45.98 -5.70
CA PRO F 352 -31.91 46.76 -6.85
C PRO F 352 -30.81 46.92 -7.89
N VAL F 353 -31.21 47.22 -9.12
CA VAL F 353 -30.31 47.29 -10.26
C VAL F 353 -30.17 48.70 -10.80
N GLU F 354 -30.73 49.70 -10.13
CA GLU F 354 -30.54 51.08 -10.54
C GLU F 354 -29.13 51.56 -10.13
N GLY F 355 -28.78 52.78 -10.55
CA GLY F 355 -27.44 53.28 -10.33
C GLY F 355 -27.31 54.13 -9.07
N LEU F 356 -26.05 54.40 -8.71
CA LEU F 356 -25.68 55.37 -7.69
C LEU F 356 -26.36 55.13 -6.35
N PRO F 357 -25.95 54.15 -5.57
CA PRO F 357 -26.48 54.00 -4.20
C PRO F 357 -26.14 55.21 -3.34
N PRO F 358 -26.77 55.36 -2.17
CA PRO F 358 -27.80 54.53 -1.54
C PRO F 358 -29.15 54.65 -2.22
N TYR F 359 -29.97 53.60 -2.10
CA TYR F 359 -31.26 53.54 -2.76
C TYR F 359 -32.37 53.92 -1.78
N LYS F 360 -33.26 54.80 -2.22
CA LYS F 360 -34.33 55.26 -1.36
C LYS F 360 -35.30 54.13 -1.05
N LEU F 361 -35.74 54.07 0.20
CA LEU F 361 -36.66 53.03 0.63
C LEU F 361 -38.07 53.32 0.13
N LYS F 362 -38.71 52.30 -0.44
CA LYS F 362 -40.11 52.37 -0.83
C LYS F 362 -40.99 51.87 0.31
N ASN F 363 -42.28 52.16 0.21
CA ASN F 363 -43.24 51.83 1.24
C ASN F 363 -43.92 50.48 1.04
N THR F 364 -43.46 49.69 0.08
CA THR F 364 -44.03 48.36 -0.15
C THR F 364 -43.37 47.32 0.77
N VAL F 365 -44.00 46.15 0.83
CA VAL F 365 -43.64 45.13 1.81
C VAL F 365 -42.24 44.56 1.53
N GLY F 366 -41.96 44.23 0.27
CA GLY F 366 -40.72 43.60 -0.08
C GLY F 366 -39.50 44.44 0.26
N ASP F 367 -39.62 45.75 0.12
CA ASP F 367 -38.49 46.62 0.44
C ASP F 367 -38.24 46.69 1.95
N TYR F 368 -39.30 46.63 2.76
CA TYR F 368 -39.10 46.53 4.20
C TYR F 368 -38.37 45.24 4.58
N PHE F 369 -38.78 44.12 3.98
CA PHE F 369 -38.08 42.86 4.28
C PHE F 369 -36.64 42.93 3.80
N ARG F 370 -36.41 43.54 2.64
CA ARG F 370 -35.06 43.65 2.09
C ARG F 370 -34.14 44.45 3.01
N VAL F 371 -34.61 45.62 3.47
CA VAL F 371 -33.76 46.45 4.31
C VAL F 371 -33.53 45.77 5.66
N THR F 372 -34.53 45.06 6.19
CA THR F 372 -34.32 44.30 7.42
C THR F 372 -33.21 43.26 7.24
N GLY F 373 -33.24 42.53 6.12
CA GLY F 373 -32.20 41.55 5.86
C GLY F 373 -30.83 42.18 5.73
N GLU F 374 -30.74 43.34 5.08
CA GLU F 374 -29.46 44.03 4.96
C GLU F 374 -28.91 44.40 6.34
N ILE F 375 -29.78 44.93 7.21
CA ILE F 375 -29.33 45.33 8.54
C ILE F 375 -28.82 44.13 9.33
N LEU F 376 -29.54 43.00 9.25
CA LEU F 376 -29.09 41.80 9.96
C LEU F 376 -27.74 41.31 9.43
N SER F 377 -27.54 41.37 8.11
CA SER F 377 -26.26 40.95 7.54
C SER F 377 -25.11 41.80 8.05
N VAL F 378 -25.30 43.12 8.08
CA VAL F 378 -24.24 44.00 8.57
C VAL F 378 -23.96 43.73 10.05
N SER F 379 -25.01 43.47 10.83
CA SER F 379 -24.83 43.15 12.24
C SER F 379 -23.98 41.91 12.42
N GLY F 380 -24.27 40.85 11.65
CA GLY F 380 -23.45 39.65 11.75
C GLY F 380 -22.00 39.89 11.37
N GLY F 381 -21.78 40.72 10.34
CA GLY F 381 -20.41 41.02 9.94
C GLY F 381 -19.61 41.69 11.04
N VAL F 382 -20.20 42.71 11.67
CA VAL F 382 -19.44 43.41 12.71
C VAL F 382 -19.27 42.53 13.95
N TYR F 383 -20.24 41.65 14.22
CA TYR F 383 -20.06 40.69 15.31
C TYR F 383 -18.83 39.82 15.08
N PHE F 384 -18.69 39.24 13.88
CA PHE F 384 -17.51 38.41 13.63
C PHE F 384 -16.23 39.22 13.67
N PHE F 385 -16.28 40.48 13.23
CA PHE F 385 -15.11 41.35 13.30
C PHE F 385 -14.61 41.49 14.75
N PHE F 386 -15.52 41.84 15.66
CA PHE F 386 -15.09 42.01 17.05
C PHE F 386 -14.70 40.69 17.69
N ARG F 387 -15.33 39.57 17.29
CA ARG F 387 -14.90 38.29 17.82
C ARG F 387 -13.46 37.97 17.42
N GLY F 388 -13.10 38.26 16.18
CA GLY F 388 -11.71 38.05 15.76
C GLY F 388 -10.74 38.90 16.53
N ILE F 389 -11.10 40.16 16.79
CA ILE F 389 -10.23 41.03 17.58
C ILE F 389 -10.07 40.46 18.99
N GLN F 390 -11.16 40.00 19.59
CA GLN F 390 -11.08 39.43 20.94
C GLN F 390 -10.17 38.21 20.97
N TYR F 391 -10.28 37.35 19.95
CA TYR F 391 -9.40 36.18 19.88
C TYR F 391 -7.94 36.61 19.87
N PHE F 392 -7.58 37.54 18.98
CA PHE F 392 -6.18 37.94 18.88
C PHE F 392 -5.69 38.57 20.18
N LEU F 393 -6.50 39.43 20.79
CA LEU F 393 -6.05 40.09 22.01
C LEU F 393 -5.90 39.11 23.17
N GLN F 394 -6.81 38.13 23.28
CA GLN F 394 -6.72 37.20 24.39
C GLN F 394 -5.56 36.23 24.23
N ARG F 395 -5.34 35.72 23.02
CA ARG F 395 -4.28 34.73 22.82
C ARG F 395 -2.90 35.36 22.63
N ARG F 396 -2.84 36.55 22.04
CA ARG F 396 -1.58 37.21 21.71
C ARG F 396 -0.59 36.30 20.96
N PRO F 397 -0.98 35.74 19.82
CA PRO F 397 -0.03 34.96 19.02
C PRO F 397 0.95 35.88 18.29
N SER F 398 2.00 35.27 17.78
CA SER F 398 3.06 35.94 17.03
C SER F 398 2.82 35.74 15.53
N LEU F 399 3.80 36.15 14.73
CA LEU F 399 3.67 36.06 13.28
C LEU F 399 3.49 34.61 12.82
N LYS F 400 4.28 33.69 13.40
CA LYS F 400 4.18 32.30 12.99
C LYS F 400 2.95 31.63 13.61
N SER F 401 2.79 31.73 14.93
CA SER F 401 1.71 31.02 15.61
C SER F 401 0.34 31.50 15.18
N LEU F 402 0.22 32.74 14.72
CA LEU F 402 -1.08 33.24 14.27
C LEU F 402 -1.54 32.50 13.02
N PHE F 403 -0.61 32.19 12.11
CA PHE F 403 -0.95 31.59 10.82
C PHE F 403 -0.95 30.06 10.87
N VAL F 404 0.11 29.45 11.42
CA VAL F 404 0.26 28.00 11.35
C VAL F 404 -0.82 27.26 12.13
N ASP F 405 -1.51 27.93 13.05
CA ASP F 405 -2.64 27.35 13.76
C ASP F 405 -3.76 28.37 13.79
N SER F 406 -4.99 27.86 13.92
CA SER F 406 -6.20 28.68 13.94
C SER F 406 -6.35 29.47 12.62
N TYR F 407 -6.53 28.72 11.54
CA TYR F 407 -6.84 29.35 10.25
C TYR F 407 -8.28 29.85 10.19
N SER F 408 -9.20 29.13 10.82
CA SER F 408 -10.61 29.47 10.71
C SER F 408 -10.90 30.86 11.28
N GLU F 409 -10.16 31.26 12.31
CA GLU F 409 -10.31 32.62 12.83
C GLU F 409 -9.94 33.64 11.76
N ILE F 410 -8.87 33.36 11.01
CA ILE F 410 -8.45 34.27 9.94
C ILE F 410 -9.51 34.35 8.86
N LEU F 411 -10.08 33.20 8.47
CA LEU F 411 -11.06 33.19 7.40
C LEU F 411 -12.34 33.94 7.80
N PHE F 412 -12.83 33.71 9.02
CA PHE F 412 -14.01 34.45 9.48
C PHE F 412 -13.72 35.95 9.56
N PHE F 413 -12.52 36.32 10.01
CA PHE F 413 -12.15 37.72 10.09
C PHE F 413 -12.11 38.36 8.71
N VAL F 414 -11.57 37.65 7.71
CA VAL F 414 -11.50 38.20 6.36
C VAL F 414 -12.91 38.39 5.79
N GLN F 415 -13.82 37.44 6.07
CA GLN F 415 -15.20 37.62 5.66
C GLN F 415 -15.79 38.90 6.23
N SER F 416 -15.57 39.13 7.54
CA SER F 416 -16.11 40.35 8.15
C SER F 416 -15.48 41.61 7.55
N LEU F 417 -14.18 41.55 7.22
CA LEU F 417 -13.54 42.70 6.59
C LEU F 417 -14.17 43.02 5.24
N PHE F 418 -14.47 41.99 4.44
CA PHE F 418 -15.14 42.21 3.17
C PHE F 418 -16.50 42.85 3.37
N MET F 419 -17.25 42.38 4.38
CA MET F 419 -18.54 43.00 4.67
C MET F 419 -18.41 44.48 5.01
N LEU F 420 -17.43 44.83 5.84
CA LEU F 420 -17.28 46.23 6.23
C LEU F 420 -16.88 47.11 5.06
N VAL F 421 -15.99 46.62 4.19
CA VAL F 421 -15.62 47.39 3.01
C VAL F 421 -16.83 47.56 2.11
N SER F 422 -17.68 46.54 2.00
CA SER F 422 -18.91 46.67 1.24
C SER F 422 -19.78 47.79 1.78
N VAL F 423 -19.93 47.86 3.11
CA VAL F 423 -20.76 48.93 3.69
C VAL F 423 -20.17 50.30 3.38
N VAL F 424 -18.85 50.43 3.52
CA VAL F 424 -18.19 51.72 3.30
C VAL F 424 -18.40 52.17 1.85
N LEU F 425 -18.25 51.24 0.90
CA LEU F 425 -18.48 51.58 -0.49
C LEU F 425 -19.94 51.91 -0.75
N TYR F 426 -20.86 51.22 -0.07
CA TYR F 426 -22.28 51.48 -0.28
C TYR F 426 -22.63 52.92 0.09
N PHE F 427 -22.20 53.37 1.26
CA PHE F 427 -22.57 54.73 1.66
C PHE F 427 -21.69 55.81 1.03
N SER F 428 -20.65 55.44 0.27
CA SER F 428 -19.82 56.39 -0.46
C SER F 428 -20.30 56.64 -1.89
N GLN F 429 -21.46 56.11 -2.28
CA GLN F 429 -22.02 56.29 -3.62
C GLN F 429 -21.14 55.65 -4.69
N ARG F 430 -20.59 54.48 -4.41
CA ARG F 430 -19.88 53.67 -5.38
C ARG F 430 -20.71 52.47 -5.78
N LYS F 431 -20.66 52.14 -7.07
CA LYS F 431 -21.32 50.94 -7.56
C LYS F 431 -20.51 49.67 -7.30
N GLU F 432 -19.22 49.80 -6.97
CA GLU F 432 -18.35 48.65 -6.81
C GLU F 432 -18.56 47.90 -5.49
N TYR F 433 -19.45 48.36 -4.61
CA TYR F 433 -19.67 47.64 -3.36
C TYR F 433 -20.11 46.21 -3.60
N VAL F 434 -20.82 45.96 -4.71
CA VAL F 434 -21.25 44.61 -5.04
C VAL F 434 -20.04 43.69 -5.16
N ALA F 435 -18.96 44.20 -5.75
CA ALA F 435 -17.76 43.40 -5.92
C ALA F 435 -17.22 42.90 -4.59
N SER F 436 -17.40 43.66 -3.52
CA SER F 436 -16.98 43.17 -2.20
C SER F 436 -18.00 42.19 -1.64
N MET F 437 -19.28 42.49 -1.82
CA MET F 437 -20.34 41.73 -1.17
C MET F 437 -20.31 40.27 -1.58
N VAL F 438 -20.13 40.00 -2.87
CA VAL F 438 -20.08 38.63 -3.35
C VAL F 438 -18.88 37.90 -2.75
N PHE F 439 -17.75 38.58 -2.59
CA PHE F 439 -16.59 37.90 -2.00
C PHE F 439 -16.84 37.59 -0.54
N SER F 440 -17.69 38.36 0.14
CA SER F 440 -18.13 37.92 1.45
C SER F 440 -19.04 36.71 1.32
N LEU F 441 -20.03 36.79 0.43
CA LEU F 441 -21.08 35.79 0.38
C LEU F 441 -20.53 34.41 0.07
N ALA F 442 -19.67 34.31 -0.94
CA ALA F 442 -19.04 33.04 -1.26
C ALA F 442 -18.26 32.50 -0.08
N MET F 443 -17.47 33.35 0.58
CA MET F 443 -16.71 32.90 1.74
C MET F 443 -17.65 32.43 2.84
N GLY F 444 -18.76 33.13 3.00
CA GLY F 444 -19.72 32.76 4.03
C GLY F 444 -20.21 31.35 3.90
N TRP F 445 -20.24 30.81 2.68
CA TRP F 445 -20.67 29.43 2.52
C TRP F 445 -19.54 28.46 2.81
N THR F 446 -18.32 28.76 2.34
CA THR F 446 -17.24 27.78 2.52
C THR F 446 -16.85 27.65 3.98
N ASN F 447 -16.96 28.73 4.75
CA ASN F 447 -16.68 28.68 6.18
C ASN F 447 -17.64 27.76 6.92
N MET F 448 -18.76 27.38 6.31
CA MET F 448 -19.65 26.41 6.94
C MET F 448 -18.97 25.07 7.17
N LEU F 449 -17.90 24.75 6.44
CA LEU F 449 -17.17 23.53 6.72
C LEU F 449 -16.54 23.52 8.11
N TYR F 450 -16.38 24.68 8.74
CA TYR F 450 -15.94 24.72 10.13
C TYR F 450 -16.80 23.82 11.01
N TYR F 451 -18.11 23.78 10.75
CA TYR F 451 -19.00 23.00 11.60
C TYR F 451 -19.00 21.51 11.28
N THR F 452 -18.08 21.03 10.44
CA THR F 452 -17.96 19.58 10.25
C THR F 452 -17.39 18.90 11.49
N ARG F 453 -16.67 19.61 12.34
CA ARG F 453 -16.29 19.06 13.63
C ARG F 453 -17.53 18.92 14.50
N GLY F 454 -17.48 17.98 15.44
CA GLY F 454 -18.66 17.53 16.13
C GLY F 454 -19.31 16.33 15.49
N PHE F 455 -18.96 16.04 14.24
CA PHE F 455 -19.29 14.78 13.58
C PHE F 455 -17.97 14.16 13.16
N GLN F 456 -17.71 12.93 13.63
CA GLN F 456 -16.37 12.36 13.54
C GLN F 456 -15.94 12.14 12.10
N GLN F 457 -16.82 11.59 11.26
CA GLN F 457 -16.42 11.24 9.91
C GLN F 457 -16.19 12.48 9.06
N MET F 458 -17.11 13.45 9.15
CA MET F 458 -16.94 14.69 8.40
C MET F 458 -15.77 15.50 8.95
N GLY F 459 -15.54 15.46 10.26
CA GLY F 459 -14.37 16.13 10.81
C GLY F 459 -13.06 15.57 10.28
N ILE F 460 -12.95 14.24 10.23
CA ILE F 460 -11.73 13.63 9.70
C ILE F 460 -11.58 13.96 8.20
N TYR F 461 -12.69 13.92 7.46
CA TYR F 461 -12.65 14.29 6.04
C TYR F 461 -12.14 15.72 5.85
N ALA F 462 -12.66 16.65 6.66
CA ALA F 462 -12.24 18.04 6.57
C ALA F 462 -10.77 18.20 6.94
N VAL F 463 -10.31 17.46 7.96
CA VAL F 463 -8.91 17.54 8.34
C VAL F 463 -8.02 17.07 7.20
N MET F 464 -8.43 16.00 6.51
CA MET F 464 -7.68 15.53 5.36
C MET F 464 -7.62 16.58 4.26
N ILE F 465 -8.73 17.28 4.00
CA ILE F 465 -8.72 18.33 2.98
C ILE F 465 -7.74 19.43 3.36
N GLU F 466 -7.79 19.85 4.62
CA GLU F 466 -6.94 20.95 5.09
C GLU F 466 -5.47 20.58 4.97
N LYS F 467 -5.11 19.35 5.36
CA LYS F 467 -3.72 18.94 5.27
C LYS F 467 -3.26 18.80 3.84
N MET F 468 -4.14 18.33 2.93
CA MET F 468 -3.78 18.31 1.51
C MET F 468 -3.41 19.70 1.03
N ILE F 469 -4.28 20.67 1.31
CA ILE F 469 -4.04 22.05 0.86
C ILE F 469 -2.75 22.59 1.43
N LEU F 470 -2.51 22.39 2.73
CA LEU F 470 -1.38 23.04 3.36
C LEU F 470 -0.06 22.35 3.08
N ARG F 471 -0.06 21.07 2.69
CA ARG F 471 1.18 20.35 2.47
C ARG F 471 1.56 20.25 0.99
N ASP F 472 0.68 19.70 0.14
CA ASP F 472 1.15 19.24 -1.16
C ASP F 472 0.85 20.19 -2.31
N LEU F 473 -0.35 20.76 -2.32
CA LEU F 473 -0.74 21.60 -3.44
C LEU F 473 0.10 22.87 -3.50
N CYS F 474 0.71 23.29 -2.38
CA CYS F 474 1.62 24.43 -2.43
C CYS F 474 2.83 24.13 -3.32
N ARG F 475 3.47 22.98 -3.13
CA ARG F 475 4.61 22.63 -3.98
C ARG F 475 4.18 22.46 -5.43
N PHE F 476 3.06 21.77 -5.63
CA PHE F 476 2.58 21.56 -7.00
C PHE F 476 2.31 22.89 -7.68
N MET F 477 1.62 23.81 -7.00
CA MET F 477 1.28 25.09 -7.60
C MET F 477 2.51 25.95 -7.84
N PHE F 478 3.52 25.86 -6.97
CA PHE F 478 4.76 26.59 -7.23
C PHE F 478 5.38 26.15 -8.56
N VAL F 479 5.56 24.84 -8.74
CA VAL F 479 6.19 24.34 -9.96
C VAL F 479 5.31 24.66 -11.18
N TYR F 480 4.00 24.43 -11.05
CA TYR F 480 3.08 24.66 -12.16
C TYR F 480 3.07 26.12 -12.58
N LEU F 481 3.06 27.04 -11.62
CA LEU F 481 3.04 28.46 -11.95
C LEU F 481 4.32 28.88 -12.63
N VAL F 482 5.46 28.33 -12.23
CA VAL F 482 6.71 28.65 -12.93
C VAL F 482 6.62 28.20 -14.38
N PHE F 483 6.15 26.98 -14.62
CA PHE F 483 6.03 26.49 -16.00
C PHE F 483 5.06 27.33 -16.82
N LEU F 484 3.91 27.68 -16.23
CA LEU F 484 2.89 28.44 -16.95
C LEU F 484 3.42 29.82 -17.32
N PHE F 485 4.08 30.51 -16.39
CA PHE F 485 4.60 31.83 -16.70
C PHE F 485 5.66 31.76 -17.79
N GLY F 486 6.55 30.76 -17.72
CA GLY F 486 7.57 30.64 -18.75
C GLY F 486 7.00 30.46 -20.14
N PHE F 487 6.06 29.53 -20.28
CA PHE F 487 5.50 29.27 -21.60
C PHE F 487 4.60 30.42 -22.06
N SER F 488 3.94 31.11 -21.13
CA SER F 488 3.13 32.27 -21.52
C SER F 488 4.01 33.38 -22.09
N THR F 489 5.15 33.64 -21.46
CA THR F 489 6.04 34.66 -22.01
C THR F 489 6.57 34.25 -23.37
N ALA F 490 6.90 32.97 -23.54
CA ALA F 490 7.36 32.49 -24.85
C ALA F 490 6.29 32.68 -25.92
N VAL F 491 5.04 32.35 -25.60
CA VAL F 491 3.97 32.43 -26.59
C VAL F 491 3.66 33.88 -26.94
N VAL F 492 3.65 34.77 -25.94
CA VAL F 492 3.41 36.18 -26.24
C VAL F 492 4.52 36.73 -27.12
N THR F 493 5.77 36.36 -26.83
CA THR F 493 6.88 36.84 -27.67
C THR F 493 6.76 36.32 -29.10
N LEU F 494 6.41 35.06 -29.27
CA LEU F 494 6.35 34.49 -30.62
C LEU F 494 5.22 35.10 -31.44
N ILE F 495 4.03 35.21 -30.84
CA ILE F 495 2.83 35.71 -31.51
C ILE F 495 2.34 36.90 -30.69
N GLU F 496 2.35 38.08 -31.30
CA GLU F 496 2.01 39.32 -30.59
C GLU F 496 0.63 39.87 -30.98
N ASP F 497 -0.26 39.02 -31.48
CA ASP F 497 -1.59 39.48 -31.88
C ASP F 497 -2.57 38.32 -31.80
N GLY F 498 -3.85 38.66 -31.63
CA GLY F 498 -4.92 37.68 -31.73
C GLY F 498 -5.03 36.72 -30.57
N LYS F 499 -5.45 37.23 -29.40
CA LYS F 499 -5.59 36.54 -28.12
C LYS F 499 -4.25 36.32 -27.43
N TYR F 500 -3.12 36.65 -28.06
CA TYR F 500 -1.79 36.49 -27.47
C TYR F 500 -1.02 37.82 -27.52
N ASN F 501 -1.74 38.94 -27.44
CA ASN F 501 -1.13 40.26 -27.39
C ASN F 501 -0.92 40.76 -25.97
N SER F 502 -1.32 39.99 -24.96
CA SER F 502 -1.12 40.35 -23.57
C SER F 502 -0.78 39.09 -22.79
N LEU F 503 -0.12 39.30 -21.65
CA LEU F 503 0.32 38.19 -20.82
C LEU F 503 -0.84 37.56 -20.05
N TYR F 504 -1.78 38.38 -19.61
CA TYR F 504 -2.94 37.89 -18.87
C TYR F 504 -3.81 36.99 -19.74
N SER F 505 -4.12 37.45 -20.95
CA SER F 505 -4.92 36.64 -21.87
C SER F 505 -4.22 35.34 -22.22
N THR F 506 -2.91 35.39 -22.49
CA THR F 506 -2.18 34.17 -22.83
C THR F 506 -2.14 33.20 -21.65
N CYS F 507 -1.98 33.72 -20.44
CA CYS F 507 -2.01 32.86 -19.26
C CYS F 507 -3.35 32.17 -19.11
N LEU F 508 -4.45 32.89 -19.32
CA LEU F 508 -5.76 32.25 -19.26
C LEU F 508 -5.93 31.19 -20.34
N GLU F 509 -5.48 31.50 -21.56
CA GLU F 509 -5.63 30.56 -22.67
C GLU F 509 -4.84 29.28 -22.43
N LEU F 510 -3.64 29.40 -21.86
CA LEU F 510 -2.85 28.21 -21.56
C LEU F 510 -3.41 27.47 -20.35
N PHE F 511 -3.95 28.19 -19.36
CA PHE F 511 -4.56 27.54 -18.20
C PHE F 511 -5.75 26.69 -18.62
N LYS F 512 -6.51 27.12 -19.63
CA LYS F 512 -7.66 26.33 -20.09
C LYS F 512 -7.28 24.92 -20.49
N PHE F 513 -6.05 24.70 -20.96
CA PHE F 513 -5.63 23.35 -21.33
C PHE F 513 -5.60 22.41 -20.13
N THR F 514 -5.21 22.91 -18.96
CA THR F 514 -5.07 22.06 -17.79
C THR F 514 -6.40 21.45 -17.37
N ILE F 515 -7.52 22.11 -17.67
CA ILE F 515 -8.85 21.64 -17.28
C ILE F 515 -9.61 21.07 -18.48
N GLY F 516 -8.92 20.75 -19.57
CA GLY F 516 -9.58 20.12 -20.70
C GLY F 516 -10.54 21.01 -21.46
N MET F 517 -10.21 22.28 -21.65
CA MET F 517 -11.03 23.23 -22.40
C MET F 517 -10.16 24.02 -23.36
N GLY F 518 -9.12 23.39 -23.92
CA GLY F 518 -8.14 24.09 -24.71
C GLY F 518 -8.67 24.49 -26.07
N ASP F 519 -7.73 24.93 -26.92
CA ASP F 519 -8.05 25.35 -28.28
C ASP F 519 -6.83 25.03 -29.14
N LEU F 520 -6.94 23.96 -29.94
CA LEU F 520 -5.88 23.54 -30.85
C LEU F 520 -6.39 23.50 -32.29
N GLU F 521 -7.26 24.44 -32.65
CA GLU F 521 -7.82 24.46 -34.00
C GLU F 521 -6.80 25.00 -35.00
N PHE F 522 -6.04 26.03 -34.63
CA PHE F 522 -5.04 26.64 -35.49
C PHE F 522 -5.66 27.12 -36.80
N THR F 523 -6.70 27.94 -36.68
CA THR F 523 -7.42 28.47 -37.83
C THR F 523 -6.93 29.85 -38.26
N GLU F 524 -6.00 30.46 -37.52
CA GLU F 524 -5.55 31.81 -37.81
C GLU F 524 -4.39 31.77 -38.81
N ASN F 525 -3.87 32.95 -39.15
CA ASN F 525 -2.86 33.14 -40.18
C ASN F 525 -1.60 33.76 -39.56
N TYR F 526 -1.17 33.22 -38.43
CA TYR F 526 0.01 33.76 -37.76
C TYR F 526 1.25 33.56 -38.63
N ASP F 527 2.19 34.49 -38.52
CA ASP F 527 3.44 34.41 -39.27
C ASP F 527 4.40 33.38 -38.70
N PHE F 528 4.26 33.01 -37.42
CA PHE F 528 5.09 31.99 -36.79
C PHE F 528 4.28 30.74 -36.46
N LYS F 529 3.32 30.38 -37.33
CA LYS F 529 2.64 29.10 -37.23
C LYS F 529 3.63 27.97 -37.50
N ALA F 530 3.33 26.80 -36.94
CA ALA F 530 4.13 25.58 -37.02
C ALA F 530 5.36 25.60 -36.12
N VAL F 531 5.64 26.75 -35.49
CA VAL F 531 6.49 26.80 -34.30
C VAL F 531 5.62 26.89 -33.05
N PHE F 532 4.47 27.54 -33.18
CA PHE F 532 3.47 27.61 -32.12
C PHE F 532 2.97 26.23 -31.73
N ILE F 533 2.78 25.36 -32.72
CA ILE F 533 2.26 24.01 -32.46
C ILE F 533 3.24 23.23 -31.59
N ILE F 534 4.53 23.36 -31.86
CA ILE F 534 5.54 22.63 -31.10
C ILE F 534 5.53 23.07 -29.64
N LEU F 535 5.45 24.39 -29.43
CA LEU F 535 5.39 24.91 -28.06
C LEU F 535 4.16 24.42 -27.32
N LEU F 536 2.99 24.44 -27.98
CA LEU F 536 1.79 23.99 -27.30
C LEU F 536 1.83 22.51 -26.97
N LEU F 537 2.33 21.67 -27.88
CA LEU F 537 2.43 20.24 -27.59
C LEU F 537 3.39 19.99 -26.44
N ALA F 538 4.53 20.67 -26.42
CA ALA F 538 5.48 20.49 -25.32
C ALA F 538 4.88 20.94 -24.00
N TYR F 539 4.16 22.07 -24.00
CA TYR F 539 3.52 22.53 -22.77
C TYR F 539 2.51 21.51 -22.26
N VAL F 540 1.68 20.97 -23.15
CA VAL F 540 0.66 20.00 -22.73
C VAL F 540 1.31 18.77 -22.14
N ILE F 541 2.35 18.26 -22.78
CA ILE F 541 3.00 17.04 -22.29
C ILE F 541 3.64 17.28 -20.94
N LEU F 542 4.35 18.40 -20.77
CA LEU F 542 4.97 18.68 -19.47
C LEU F 542 3.94 18.89 -18.38
N THR F 543 2.83 19.56 -18.69
CA THR F 543 1.79 19.79 -17.69
C THR F 543 1.19 18.47 -17.22
N TYR F 544 0.94 17.54 -18.15
CA TYR F 544 0.38 16.27 -17.74
C TYR F 544 1.41 15.41 -17.01
N ILE F 545 2.70 15.57 -17.31
CA ILE F 545 3.73 14.93 -16.51
C ILE F 545 3.67 15.43 -15.07
N LEU F 546 3.54 16.75 -14.90
CA LEU F 546 3.47 17.31 -13.55
C LEU F 546 2.24 16.80 -12.80
N LEU F 547 1.09 16.75 -13.48
CA LEU F 547 -0.12 16.27 -12.83
C LEU F 547 0.01 14.82 -12.41
N LEU F 548 0.56 13.97 -13.29
CA LEU F 548 0.75 12.57 -12.95
C LEU F 548 1.69 12.43 -11.76
N ASN F 549 2.79 13.20 -11.75
CA ASN F 549 3.74 13.13 -10.65
C ASN F 549 3.08 13.53 -9.34
N MET F 550 2.26 14.58 -9.36
CA MET F 550 1.54 14.98 -8.15
C MET F 550 0.66 13.83 -7.66
N LEU F 551 -0.17 13.30 -8.54
CA LEU F 551 -1.14 12.29 -8.12
C LEU F 551 -0.45 11.06 -7.54
N ILE F 552 0.63 10.62 -8.19
CA ILE F 552 1.37 9.46 -7.66
C ILE F 552 2.02 9.80 -6.32
N ALA F 553 2.66 10.97 -6.23
CA ALA F 553 3.37 11.33 -5.01
C ALA F 553 2.43 11.42 -3.82
N LEU F 554 1.19 11.83 -4.04
CA LEU F 554 0.27 12.01 -2.92
C LEU F 554 -0.25 10.70 -2.35
N MET F 555 0.01 9.56 -3.00
CA MET F 555 -0.37 8.27 -2.45
C MET F 555 0.63 7.74 -1.43
N GLY F 556 1.78 8.39 -1.26
CA GLY F 556 2.70 7.99 -0.21
C GLY F 556 2.21 8.31 1.19
N GLU F 557 1.15 9.10 1.33
CA GLU F 557 0.54 9.41 2.60
C GLU F 557 -0.55 8.44 3.01
N THR F 558 -0.89 7.47 2.15
CA THR F 558 -1.94 6.49 2.39
C THR F 558 -1.36 5.15 2.87
N VAL F 559 -0.35 5.22 3.73
CA VAL F 559 0.33 4.06 4.28
C VAL F 559 -0.02 3.99 5.76
N ASN F 560 -1.26 4.38 6.10
CA ASN F 560 -1.71 4.53 7.48
C ASN F 560 -0.93 5.65 8.17
N LYS F 561 -0.63 6.71 7.42
CA LYS F 561 0.04 7.88 7.95
C LYS F 561 -0.97 8.98 8.22
N ILE F 562 -1.71 9.38 7.18
CA ILE F 562 -2.62 10.51 7.31
C ILE F 562 -3.83 10.15 8.16
N ALA F 563 -4.29 8.90 8.08
CA ALA F 563 -5.48 8.52 8.85
C ALA F 563 -5.23 8.61 10.35
N GLN F 564 -4.09 8.11 10.82
CA GLN F 564 -3.78 8.16 12.24
C GLN F 564 -3.60 9.60 12.71
N GLU F 565 -2.94 10.42 11.91
CA GLU F 565 -2.76 11.83 12.25
C GLU F 565 -4.10 12.54 12.33
N SER F 566 -4.97 12.31 11.33
CA SER F 566 -6.26 12.99 11.28
C SER F 566 -7.15 12.60 12.46
N LYS F 567 -7.12 11.30 12.82
CA LYS F 567 -7.95 10.82 13.92
C LYS F 567 -7.67 11.58 15.22
N ASN F 568 -6.42 11.97 15.44
CA ASN F 568 -6.03 12.69 16.65
C ASN F 568 -6.12 14.19 16.49
N ILE F 569 -5.90 14.72 15.29
CA ILE F 569 -6.04 16.16 15.09
C ILE F 569 -7.49 16.58 15.24
N TRP F 570 -8.44 15.75 14.77
CA TRP F 570 -9.85 16.05 15.00
C TRP F 570 -10.17 16.09 16.50
N LYS F 571 -9.60 15.16 17.26
CA LYS F 571 -9.84 15.14 18.70
C LYS F 571 -9.27 16.38 19.37
N LEU F 572 -8.11 16.84 18.93
CA LEU F 572 -7.55 18.08 19.46
C LEU F 572 -8.45 19.27 19.14
N GLN F 573 -8.99 19.32 17.91
CA GLN F 573 -9.91 20.39 17.56
C GLN F 573 -11.16 20.38 18.43
N ARG F 574 -11.73 19.19 18.67
CA ARG F 574 -12.91 19.11 19.51
C ARG F 574 -12.58 19.50 20.95
N ALA F 575 -11.38 19.16 21.43
CA ALA F 575 -10.97 19.57 22.77
C ALA F 575 -10.90 21.10 22.88
N ILE F 576 -10.33 21.76 21.87
CA ILE F 576 -10.27 23.22 21.89
C ILE F 576 -11.68 23.81 21.88
N THR F 577 -12.58 23.23 21.08
CA THR F 577 -13.96 23.68 21.06
C THR F 577 -14.60 23.54 22.44
N ILE F 578 -14.39 22.40 23.10
CA ILE F 578 -14.97 22.18 24.42
C ILE F 578 -14.45 23.20 25.42
N LEU F 579 -13.14 23.45 25.40
CA LEU F 579 -12.56 24.39 26.35
C LEU F 579 -13.11 25.80 26.14
N ASP F 580 -13.19 26.26 24.89
CA ASP F 580 -13.74 27.59 24.64
C ASP F 580 -15.21 27.68 25.05
N THR F 581 -15.99 26.65 24.75
CA THR F 581 -17.41 26.66 25.09
C THR F 581 -17.60 26.70 26.61
N GLU F 582 -16.80 25.93 27.35
CA GLU F 582 -16.89 25.97 28.79
C GLU F 582 -16.45 27.32 29.34
N LYS F 583 -15.42 27.93 28.73
CA LYS F 583 -14.97 29.24 29.18
C LYS F 583 -16.06 30.28 29.01
N SER F 584 -16.82 30.21 27.91
CA SER F 584 -17.92 31.15 27.73
C SER F 584 -19.17 30.70 28.50
N PHE F 585 -19.79 29.61 28.05
CA PHE F 585 -20.90 28.93 28.72
C PHE F 585 -22.25 29.65 28.62
N LEU F 586 -22.26 30.90 28.16
CA LEU F 586 -23.47 31.61 27.74
C LEU F 586 -24.56 31.68 28.81
N LYS F 587 -24.21 31.47 30.10
CA LYS F 587 -25.22 31.47 31.17
C LYS F 587 -24.73 32.13 32.45
N CYS F 588 -23.56 32.77 32.45
CA CYS F 588 -23.04 33.47 33.63
C CYS F 588 -22.91 32.53 34.84
N MET F 589 -22.52 31.29 34.58
CA MET F 589 -22.34 30.32 35.66
C MET F 589 -21.35 29.26 35.21
N ARG F 590 -20.81 28.53 36.18
CA ARG F 590 -19.78 27.51 35.97
C ARG F 590 -20.17 26.23 36.67
N LYS F 591 -21.37 25.74 36.40
CA LYS F 591 -21.96 24.59 37.09
C LYS F 591 -21.60 23.27 36.40
N ALA F 592 -20.47 23.21 35.71
CA ALA F 592 -20.04 22.01 34.98
C ALA F 592 -19.06 21.17 35.78
N PHE F 593 -19.25 21.09 37.09
CA PHE F 593 -18.32 20.36 37.95
C PHE F 593 -18.34 18.86 37.63
N ARG F 594 -17.38 18.16 38.24
CA ARG F 594 -17.14 16.74 38.02
C ARG F 594 -17.83 15.91 39.12
N SER F 595 -17.50 14.61 39.17
CA SER F 595 -18.33 13.63 39.89
C SER F 595 -18.10 13.69 41.41
N GLY F 596 -18.47 14.80 42.01
CA GLY F 596 -18.74 14.86 43.43
C GLY F 596 -17.48 14.86 44.28
N LYS F 597 -17.63 15.41 45.49
CA LYS F 597 -16.56 15.43 46.50
C LYS F 597 -16.60 14.10 47.26
N LEU F 598 -16.05 13.07 46.63
CA LEU F 598 -16.03 11.75 47.25
C LEU F 598 -14.98 11.70 48.36
N LEU F 599 -15.31 11.00 49.44
CA LEU F 599 -14.38 10.80 50.55
C LEU F 599 -13.45 9.65 50.16
N GLN F 600 -12.27 10.00 49.65
CA GLN F 600 -11.42 9.01 49.01
C GLN F 600 -10.76 8.08 50.02
N VAL F 601 -10.11 8.66 51.03
CA VAL F 601 -9.45 7.88 52.08
C VAL F 601 -10.04 8.32 53.40
N GLY F 602 -10.05 9.63 53.64
CA GLY F 602 -10.51 10.17 54.90
C GLY F 602 -9.49 10.16 56.01
N PHE F 603 -8.25 9.70 55.73
CA PHE F 603 -7.19 9.60 56.74
C PHE F 603 -5.90 10.09 56.10
N THR F 604 -5.64 11.38 56.23
CA THR F 604 -4.38 11.98 55.84
C THR F 604 -3.36 11.73 56.94
N PRO F 605 -2.11 12.19 56.77
CA PRO F 605 -1.18 12.15 57.92
C PRO F 605 -1.75 12.85 59.15
N ASP F 606 -2.45 13.96 58.96
CA ASP F 606 -3.30 14.52 60.01
C ASP F 606 -4.62 13.75 60.06
N GLY F 607 -5.32 13.87 61.19
CA GLY F 607 -6.58 13.17 61.36
C GLY F 607 -7.71 13.62 60.45
N LYS F 608 -7.53 14.71 59.70
CA LYS F 608 -8.59 15.24 58.86
C LYS F 608 -8.86 14.29 57.68
N ASP F 609 -9.97 14.55 57.00
CA ASP F 609 -10.41 13.78 55.85
C ASP F 609 -10.21 14.57 54.56
N ASP F 610 -10.12 13.84 53.45
CA ASP F 610 -9.78 14.41 52.16
C ASP F 610 -10.89 14.16 51.14
N TYR F 611 -11.15 15.17 50.32
CA TYR F 611 -12.09 15.10 49.20
C TYR F 611 -11.40 15.67 47.96
N ARG F 612 -11.58 15.00 46.83
CA ARG F 612 -10.69 15.18 45.68
C ARG F 612 -11.37 15.45 44.34
N TRP F 613 -12.70 15.45 44.27
CA TRP F 613 -13.42 15.62 43.00
C TRP F 613 -12.99 14.56 41.99
N CYS F 614 -13.29 13.31 42.30
CA CYS F 614 -12.76 12.18 41.54
C CYS F 614 -13.63 11.91 40.30
N PHE F 615 -13.07 11.12 39.39
CA PHE F 615 -13.75 10.67 38.17
C PHE F 615 -13.79 9.14 38.17
N ARG F 616 -14.97 8.58 37.96
CA ARG F 616 -15.20 7.14 38.12
C ARG F 616 -15.10 6.44 36.77
N VAL F 617 -14.37 5.32 36.74
CA VAL F 617 -14.22 4.50 35.54
C VAL F 617 -14.36 3.03 35.95
N ASP F 618 -15.19 2.29 35.24
CA ASP F 618 -15.41 0.87 35.52
C ASP F 618 -14.61 0.02 34.56
N GLU F 619 -14.04 -1.08 35.08
CA GLU F 619 -13.18 -1.96 34.31
C GLU F 619 -13.54 -3.41 34.59
N VAL F 620 -13.25 -4.27 33.61
CA VAL F 620 -13.52 -5.71 33.69
C VAL F 620 -12.28 -6.45 33.25
N ASN F 621 -11.87 -7.46 34.03
CA ASN F 621 -10.71 -8.29 33.73
C ASN F 621 -11.00 -9.72 34.10
N TRP F 622 -10.50 -10.66 33.29
CA TRP F 622 -10.73 -12.09 33.48
C TRP F 622 -9.46 -12.85 33.84
N THR F 623 -8.31 -12.18 33.91
CA THR F 623 -7.04 -12.83 34.25
C THR F 623 -6.78 -12.87 35.76
N THR F 624 -7.61 -12.21 36.57
CA THR F 624 -7.37 -12.07 38.01
C THR F 624 -6.10 -11.28 38.26
C10 XJ7 G . 15.10 15.21 -20.18
O11 XJ7 G . 20.04 12.47 -12.66
C16 XJ7 G . 13.35 20.26 -17.70
C17 XJ7 G . 12.32 19.35 -18.37
C19 XJ7 G . 12.56 20.68 -20.53
C20 XJ7 G . 12.10 20.71 -21.97
C21 XJ7 G . 11.76 22.13 -22.43
C23 XJ7 G . 11.23 23.63 -24.40
C25 XJ7 G . 20.63 11.25 -10.70
C1 XJ7 G . 22.23 12.38 -9.06
C XJ7 G . 21.66 11.05 -9.59
O XJ7 G . 22.73 10.26 -10.09
C11 XJ7 G . 17.80 19.22 -13.59
C12 XJ7 G . 17.04 20.27 -14.39
C13 XJ7 G . 15.56 19.96 -14.52
C14 XJ7 G . 14.88 20.62 -15.73
C15 XJ7 G . 13.71 19.81 -16.29
C18 XJ7 G . 12.49 19.29 -19.88
C2 XJ7 G . 22.73 13.26 -10.21
C22 XJ7 G . 11.38 22.20 -23.90
C24 XJ7 G . 21.10 12.21 -11.80
C3 XJ7 G . 21.58 13.54 -11.19
C4 XJ7 G . 18.75 16.42 -12.42
C5 XJ7 G . 17.74 16.87 -13.48
C6 XJ7 G . 17.45 15.77 -14.49
C7 XJ7 G . 16.04 15.75 -16.43
C8 XJ7 G . 16.20 15.68 -17.95
C9 XJ7 G . 14.91 15.26 -18.67
O1 XJ7 G . 23.30 12.12 -8.19
O10 XJ7 G . 18.03 19.42 -12.44
O12 XJ7 G . 20.34 10.01 -11.31
O2 XJ7 G . 23.21 14.48 -9.70
O3 XJ7 G . 21.99 14.43 -12.20
O4 XJ7 G . 21.18 16.45 -10.86
O5 XJ7 G . 22.26 16.85 -13.03
O6 XJ7 G . 19.88 15.87 -13.04
O7 XJ7 G . 17.01 16.41 -15.66
O8 XJ7 G . 15.08 15.26 -15.92
O9 XJ7 G . 18.21 18.01 -14.15
P XJ7 G . 21.33 15.93 -12.27
NA NA H . -13.40 18.02 -22.18
N 65I I . -37.23 31.39 -10.72
C 65I I . -31.82 19.50 -4.49
O 65I I . -34.41 21.82 -7.51
C1 65I I . -33.22 19.55 -3.87
C10 65I I . -38.50 30.97 -10.14
C11 65I I . -33.25 25.72 -7.18
C12 65I I . -31.91 25.00 -7.11
C13 65I I . -31.77 23.93 -8.18
C14 65I I . -30.50 23.09 -8.03
C15 65I I . -30.42 21.99 -9.09
C16 65I I . -29.17 22.11 -9.95
C17 65I I . -29.09 21.01 -11.01
C18 65I I . -27.72 20.36 -11.16
C19 65I I . -27.22 19.66 -9.89
C2 65I I . -34.14 20.53 -4.60
C20 65I I . -26.29 18.49 -10.21
C21 65I I . -25.62 17.90 -8.98
C3 65I I . -35.03 19.86 -5.65
C4 65I I . -36.09 20.81 -6.19
C5 65I I . -35.51 21.92 -7.07
C6 65I I . -35.99 24.19 -6.61
C7 65I I . -35.61 25.37 -7.51
C8 65I I . -36.56 25.48 -8.72
C9 65I I . -38.94 29.62 -10.72
O1 65I I . -36.27 23.04 -7.37
O2 65I I . -37.12 26.75 -8.69
O3 65I I . -36.38 28.06 -10.80
O4 65I I . -38.22 26.42 -10.99
O5 65I I . -38.69 28.64 -9.77
O6 65I I . -34.29 25.19 -7.97
O7 65I I . -33.39 26.72 -6.55
P 65I I . -37.59 27.46 -10.10
N 65I J . 4.15 17.28 -48.17
C 65I J . 7.47 12.84 -34.33
O 65I J . 6.50 15.48 -38.64
C1 65I J . 8.71 12.86 -35.21
C10 65I J . 3.49 16.51 -47.15
C11 65I J . 4.11 12.74 -39.86
C12 65I J . 3.76 12.44 -38.41
C13 65I J . 3.69 13.73 -37.59
C14 65I J . 3.46 13.47 -36.11
C15 65I J . 2.47 14.46 -35.50
C16 65I J . 2.27 14.15 -34.02
C17 65I J . 1.41 15.17 -33.29
C18 65I J . 0.93 14.66 -31.92
C19 65I J . 2.02 13.97 -31.10
C2 65I J . 8.37 13.13 -36.69
C20 65I J . 1.66 13.77 -29.65
C21 65I J . 2.86 13.36 -28.80
C3 65I J . 8.71 14.55 -37.15
C4 65I J . 8.73 14.69 -38.67
C5 65I J . 7.41 15.13 -39.31
C6 65I J . 6.64 13.96 -41.20
C7 65I J . 5.15 14.26 -41.40
C8 65I J . 4.96 15.73 -41.81
C9 65I J . 3.47 17.26 -45.83
O1 65I J . 7.27 15.10 -40.70
O2 65I J . 5.83 16.03 -42.86
O3 65I J . 4.81 18.36 -43.25
O4 65I J . 6.46 17.50 -44.89
O5 65I J . 4.08 16.47 -44.85
O6 65I J . 4.44 14.06 -40.21
O7 65I J . 4.08 11.86 -40.66
P 65I J . 5.33 17.13 -43.97
N 65I K . -1.37 46.04 -20.76
C 65I K . -0.08 37.02 -9.50
O 65I K . -2.50 39.44 -12.72
C1 65I K . -0.23 38.46 -9.02
C10 65I K . -1.00 46.07 -19.36
C11 65I K . 0.11 38.81 -15.52
C12 65I K . -0.16 37.36 -15.12
C13 65I K . -1.65 37.05 -14.97
C14 65I K . -1.89 35.67 -14.35
C15 65I K . -3.11 34.96 -14.95
C16 65I K . -3.27 33.56 -14.38
C17 65I K . -4.61 32.92 -14.75
C18 65I K . -4.71 31.45 -14.36
C19 65I K . -4.28 31.17 -12.92
C2 65I K . -0.60 39.41 -10.16
C20 65I K . -4.83 29.85 -12.37
C21 65I K . -3.73 28.97 -11.77
C3 65I K . -2.01 39.97 -10.08
C4 65I K . -2.25 41.11 -11.08
C5 65I K . -2.32 40.59 -12.52
C6 65I K . -0.82 41.82 -13.83
C7 65I K . -0.34 41.15 -15.11
C8 65I K . -0.85 41.90 -16.34
C9 65I K . -2.21 45.73 -18.49
O1 65I K . -2.15 41.47 -13.59
O2 65I K . -2.02 42.59 -16.04
O3 65I K . -3.39 44.77 -15.85
O4 65I K . -0.93 44.91 -15.74
O5 65I K . -2.06 44.42 -18.01
O6 65I K . -0.81 39.82 -15.15
O7 65I K . 1.09 39.04 -16.14
P 65I K . -2.10 44.20 -16.38
C10 XJ7 L . -7.87 -10.28 -27.33
O11 XJ7 L . -1.76 -14.99 -21.87
C16 XJ7 L . -3.69 -6.24 -29.29
C17 XJ7 L . -4.69 -5.35 -28.54
C19 XJ7 L . -6.19 -5.47 -30.58
C20 XJ7 L . -7.52 -4.99 -31.16
C21 XJ7 L . -7.29 -4.22 -32.46
C23 XJ7 L . -8.31 -3.04 -34.44
C25 XJ7 L . -0.34 -16.37 -20.53
C1 XJ7 L . 1.79 -17.31 -21.63
C XJ7 L . 0.75 -17.46 -20.52
O XJ7 L . 0.12 -18.72 -20.65
C11 XJ7 L . 0.20 -10.43 -27.54
C12 XJ7 L . 0.01 -9.53 -28.75
C13 XJ7 L . -0.46 -8.14 -28.33
C14 XJ7 L . -1.53 -7.54 -29.22
C15 XJ7 L . -2.42 -6.53 -28.49
C18 XJ7 L . -6.12 -5.50 -29.05
C2 XJ7 L . 1.13 -17.09 -23.01
C22 XJ7 L . -8.58 -3.85 -33.18
C24 XJ7 L . -0.93 -16.13 -21.92
C3 XJ7 L . 0.17 -15.91 -22.98
C4 XJ7 L . -0.51 -11.98 -24.83
C5 XJ7 L . -1.23 -10.97 -25.73
C6 XJ7 L . -2.74 -11.09 -25.61
C7 XJ7 L . -4.70 -9.97 -25.12
C8 XJ7 L . -5.56 -9.95 -26.38
C9 XJ7 L . -7.05 -9.94 -26.09
O1 XJ7 L . 2.57 -18.48 -21.70
O10 XJ7 L . 1.25 -10.47 -26.98
O12 XJ7 L . -1.37 -16.74 -19.66
O2 XJ7 L . 2.15 -16.85 -23.96
O3 XJ7 L . -0.42 -15.77 -24.26
O4 XJ7 L . 1.48 -14.14 -24.82
O5 XJ7 L . 0.14 -15.06 -26.66
O6 XJ7 L . -0.96 -13.28 -25.14
O7 XJ7 L . -3.31 -9.88 -25.22
O8 XJ7 L . -5.20 -10.09 -24.05
O9 XJ7 L . -0.87 -11.20 -27.07
P XJ7 L . 0.09 -14.55 -25.24
N 65I M . -33.85 0.91 -38.22
C 65I M . -24.15 -4.95 -29.96
O 65I M . -24.45 -3.04 -34.10
C1 65I M . -23.35 -5.98 -30.74
C10 65I M . -32.98 -0.23 -38.04
C11 65I M . -28.20 -0.97 -30.80
C12 65I M . -26.98 -0.76 -29.91
C13 65I M . -25.76 -0.30 -30.70
C14 65I M . -24.53 -0.15 -29.81
C15 65I M . -23.83 1.20 -29.98
C16 65I M . -22.89 1.49 -28.82
C17 65I M . -21.89 2.59 -29.14
C18 65I M . -21.32 3.29 -27.91
C19 65I M . -20.74 2.37 -26.83
C2 65I M . -24.15 -6.61 -31.89
C20 65I M . -19.43 1.71 -27.22
C21 65I M . -18.98 0.70 -26.16
C3 65I M . -24.31 -5.69 -33.11
C4 65I M . -25.60 -4.86 -33.12
C5 65I M . -25.42 -3.40 -33.50
C6 65I M . -27.61 -2.54 -33.84
C7 65I M . -28.67 -1.89 -32.95
C8 65I M . -29.79 -1.28 -33.78
C9 65I M . -31.55 0.23 -37.77
O1 65I M . -26.39 -2.45 -33.17
O2 65I M . -29.99 -2.07 -34.93
O3 65I M . -28.64 -0.55 -36.51
O4 65I M . -30.03 -2.33 -37.50
O5 65I M . -31.19 -0.25 -36.51
O6 65I M . -28.06 -0.87 -32.19
O7 65I M . -29.25 -1.22 -30.32
P 65I M . -29.94 -1.31 -36.39
C10 XJ7 N . -27.95 3.40 -2.76
O11 XJ7 N . -26.72 -3.90 1.97
C16 XJ7 N . -29.02 0.84 -8.23
C17 XJ7 N . -28.37 2.20 -8.06
C19 XJ7 N . -30.49 3.27 -8.96
C20 XJ7 N . -31.12 4.62 -9.28
C21 XJ7 N . -31.85 4.60 -10.62
C23 XJ7 N . -33.37 5.87 -12.19
C25 XJ7 N . -25.46 -5.42 3.32
C1 XJ7 N . -26.06 -7.91 3.15
C XJ7 N . -25.42 -6.80 4.01
O XJ7 N . -26.10 -6.72 5.23
C11 XJ7 N . -29.01 -4.40 -5.09
C12 XJ7 N . -29.44 -3.68 -6.37
C13 XJ7 N . -28.36 -2.73 -6.90
C14 XJ7 N . -28.91 -1.64 -7.82
C15 XJ7 N . -28.17 -0.32 -7.72
C18 XJ7 N . -29.40 3.32 -7.90
C2 XJ7 N . -27.45 -7.50 2.66
C22 XJ7 N . -32.47 5.95 -10.97
C24 XJ7 N . -26.83 -5.09 2.74
C3 XJ7 N . -27.36 -6.20 1.84
C4 XJ7 N . -27.64 -5.04 -2.32
C5 XJ7 N . -27.66 -3.83 -3.25
C6 XJ7 N . -27.34 -2.58 -2.43
C7 XJ7 N . -27.93 -0.46 -3.25
C8 XJ7 N . -27.40 0.94 -3.03
C9 XJ7 N . -28.51 1.99 -2.93
O1 XJ7 N . -26.17 -9.08 3.91
O10 XJ7 N . -28.77 -5.55 -5.12
O12 XJ7 N . -25.12 -4.44 4.28
O2 XJ7 N . -27.99 -8.53 1.88
O3 XJ7 N . -28.62 -5.85 1.33
O4 XJ7 N . -28.29 -7.31 -0.77
O5 XJ7 N . -30.42 -6.10 -0.49
O6 XJ7 N . -28.31 -4.76 -1.13
O7 XJ7 N . -27.03 -1.54 -3.30
O8 XJ7 N . -29.10 -0.63 -3.37
O9 XJ7 N . -28.90 -3.70 -3.89
P XJ7 N . -28.92 -6.03 -0.28
C10 XJ7 O . -6.36 28.00 3.07
O11 XJ7 O . -5.22 23.88 11.26
C16 XJ7 O . -11.99 27.00 2.74
C17 XJ7 O . -10.80 27.09 1.79
C19 XJ7 O . -11.80 29.06 0.54
C20 XJ7 O . -11.52 30.36 -0.21
C21 XJ7 O . -12.79 30.91 -0.87
C23 XJ7 O . -13.89 32.83 -2.06
C25 XJ7 O . -4.50 22.34 12.92
C1 XJ7 O . -5.90 22.17 15.06
C XJ7 O . -4.52 21.95 14.41
O XJ7 O . -3.58 22.76 15.08
C11 XJ7 O . -11.66 25.69 8.70
C12 XJ7 O . -12.51 26.34 7.61
C13 XJ7 O . -12.51 25.53 6.31
C14 XJ7 O . -12.79 26.34 5.05
C15 XJ7 O . -11.77 26.08 3.94
C18 XJ7 O . -10.59 28.52 1.28
C2 XJ7 O . -6.43 23.57 14.78
C22 XJ7 O . -12.58 32.24 -1.57
C24 XJ7 O . -5.11 23.70 12.64
C3 XJ7 O . -6.51 23.83 13.27
C4 XJ7 O . -9.31 24.15 10.14
C5 XJ7 O . -9.55 24.65 8.72
C6 XJ7 O . -8.20 24.88 8.06
C7 XJ7 O . -7.32 25.66 6.03
C8 XJ7 O . -7.51 26.54 4.80
C9 XJ7 O . -6.18 26.98 4.19
O1 XJ7 O . -5.80 21.96 16.45
O10 XJ7 O . -12.20 25.04 9.53
O12 XJ7 O . -3.16 22.35 12.47
O2 XJ7 O . -7.71 23.72 15.35
O3 XJ7 O . -7.04 25.12 13.05
O4 XJ7 O . -9.42 24.17 13.00
O5 XJ7 O . -9.11 26.60 12.69
O6 XJ7 O . -8.42 25.01 10.77
O7 XJ7 O . -8.45 25.19 6.72
O8 XJ7 O . -6.23 25.36 6.39
O9 XJ7 O . -10.28 25.85 8.73
P XJ7 O . -8.54 25.24 12.39
#